data_8Z37
# 
_entry.id   8Z37 
# 
_audit_conform.dict_name       mmcif_pdbx.dic 
_audit_conform.dict_version    5.406 
_audit_conform.dict_location   http://mmcif.pdb.org/dictionaries/ascii/mmcif_pdbx.dic 
# 
loop_
_database_2.database_id 
_database_2.database_code 
_database_2.pdbx_database_accession 
_database_2.pdbx_DOI 
PDB   8Z37         pdb_00008z37 10.2210/pdb8z37/pdb 
WWPDB D_1300046937 ?            ?                   
# 
loop_
_pdbx_audit_revision_history.ordinal 
_pdbx_audit_revision_history.data_content_type 
_pdbx_audit_revision_history.major_revision 
_pdbx_audit_revision_history.minor_revision 
_pdbx_audit_revision_history.revision_date 
_pdbx_audit_revision_history.part_number 
1 'Structure model' 1 0 2025-04-16 ? 
2 'Structure model' 1 1 2025-10-22 ? 
# 
_pdbx_audit_revision_details.ordinal             1 
_pdbx_audit_revision_details.revision_ordinal    1 
_pdbx_audit_revision_details.data_content_type   'Structure model' 
_pdbx_audit_revision_details.provider            repository 
_pdbx_audit_revision_details.type                'Initial release' 
_pdbx_audit_revision_details.description         ? 
_pdbx_audit_revision_details.details             ? 
# 
_pdbx_audit_revision_group.ordinal             1 
_pdbx_audit_revision_group.revision_ordinal    2 
_pdbx_audit_revision_group.data_content_type   'Structure model' 
_pdbx_audit_revision_group.group               'Database references' 
# 
loop_
_pdbx_audit_revision_category.ordinal 
_pdbx_audit_revision_category.revision_ordinal 
_pdbx_audit_revision_category.data_content_type 
_pdbx_audit_revision_category.category 
1 2 'Structure model' citation        
2 2 'Structure model' citation_author 
# 
loop_
_pdbx_audit_revision_item.ordinal 
_pdbx_audit_revision_item.revision_ordinal 
_pdbx_audit_revision_item.data_content_type 
_pdbx_audit_revision_item.item 
1  2 'Structure model' '_citation.journal_abbrev'          
2  2 'Structure model' '_citation.journal_id_CSD'          
3  2 'Structure model' '_citation.journal_id_ISSN'         
4  2 'Structure model' '_citation.journal_volume'          
5  2 'Structure model' '_citation.page_first'              
6  2 'Structure model' '_citation.page_last'               
7  2 'Structure model' '_citation.pdbx_database_id_DOI'    
8  2 'Structure model' '_citation.pdbx_database_id_PubMed' 
9  2 'Structure model' '_citation.title'                   
10 2 'Structure model' '_citation.year'                    
# 
_pdbx_database_status.status_code                     REL 
_pdbx_database_status.status_code_sf                  REL 
_pdbx_database_status.status_code_mr                  ? 
_pdbx_database_status.entry_id                        8Z37 
_pdbx_database_status.recvd_initial_deposition_date   2024-04-14 
_pdbx_database_status.SG_entry                        N 
_pdbx_database_status.deposit_site                    PDBJ 
_pdbx_database_status.process_site                    PDBC 
_pdbx_database_status.status_code_cs                  ? 
_pdbx_database_status.status_code_nmr_data            ? 
_pdbx_database_status.methods_development_category    ? 
_pdbx_database_status.pdb_format_compatible           Y 
# 
_pdbx_contact_author.id                 2 
_pdbx_contact_author.email              lixinjian@ibp.ac.cn 
_pdbx_contact_author.name_first         Xinjian 
_pdbx_contact_author.name_last          Li 
_pdbx_contact_author.name_mi            ? 
_pdbx_contact_author.role               'principal investigator/group leader' 
_pdbx_contact_author.identifier_ORCID   0000-0001-7480-7622 
# 
loop_
_audit_author.name 
_audit_author.pdbx_ordinal 
_audit_author.identifier_ORCID 
'Sun, P.K.' 1 ?                   
'Li, X.J.'  2 0000-0003-2478-9109 
# 
_citation.abstract                  ? 
_citation.abstract_id_CAS           ? 
_citation.book_id_ISBN              ? 
_citation.book_publisher            ? 
_citation.book_publisher_city       ? 
_citation.book_title                ? 
_citation.coordinate_linkage        ? 
_citation.country                   ? 
_citation.database_id_Medline       ? 
_citation.details                   ? 
_citation.id                        primary 
_citation.journal_abbrev            'Cell Rep Methods' 
_citation.journal_id_ASTM           ? 
_citation.journal_id_CSD            ? 
_citation.journal_id_ISSN           2667-2375 
_citation.journal_full              ? 
_citation.journal_issue             ? 
_citation.journal_volume            5 
_citation.language                  ? 
_citation.page_first                101106 
_citation.page_last                 101106 
_citation.title                     
'A fluorescent STING ligand sensor for high-throughput screening of compounds that can enhance tumor immunotherapy.' 
_citation.year                      2025 
_citation.database_id_CSD           ? 
_citation.pdbx_database_id_DOI      10.1016/j.crmeth.2025.101106 
_citation.pdbx_database_id_PubMed   40669456 
_citation.pdbx_database_id_patent   ? 
_citation.unpublished_flag          ? 
# 
loop_
_citation_author.citation_id 
_citation_author.name 
_citation_author.ordinal 
_citation_author.identifier_ORCID 
primary 'Sun, P.'    1 ? 
primary 'Wang, B.'   2 ? 
primary 'Liu, C.'    3 ? 
primary 'Wang, Z.'   4 ? 
primary 'Liu, Y.'    5 ? 
primary 'Qiao, Y.B.' 6 ? 
primary 'Li, X.'     7 ? 
# 
loop_
_entity.id 
_entity.type 
_entity.src_method 
_entity.pdbx_description 
_entity.formula_weight 
_entity.pdbx_number_of_molecules 
_entity.pdbx_ec 
_entity.pdbx_mutation 
_entity.pdbx_fragment 
_entity.details 
1 polymer     man 'Stimulator of interferon genes protein'                22012.697 1  ? ? ? ? 
2 non-polymer syn 'CHLORIDE ION'                                          35.453    1  ? ? ? ? 
3 non-polymer syn 'CALCIUM ION'                                           40.078    1  ? ? ? ? 
4 non-polymer nat "(1P)-3',5-di(prop-2-en-1-yl)[1,1'-biphenyl]-2,4'-diol" 266.334   1  ? ? ? ? 
5 water       nat water                                                   18.015    30 ? ? ? ? 
# 
_entity_name_com.entity_id   1 
_entity_name_com.name        
'hSTING,Endoplasmic reticulum interferon stimulator,ERIS,Mediator of IRF3 activation,hMITA,Transmembrane protein 173' 
# 
_entity_poly.entity_id                      1 
_entity_poly.type                           'polypeptide(L)' 
_entity_poly.nstd_linkage                   no 
_entity_poly.nstd_monomer                   no 
_entity_poly.pdbx_seq_one_letter_code       
;NFNVAHGLAWSYYIGYLRLILPELQARIRTYNQHYNNLLRGAVSQRLYILLPLDCGVPDNLSMADPNIRFLDKLPQQTGD
HAGIKDRVYSNSIYELLENGQRAGTCVLEYATPLQTLFAMSQYSQAGFSREDRLEQAKLFCRTLEDILADAPESQNNCRL
IAYQEPADDSSFSLSQEVLRHLRQEEKEEVTV
;
_entity_poly.pdbx_seq_one_letter_code_can   
;NFNVAHGLAWSYYIGYLRLILPELQARIRTYNQHYNNLLRGAVSQRLYILLPLDCGVPDNLSMADPNIRFLDKLPQQTGD
HAGIKDRVYSNSIYELLENGQRAGTCVLEYATPLQTLFAMSQYSQAGFSREDRLEQAKLFCRTLEDILADAPESQNNCRL
IAYQEPADDSSFSLSQEVLRHLRQEEKEEVTV
;
_entity_poly.pdbx_strand_id                 A 
_entity_poly.pdbx_target_identifier         ? 
# 
loop_
_pdbx_entity_nonpoly.entity_id 
_pdbx_entity_nonpoly.name 
_pdbx_entity_nonpoly.comp_id 
2 'CHLORIDE ION'                                          CL  
3 'CALCIUM ION'                                           CA  
4 "(1P)-3',5-di(prop-2-en-1-yl)[1,1'-biphenyl]-2,4'-diol" Y4T 
5 water                                                   HOH 
# 
loop_
_entity_poly_seq.entity_id 
_entity_poly_seq.num 
_entity_poly_seq.mon_id 
_entity_poly_seq.hetero 
1 1   ASN n 
1 2   PHE n 
1 3   ASN n 
1 4   VAL n 
1 5   ALA n 
1 6   HIS n 
1 7   GLY n 
1 8   LEU n 
1 9   ALA n 
1 10  TRP n 
1 11  SER n 
1 12  TYR n 
1 13  TYR n 
1 14  ILE n 
1 15  GLY n 
1 16  TYR n 
1 17  LEU n 
1 18  ARG n 
1 19  LEU n 
1 20  ILE n 
1 21  LEU n 
1 22  PRO n 
1 23  GLU n 
1 24  LEU n 
1 25  GLN n 
1 26  ALA n 
1 27  ARG n 
1 28  ILE n 
1 29  ARG n 
1 30  THR n 
1 31  TYR n 
1 32  ASN n 
1 33  GLN n 
1 34  HIS n 
1 35  TYR n 
1 36  ASN n 
1 37  ASN n 
1 38  LEU n 
1 39  LEU n 
1 40  ARG n 
1 41  GLY n 
1 42  ALA n 
1 43  VAL n 
1 44  SER n 
1 45  GLN n 
1 46  ARG n 
1 47  LEU n 
1 48  TYR n 
1 49  ILE n 
1 50  LEU n 
1 51  LEU n 
1 52  PRO n 
1 53  LEU n 
1 54  ASP n 
1 55  CYS n 
1 56  GLY n 
1 57  VAL n 
1 58  PRO n 
1 59  ASP n 
1 60  ASN n 
1 61  LEU n 
1 62  SER n 
1 63  MET n 
1 64  ALA n 
1 65  ASP n 
1 66  PRO n 
1 67  ASN n 
1 68  ILE n 
1 69  ARG n 
1 70  PHE n 
1 71  LEU n 
1 72  ASP n 
1 73  LYS n 
1 74  LEU n 
1 75  PRO n 
1 76  GLN n 
1 77  GLN n 
1 78  THR n 
1 79  GLY n 
1 80  ASP n 
1 81  HIS n 
1 82  ALA n 
1 83  GLY n 
1 84  ILE n 
1 85  LYS n 
1 86  ASP n 
1 87  ARG n 
1 88  VAL n 
1 89  TYR n 
1 90  SER n 
1 91  ASN n 
1 92  SER n 
1 93  ILE n 
1 94  TYR n 
1 95  GLU n 
1 96  LEU n 
1 97  LEU n 
1 98  GLU n 
1 99  ASN n 
1 100 GLY n 
1 101 GLN n 
1 102 ARG n 
1 103 ALA n 
1 104 GLY n 
1 105 THR n 
1 106 CYS n 
1 107 VAL n 
1 108 LEU n 
1 109 GLU n 
1 110 TYR n 
1 111 ALA n 
1 112 THR n 
1 113 PRO n 
1 114 LEU n 
1 115 GLN n 
1 116 THR n 
1 117 LEU n 
1 118 PHE n 
1 119 ALA n 
1 120 MET n 
1 121 SER n 
1 122 GLN n 
1 123 TYR n 
1 124 SER n 
1 125 GLN n 
1 126 ALA n 
1 127 GLY n 
1 128 PHE n 
1 129 SER n 
1 130 ARG n 
1 131 GLU n 
1 132 ASP n 
1 133 ARG n 
1 134 LEU n 
1 135 GLU n 
1 136 GLN n 
1 137 ALA n 
1 138 LYS n 
1 139 LEU n 
1 140 PHE n 
1 141 CYS n 
1 142 ARG n 
1 143 THR n 
1 144 LEU n 
1 145 GLU n 
1 146 ASP n 
1 147 ILE n 
1 148 LEU n 
1 149 ALA n 
1 150 ASP n 
1 151 ALA n 
1 152 PRO n 
1 153 GLU n 
1 154 SER n 
1 155 GLN n 
1 156 ASN n 
1 157 ASN n 
1 158 CYS n 
1 159 ARG n 
1 160 LEU n 
1 161 ILE n 
1 162 ALA n 
1 163 TYR n 
1 164 GLN n 
1 165 GLU n 
1 166 PRO n 
1 167 ALA n 
1 168 ASP n 
1 169 ASP n 
1 170 SER n 
1 171 SER n 
1 172 PHE n 
1 173 SER n 
1 174 LEU n 
1 175 SER n 
1 176 GLN n 
1 177 GLU n 
1 178 VAL n 
1 179 LEU n 
1 180 ARG n 
1 181 HIS n 
1 182 LEU n 
1 183 ARG n 
1 184 GLN n 
1 185 GLU n 
1 186 GLU n 
1 187 LYS n 
1 188 GLU n 
1 189 GLU n 
1 190 VAL n 
1 191 THR n 
1 192 VAL n 
# 
_entity_src_gen.entity_id                          1 
_entity_src_gen.pdbx_src_id                        1 
_entity_src_gen.pdbx_alt_source_flag               sample 
_entity_src_gen.pdbx_seq_type                      'Biological sequence' 
_entity_src_gen.pdbx_beg_seq_num                   1 
_entity_src_gen.pdbx_end_seq_num                   192 
_entity_src_gen.gene_src_common_name               human 
_entity_src_gen.gene_src_genus                     ? 
_entity_src_gen.pdbx_gene_src_gene                 'STING1, ERIS, MITA, STING, TMEM173' 
_entity_src_gen.gene_src_species                   ? 
_entity_src_gen.gene_src_strain                    ? 
_entity_src_gen.gene_src_tissue                    ? 
_entity_src_gen.gene_src_tissue_fraction           ? 
_entity_src_gen.gene_src_details                   ? 
_entity_src_gen.pdbx_gene_src_fragment             ? 
_entity_src_gen.pdbx_gene_src_scientific_name      'Homo sapiens' 
_entity_src_gen.pdbx_gene_src_ncbi_taxonomy_id     9606 
_entity_src_gen.pdbx_gene_src_variant              ? 
_entity_src_gen.pdbx_gene_src_cell_line            ? 
_entity_src_gen.pdbx_gene_src_atcc                 ? 
_entity_src_gen.pdbx_gene_src_organ                ? 
_entity_src_gen.pdbx_gene_src_organelle            ? 
_entity_src_gen.pdbx_gene_src_cell                 ? 
_entity_src_gen.pdbx_gene_src_cellular_location    ? 
_entity_src_gen.host_org_common_name               ? 
_entity_src_gen.pdbx_host_org_scientific_name      'Escherichia coli' 
_entity_src_gen.pdbx_host_org_ncbi_taxonomy_id     562 
_entity_src_gen.host_org_genus                     ? 
_entity_src_gen.pdbx_host_org_gene                 ? 
_entity_src_gen.pdbx_host_org_organ                ? 
_entity_src_gen.host_org_species                   ? 
_entity_src_gen.pdbx_host_org_tissue               ? 
_entity_src_gen.pdbx_host_org_tissue_fraction      ? 
_entity_src_gen.pdbx_host_org_strain               ? 
_entity_src_gen.pdbx_host_org_variant              ? 
_entity_src_gen.pdbx_host_org_cell_line            ? 
_entity_src_gen.pdbx_host_org_atcc                 ? 
_entity_src_gen.pdbx_host_org_culture_collection   ? 
_entity_src_gen.pdbx_host_org_cell                 ? 
_entity_src_gen.pdbx_host_org_organelle            ? 
_entity_src_gen.pdbx_host_org_cellular_location    ? 
_entity_src_gen.pdbx_host_org_vector_type          ? 
_entity_src_gen.pdbx_host_org_vector               ? 
_entity_src_gen.host_org_details                   ? 
_entity_src_gen.expression_system_id               ? 
_entity_src_gen.plasmid_name                       ? 
_entity_src_gen.plasmid_details                    ? 
_entity_src_gen.pdbx_description                   ? 
# 
loop_
_chem_comp.id 
_chem_comp.type 
_chem_comp.mon_nstd_flag 
_chem_comp.name 
_chem_comp.pdbx_synonyms 
_chem_comp.formula 
_chem_comp.formula_weight 
ALA 'L-peptide linking' y ALANINE                                                 ?        'C3 H7 N O2'     89.093  
ARG 'L-peptide linking' y ARGININE                                                ?        'C6 H15 N4 O2 1' 175.209 
ASN 'L-peptide linking' y ASPARAGINE                                              ?        'C4 H8 N2 O3'    132.118 
ASP 'L-peptide linking' y 'ASPARTIC ACID'                                         ?        'C4 H7 N O4'     133.103 
CA  non-polymer         . 'CALCIUM ION'                                           ?        'Ca 2'           40.078  
CL  non-polymer         . 'CHLORIDE ION'                                          ?        'Cl -1'          35.453  
CYS 'L-peptide linking' y CYSTEINE                                                ?        'C3 H7 N O2 S'   121.158 
GLN 'L-peptide linking' y GLUTAMINE                                               ?        'C5 H10 N2 O3'   146.144 
GLU 'L-peptide linking' y 'GLUTAMIC ACID'                                         ?        'C5 H9 N O4'     147.129 
GLY 'peptide linking'   y GLYCINE                                                 ?        'C2 H5 N O2'     75.067  
HIS 'L-peptide linking' y HISTIDINE                                               ?        'C6 H10 N3 O2 1' 156.162 
HOH non-polymer         . WATER                                                   ?        'H2 O'           18.015  
ILE 'L-peptide linking' y ISOLEUCINE                                              ?        'C6 H13 N O2'    131.173 
LEU 'L-peptide linking' y LEUCINE                                                 ?        'C6 H13 N O2'    131.173 
LYS 'L-peptide linking' y LYSINE                                                  ?        'C6 H15 N2 O2 1' 147.195 
MET 'L-peptide linking' y METHIONINE                                              ?        'C5 H11 N O2 S'  149.211 
PHE 'L-peptide linking' y PHENYLALANINE                                           ?        'C9 H11 N O2'    165.189 
PRO 'L-peptide linking' y PROLINE                                                 ?        'C5 H9 N O2'     115.130 
SER 'L-peptide linking' y SERINE                                                  ?        'C3 H7 N O3'     105.093 
THR 'L-peptide linking' y THREONINE                                               ?        'C4 H9 N O3'     119.119 
TRP 'L-peptide linking' y TRYPTOPHAN                                              ?        'C11 H12 N2 O2'  204.225 
TYR 'L-peptide linking' y TYROSINE                                                ?        'C9 H11 N O3'    181.189 
VAL 'L-peptide linking' y VALINE                                                  ?        'C5 H11 N O2'    117.146 
Y4T non-polymer         . "(1P)-3',5-di(prop-2-en-1-yl)[1,1'-biphenyl]-2,4'-diol" Honokiol 'C18 H18 O2'     266.334 
# 
loop_
_pdbx_poly_seq_scheme.asym_id 
_pdbx_poly_seq_scheme.entity_id 
_pdbx_poly_seq_scheme.seq_id 
_pdbx_poly_seq_scheme.mon_id 
_pdbx_poly_seq_scheme.ndb_seq_num 
_pdbx_poly_seq_scheme.pdb_seq_num 
_pdbx_poly_seq_scheme.auth_seq_num 
_pdbx_poly_seq_scheme.pdb_mon_id 
_pdbx_poly_seq_scheme.auth_mon_id 
_pdbx_poly_seq_scheme.pdb_strand_id 
_pdbx_poly_seq_scheme.pdb_ins_code 
_pdbx_poly_seq_scheme.hetero 
A 1 1   ASN 1   152 152 ASN ASN A . n 
A 1 2   PHE 2   153 153 PHE PHE A . n 
A 1 3   ASN 3   154 154 ASN ASN A . n 
A 1 4   VAL 4   155 155 VAL VAL A . n 
A 1 5   ALA 5   156 156 ALA ALA A . n 
A 1 6   HIS 6   157 157 HIS HIS A . n 
A 1 7   GLY 7   158 158 GLY GLY A . n 
A 1 8   LEU 8   159 159 LEU LEU A . n 
A 1 9   ALA 9   160 160 ALA ALA A . n 
A 1 10  TRP 10  161 161 TRP TRP A . n 
A 1 11  SER 11  162 162 SER SER A . n 
A 1 12  TYR 12  163 163 TYR TYR A . n 
A 1 13  TYR 13  164 164 TYR TYR A . n 
A 1 14  ILE 14  165 165 ILE ILE A . n 
A 1 15  GLY 15  166 166 GLY GLY A . n 
A 1 16  TYR 16  167 167 TYR TYR A . n 
A 1 17  LEU 17  168 168 LEU LEU A . n 
A 1 18  ARG 18  169 169 ARG ARG A . n 
A 1 19  LEU 19  170 170 LEU LEU A . n 
A 1 20  ILE 20  171 171 ILE ILE A . n 
A 1 21  LEU 21  172 172 LEU LEU A . n 
A 1 22  PRO 22  173 173 PRO PRO A . n 
A 1 23  GLU 23  174 174 GLU GLU A . n 
A 1 24  LEU 24  175 175 LEU LEU A . n 
A 1 25  GLN 25  176 176 GLN GLN A . n 
A 1 26  ALA 26  177 177 ALA ALA A . n 
A 1 27  ARG 27  178 178 ARG ARG A . n 
A 1 28  ILE 28  179 179 ILE ILE A . n 
A 1 29  ARG 29  180 180 ARG ARG A . n 
A 1 30  THR 30  181 181 THR THR A . n 
A 1 31  TYR 31  182 182 TYR TYR A . n 
A 1 32  ASN 32  183 183 ASN ASN A . n 
A 1 33  GLN 33  184 184 GLN GLN A . n 
A 1 34  HIS 34  185 185 HIS HIS A . n 
A 1 35  TYR 35  186 186 TYR TYR A . n 
A 1 36  ASN 36  187 187 ASN ASN A . n 
A 1 37  ASN 37  188 188 ASN ASN A . n 
A 1 38  LEU 38  189 189 LEU LEU A . n 
A 1 39  LEU 39  190 190 LEU LEU A . n 
A 1 40  ARG 40  191 191 ARG ARG A . n 
A 1 41  GLY 41  192 192 GLY GLY A . n 
A 1 42  ALA 42  193 193 ALA ALA A . n 
A 1 43  VAL 43  194 194 VAL VAL A . n 
A 1 44  SER 44  195 195 SER SER A . n 
A 1 45  GLN 45  196 196 GLN GLN A . n 
A 1 46  ARG 46  197 197 ARG ARG A . n 
A 1 47  LEU 47  198 198 LEU LEU A . n 
A 1 48  TYR 48  199 199 TYR TYR A . n 
A 1 49  ILE 49  200 200 ILE ILE A . n 
A 1 50  LEU 50  201 201 LEU LEU A . n 
A 1 51  LEU 51  202 202 LEU LEU A . n 
A 1 52  PRO 52  203 203 PRO PRO A . n 
A 1 53  LEU 53  204 204 LEU LEU A . n 
A 1 54  ASP 54  205 205 ASP ASP A . n 
A 1 55  CYS 55  206 206 CYS CYS A . n 
A 1 56  GLY 56  207 207 GLY GLY A . n 
A 1 57  VAL 57  208 208 VAL VAL A . n 
A 1 58  PRO 58  209 209 PRO PRO A . n 
A 1 59  ASP 59  210 210 ASP ASP A . n 
A 1 60  ASN 60  211 211 ASN ASN A . n 
A 1 61  LEU 61  212 212 LEU LEU A . n 
A 1 62  SER 62  213 213 SER SER A . n 
A 1 63  MET 63  214 214 MET MET A . n 
A 1 64  ALA 64  215 215 ALA ALA A . n 
A 1 65  ASP 65  216 216 ASP ASP A . n 
A 1 66  PRO 66  217 217 PRO PRO A . n 
A 1 67  ASN 67  218 218 ASN ASN A . n 
A 1 68  ILE 68  219 219 ILE ILE A . n 
A 1 69  ARG 69  220 220 ARG ARG A . n 
A 1 70  PHE 70  221 221 PHE PHE A . n 
A 1 71  LEU 71  222 222 LEU LEU A . n 
A 1 72  ASP 72  223 223 ASP ASP A . n 
A 1 73  LYS 73  224 224 LYS LYS A . n 
A 1 74  LEU 74  225 225 LEU LEU A . n 
A 1 75  PRO 75  226 226 PRO PRO A . n 
A 1 76  GLN 76  227 227 GLN GLN A . n 
A 1 77  GLN 77  228 ?   ?   ?   A . n 
A 1 78  THR 78  229 ?   ?   ?   A . n 
A 1 79  GLY 79  230 ?   ?   ?   A . n 
A 1 80  ASP 80  231 ?   ?   ?   A . n 
A 1 81  HIS 81  232 ?   ?   ?   A . n 
A 1 82  ALA 82  233 ?   ?   ?   A . n 
A 1 83  GLY 83  234 ?   ?   ?   A . n 
A 1 84  ILE 84  235 ?   ?   ?   A . n 
A 1 85  LYS 85  236 ?   ?   ?   A . n 
A 1 86  ASP 86  237 ?   ?   ?   A . n 
A 1 87  ARG 87  238 ?   ?   ?   A . n 
A 1 88  VAL 88  239 ?   ?   ?   A . n 
A 1 89  TYR 89  240 240 TYR TYR A . n 
A 1 90  SER 90  241 241 SER SER A . n 
A 1 91  ASN 91  242 242 ASN ASN A . n 
A 1 92  SER 92  243 243 SER SER A . n 
A 1 93  ILE 93  244 244 ILE ILE A . n 
A 1 94  TYR 94  245 245 TYR TYR A . n 
A 1 95  GLU 95  246 246 GLU GLU A . n 
A 1 96  LEU 96  247 247 LEU LEU A . n 
A 1 97  LEU 97  248 248 LEU LEU A . n 
A 1 98  GLU 98  249 249 GLU GLU A . n 
A 1 99  ASN 99  250 250 ASN ASN A . n 
A 1 100 GLY 100 251 251 GLY GLY A . n 
A 1 101 GLN 101 252 252 GLN GLN A . n 
A 1 102 ARG 102 253 253 ARG ARG A . n 
A 1 103 ALA 103 254 254 ALA ALA A . n 
A 1 104 GLY 104 255 255 GLY GLY A . n 
A 1 105 THR 105 256 256 THR THR A . n 
A 1 106 CYS 106 257 257 CYS CYS A . n 
A 1 107 VAL 107 258 258 VAL VAL A . n 
A 1 108 LEU 108 259 259 LEU LEU A . n 
A 1 109 GLU 109 260 260 GLU GLU A . n 
A 1 110 TYR 110 261 261 TYR TYR A . n 
A 1 111 ALA 111 262 262 ALA ALA A . n 
A 1 112 THR 112 263 263 THR THR A . n 
A 1 113 PRO 113 264 264 PRO PRO A . n 
A 1 114 LEU 114 265 265 LEU LEU A . n 
A 1 115 GLN 115 266 266 GLN GLN A . n 
A 1 116 THR 116 267 267 THR THR A . n 
A 1 117 LEU 117 268 268 LEU LEU A . n 
A 1 118 PHE 118 269 269 PHE PHE A . n 
A 1 119 ALA 119 270 270 ALA ALA A . n 
A 1 120 MET 120 271 271 MET MET A . n 
A 1 121 SER 121 272 272 SER SER A . n 
A 1 122 GLN 122 273 273 GLN GLN A . n 
A 1 123 TYR 123 274 274 TYR TYR A . n 
A 1 124 SER 124 275 275 SER SER A . n 
A 1 125 GLN 125 276 276 GLN GLN A . n 
A 1 126 ALA 126 277 277 ALA ALA A . n 
A 1 127 GLY 127 278 278 GLY GLY A . n 
A 1 128 PHE 128 279 279 PHE PHE A . n 
A 1 129 SER 129 280 280 SER SER A . n 
A 1 130 ARG 130 281 281 ARG ARG A . n 
A 1 131 GLU 131 282 282 GLU GLU A . n 
A 1 132 ASP 132 283 283 ASP ASP A . n 
A 1 133 ARG 133 284 284 ARG ARG A . n 
A 1 134 LEU 134 285 285 LEU LEU A . n 
A 1 135 GLU 135 286 286 GLU GLU A . n 
A 1 136 GLN 136 287 287 GLN GLN A . n 
A 1 137 ALA 137 288 288 ALA ALA A . n 
A 1 138 LYS 138 289 289 LYS LYS A . n 
A 1 139 LEU 139 290 290 LEU LEU A . n 
A 1 140 PHE 140 291 291 PHE PHE A . n 
A 1 141 CYS 141 292 292 CYS CYS A . n 
A 1 142 ARG 142 293 293 ARG ARG A . n 
A 1 143 THR 143 294 294 THR THR A . n 
A 1 144 LEU 144 295 295 LEU LEU A . n 
A 1 145 GLU 145 296 296 GLU GLU A . n 
A 1 146 ASP 146 297 297 ASP ASP A . n 
A 1 147 ILE 147 298 298 ILE ILE A . n 
A 1 148 LEU 148 299 299 LEU LEU A . n 
A 1 149 ALA 149 300 300 ALA ALA A . n 
A 1 150 ASP 150 301 301 ASP ASP A . n 
A 1 151 ALA 151 302 302 ALA ALA A . n 
A 1 152 PRO 152 303 303 PRO PRO A . n 
A 1 153 GLU 153 304 304 GLU GLU A . n 
A 1 154 SER 154 305 305 SER SER A . n 
A 1 155 GLN 155 306 306 GLN GLN A . n 
A 1 156 ASN 156 307 307 ASN ASN A . n 
A 1 157 ASN 157 308 308 ASN ASN A . n 
A 1 158 CYS 158 309 309 CYS CYS A . n 
A 1 159 ARG 159 310 310 ARG ARG A . n 
A 1 160 LEU 160 311 311 LEU LEU A . n 
A 1 161 ILE 161 312 312 ILE ILE A . n 
A 1 162 ALA 162 313 313 ALA ALA A . n 
A 1 163 TYR 163 314 314 TYR TYR A . n 
A 1 164 GLN 164 315 315 GLN GLN A . n 
A 1 165 GLU 165 316 316 GLU GLU A . n 
A 1 166 PRO 166 317 317 PRO PRO A . n 
A 1 167 ALA 167 318 318 ALA ALA A . n 
A 1 168 ASP 168 319 ?   ?   ?   A . n 
A 1 169 ASP 169 320 ?   ?   ?   A . n 
A 1 170 SER 170 321 321 SER SER A . n 
A 1 171 SER 171 322 322 SER SER A . n 
A 1 172 PHE 172 323 323 PHE PHE A . n 
A 1 173 SER 173 324 324 SER SER A . n 
A 1 174 LEU 174 325 325 LEU LEU A . n 
A 1 175 SER 175 326 326 SER SER A . n 
A 1 176 GLN 176 327 327 GLN GLN A . n 
A 1 177 GLU 177 328 328 GLU GLU A . n 
A 1 178 VAL 178 329 329 VAL VAL A . n 
A 1 179 LEU 179 330 330 LEU LEU A . n 
A 1 180 ARG 180 331 331 ARG ARG A . n 
A 1 181 HIS 181 332 332 HIS HIS A . n 
A 1 182 LEU 182 333 333 LEU LEU A . n 
A 1 183 ARG 183 334 334 ARG ARG A . n 
A 1 184 GLN 184 335 335 GLN GLN A . n 
A 1 185 GLU 185 336 336 GLU GLU A . n 
A 1 186 GLU 186 337 337 GLU GLU A . n 
A 1 187 LYS 187 338 338 LYS LYS A . n 
A 1 188 GLU 188 339 339 GLU GLU A . n 
A 1 189 GLU 189 340 340 GLU GLU A . n 
A 1 190 VAL 190 341 341 VAL VAL A . n 
A 1 191 THR 191 342 342 THR THR A . n 
A 1 192 VAL 192 343 343 VAL VAL A . n 
# 
_pdbx_entity_instance_feature.ordinal        1 
_pdbx_entity_instance_feature.comp_id        Y4T 
_pdbx_entity_instance_feature.asym_id        ? 
_pdbx_entity_instance_feature.seq_num        ? 
_pdbx_entity_instance_feature.auth_comp_id   Y4T 
_pdbx_entity_instance_feature.auth_asym_id   ? 
_pdbx_entity_instance_feature.auth_seq_num   ? 
_pdbx_entity_instance_feature.feature_type   'SUBJECT OF INVESTIGATION' 
_pdbx_entity_instance_feature.details        ? 
# 
loop_
_pdbx_nonpoly_scheme.asym_id 
_pdbx_nonpoly_scheme.entity_id 
_pdbx_nonpoly_scheme.mon_id 
_pdbx_nonpoly_scheme.ndb_seq_num 
_pdbx_nonpoly_scheme.pdb_seq_num 
_pdbx_nonpoly_scheme.auth_seq_num 
_pdbx_nonpoly_scheme.pdb_mon_id 
_pdbx_nonpoly_scheme.auth_mon_id 
_pdbx_nonpoly_scheme.pdb_strand_id 
_pdbx_nonpoly_scheme.pdb_ins_code 
B 2 CL  1  401 1   CL  CL  A . 
C 3 CA  1  402 1   CA  CA  A . 
D 4 Y4T 1  403 401 Y4T LIG A . 
E 5 HOH 1  501 26  HOH HOH A . 
E 5 HOH 2  502 29  HOH HOH A . 
E 5 HOH 3  503 5   HOH HOH A . 
E 5 HOH 4  504 30  HOH HOH A . 
E 5 HOH 5  505 17  HOH HOH A . 
E 5 HOH 6  506 9   HOH HOH A . 
E 5 HOH 7  507 18  HOH HOH A . 
E 5 HOH 8  508 6   HOH HOH A . 
E 5 HOH 9  509 1   HOH HOH A . 
E 5 HOH 10 510 25  HOH HOH A . 
E 5 HOH 11 511 8   HOH HOH A . 
E 5 HOH 12 512 16  HOH HOH A . 
E 5 HOH 13 513 2   HOH HOH A . 
E 5 HOH 14 514 20  HOH HOH A . 
E 5 HOH 15 515 4   HOH HOH A . 
E 5 HOH 16 516 19  HOH HOH A . 
E 5 HOH 17 517 22  HOH HOH A . 
E 5 HOH 18 518 14  HOH HOH A . 
E 5 HOH 19 519 3   HOH HOH A . 
E 5 HOH 20 520 10  HOH HOH A . 
E 5 HOH 21 521 7   HOH HOH A . 
E 5 HOH 22 522 15  HOH HOH A . 
E 5 HOH 23 523 27  HOH HOH A . 
E 5 HOH 24 524 24  HOH HOH A . 
E 5 HOH 25 525 28  HOH HOH A . 
E 5 HOH 26 526 21  HOH HOH A . 
E 5 HOH 27 527 23  HOH HOH A . 
E 5 HOH 28 528 11  HOH HOH A . 
E 5 HOH 29 529 12  HOH HOH A . 
E 5 HOH 30 530 13  HOH HOH A . 
# 
loop_
_pdbx_unobs_or_zero_occ_atoms.id 
_pdbx_unobs_or_zero_occ_atoms.PDB_model_num 
_pdbx_unobs_or_zero_occ_atoms.polymer_flag 
_pdbx_unobs_or_zero_occ_atoms.occupancy_flag 
_pdbx_unobs_or_zero_occ_atoms.auth_asym_id 
_pdbx_unobs_or_zero_occ_atoms.auth_comp_id 
_pdbx_unobs_or_zero_occ_atoms.auth_seq_id 
_pdbx_unobs_or_zero_occ_atoms.PDB_ins_code 
_pdbx_unobs_or_zero_occ_atoms.auth_atom_id 
_pdbx_unobs_or_zero_occ_atoms.label_alt_id 
_pdbx_unobs_or_zero_occ_atoms.label_asym_id 
_pdbx_unobs_or_zero_occ_atoms.label_comp_id 
_pdbx_unobs_or_zero_occ_atoms.label_seq_id 
_pdbx_unobs_or_zero_occ_atoms.label_atom_id 
1  1 Y 1 A ASN 152 ? CG  ? A ASN 1   CG  
2  1 Y 1 A ASN 152 ? OD1 ? A ASN 1   OD1 
3  1 Y 1 A ASN 152 ? ND2 ? A ASN 1   ND2 
4  1 Y 1 A LEU 190 ? CG  ? A LEU 39  CG  
5  1 Y 1 A LEU 190 ? CD1 ? A LEU 39  CD1 
6  1 Y 1 A LEU 190 ? CD2 ? A LEU 39  CD2 
7  1 Y 1 A ARG 220 ? CG  ? A ARG 69  CG  
8  1 Y 1 A ARG 220 ? CD  ? A ARG 69  CD  
9  1 Y 1 A ARG 220 ? NE  ? A ARG 69  NE  
10 1 Y 1 A ARG 220 ? CZ  ? A ARG 69  CZ  
11 1 Y 1 A ARG 220 ? NH1 ? A ARG 69  NH1 
12 1 Y 1 A ARG 220 ? NH2 ? A ARG 69  NH2 
13 1 Y 1 A ARG 281 ? CG  ? A ARG 130 CG  
14 1 Y 1 A ARG 281 ? CD  ? A ARG 130 CD  
15 1 Y 1 A ARG 281 ? NE  ? A ARG 130 NE  
16 1 Y 1 A ARG 281 ? CZ  ? A ARG 130 CZ  
17 1 Y 1 A ARG 281 ? NH1 ? A ARG 130 NH1 
18 1 Y 1 A ARG 281 ? NH2 ? A ARG 130 NH2 
19 1 Y 1 A GLU 282 ? CG  ? A GLU 131 CG  
20 1 Y 1 A GLU 282 ? CD  ? A GLU 131 CD  
21 1 Y 1 A GLU 282 ? OE1 ? A GLU 131 OE1 
22 1 Y 1 A GLU 282 ? OE2 ? A GLU 131 OE2 
23 1 Y 1 A GLU 286 ? CG  ? A GLU 135 CG  
24 1 Y 1 A GLU 286 ? CD  ? A GLU 135 CD  
25 1 Y 1 A GLU 286 ? OE1 ? A GLU 135 OE1 
26 1 Y 1 A GLU 286 ? OE2 ? A GLU 135 OE2 
27 1 Y 1 A GLU 340 ? CG  ? A GLU 189 CG  
28 1 Y 1 A GLU 340 ? CD  ? A GLU 189 CD  
29 1 Y 1 A GLU 340 ? OE1 ? A GLU 189 OE1 
30 1 Y 1 A GLU 340 ? OE2 ? A GLU 189 OE2 
# 
loop_
_software.citation_id 
_software.classification 
_software.compiler_name 
_software.compiler_version 
_software.contact_author 
_software.contact_author_email 
_software.date 
_software.description 
_software.dependencies 
_software.hardware 
_software.language 
_software.location 
_software.mods 
_software.name 
_software.os 
_software.os_version 
_software.type 
_software.version 
_software.pdbx_ordinal 
? refinement       ? ? ? ? ? ? ? ? ? ? ? PHENIX ? ? ? '(1.18.2_3874: ???)' 1 
? 'data scaling'   ? ? ? ? ? ? ? ? ? ? ? XDS    ? ? ? .                    2 
? 'data reduction' ? ? ? ? ? ? ? ? ? ? ? XDS    ? ? ? .                    3 
? phasing          ? ? ? ? ? ? ? ? ? ? ? PHASER ? ? ? .                    4 
# 
_cell.angle_alpha                  90.00 
_cell.angle_alpha_esd              ? 
_cell.angle_beta                   90.00 
_cell.angle_beta_esd               ? 
_cell.angle_gamma                  90.00 
_cell.angle_gamma_esd              ? 
_cell.entry_id                     8Z37 
_cell.details                      ? 
_cell.formula_units_Z              ? 
_cell.length_a                     80.714 
_cell.length_a_esd                 ? 
_cell.length_b                     89.477 
_cell.length_b_esd                 ? 
_cell.length_c                     72.955 
_cell.length_c_esd                 ? 
_cell.volume                       ? 
_cell.volume_esd                   ? 
_cell.Z_PDB                        8 
_cell.reciprocal_angle_alpha       ? 
_cell.reciprocal_angle_beta        ? 
_cell.reciprocal_angle_gamma       ? 
_cell.reciprocal_angle_alpha_esd   ? 
_cell.reciprocal_angle_beta_esd    ? 
_cell.reciprocal_angle_gamma_esd   ? 
_cell.reciprocal_length_a          ? 
_cell.reciprocal_length_b          ? 
_cell.reciprocal_length_c          ? 
_cell.reciprocal_length_a_esd      ? 
_cell.reciprocal_length_b_esd      ? 
_cell.reciprocal_length_c_esd      ? 
_cell.pdbx_unique_axis             ? 
_cell.pdbx_esd_method              ? 
# 
_symmetry.entry_id                         8Z37 
_symmetry.cell_setting                     ? 
_symmetry.Int_Tables_number                20 
_symmetry.space_group_name_Hall            ? 
_symmetry.space_group_name_H-M             'C 2 2 21' 
_symmetry.pdbx_full_space_group_name_H-M   ? 
# 
_exptl.absorpt_coefficient_mu     ? 
_exptl.absorpt_correction_T_max   ? 
_exptl.absorpt_correction_T_min   ? 
_exptl.absorpt_correction_type    ? 
_exptl.absorpt_process_details    ? 
_exptl.entry_id                   8Z37 
_exptl.crystals_number            1 
_exptl.details                    ? 
_exptl.method                     'X-RAY DIFFRACTION' 
_exptl.method_details             ? 
# 
_exptl_crystal.colour                       ? 
_exptl_crystal.density_diffrn               ? 
_exptl_crystal.density_Matthews             2.99 
_exptl_crystal.density_method               ? 
_exptl_crystal.density_percent_sol          58.89 
_exptl_crystal.description                  ? 
_exptl_crystal.F_000                        ? 
_exptl_crystal.id                           1 
_exptl_crystal.preparation                  ? 
_exptl_crystal.size_max                     ? 
_exptl_crystal.size_mid                     ? 
_exptl_crystal.size_min                     ? 
_exptl_crystal.size_rad                     ? 
_exptl_crystal.colour_lustre                ? 
_exptl_crystal.colour_modifier              ? 
_exptl_crystal.colour_primary               ? 
_exptl_crystal.density_meas                 ? 
_exptl_crystal.density_meas_esd             ? 
_exptl_crystal.density_meas_gt              ? 
_exptl_crystal.density_meas_lt              ? 
_exptl_crystal.density_meas_temp            ? 
_exptl_crystal.density_meas_temp_esd        ? 
_exptl_crystal.density_meas_temp_gt         ? 
_exptl_crystal.density_meas_temp_lt         ? 
_exptl_crystal.pdbx_crystal_image_url       ? 
_exptl_crystal.pdbx_crystal_image_format    ? 
_exptl_crystal.pdbx_mosaicity               ? 
_exptl_crystal.pdbx_mosaicity_esd           ? 
_exptl_crystal.pdbx_mosaic_method           ? 
_exptl_crystal.pdbx_mosaic_block_size       ? 
_exptl_crystal.pdbx_mosaic_block_size_esd   ? 
# 
_exptl_crystal_grow.apparatus       ? 
_exptl_crystal_grow.atmosphere      ? 
_exptl_crystal_grow.crystal_id      1 
_exptl_crystal_grow.details         ? 
_exptl_crystal_grow.method          'LIQUID DIFFUSION' 
_exptl_crystal_grow.method_ref      ? 
_exptl_crystal_grow.pH              ? 
_exptl_crystal_grow.pressure        ? 
_exptl_crystal_grow.pressure_esd    ? 
_exptl_crystal_grow.seeding         ? 
_exptl_crystal_grow.seeding_ref     ? 
_exptl_crystal_grow.temp_details    ? 
_exptl_crystal_grow.temp_esd        ? 
_exptl_crystal_grow.time            ? 
_exptl_crystal_grow.pdbx_details    
'0.16 M calcium acetate, 0.08 M sodium cacodylate, pH [6.5], 14.4 % w/v PEG 8000, 20 % v/v glycerol' 
_exptl_crystal_grow.pdbx_pH_range   ? 
_exptl_crystal_grow.temp            289 
# 
_diffrn.ambient_environment              ? 
_diffrn.ambient_temp                     200 
_diffrn.ambient_temp_details             ? 
_diffrn.ambient_temp_esd                 ? 
_diffrn.crystal_id                       1 
_diffrn.crystal_support                  ? 
_diffrn.crystal_treatment                ? 
_diffrn.details                          ? 
_diffrn.id                               1 
_diffrn.ambient_pressure                 ? 
_diffrn.ambient_pressure_esd             ? 
_diffrn.ambient_pressure_gt              ? 
_diffrn.ambient_pressure_lt              ? 
_diffrn.ambient_temp_gt                  ? 
_diffrn.ambient_temp_lt                  ? 
_diffrn.pdbx_serial_crystal_experiment   N 
# 
_diffrn_detector.details                      ? 
_diffrn_detector.detector                     CCD 
_diffrn_detector.diffrn_id                    1 
_diffrn_detector.type                         'AGILENT ATLAS CCD' 
_diffrn_detector.area_resol_mean              ? 
_diffrn_detector.dtime                        ? 
_diffrn_detector.pdbx_frames_total            ? 
_diffrn_detector.pdbx_collection_time_total   ? 
_diffrn_detector.pdbx_collection_date         2023-10-06 
_diffrn_detector.pdbx_frequency               ? 
_diffrn_detector.id                           ? 
_diffrn_detector.number_of_axes               ? 
# 
_diffrn_radiation.collimation                      ? 
_diffrn_radiation.diffrn_id                        1 
_diffrn_radiation.filter_edge                      ? 
_diffrn_radiation.inhomogeneity                    ? 
_diffrn_radiation.monochromator                    ? 
_diffrn_radiation.polarisn_norm                    ? 
_diffrn_radiation.polarisn_ratio                   ? 
_diffrn_radiation.probe                            ? 
_diffrn_radiation.type                             ? 
_diffrn_radiation.xray_symbol                      ? 
_diffrn_radiation.wavelength_id                    1 
_diffrn_radiation.pdbx_monochromatic_or_laue_m_l   M 
_diffrn_radiation.pdbx_wavelength_list             ? 
_diffrn_radiation.pdbx_wavelength                  ? 
_diffrn_radiation.pdbx_diffrn_protocol             'SINGLE WAVELENGTH' 
_diffrn_radiation.pdbx_analyzer                    ? 
_diffrn_radiation.pdbx_scattering_type             x-ray 
# 
_diffrn_radiation_wavelength.id           1 
_diffrn_radiation_wavelength.wavelength   0.97918 
_diffrn_radiation_wavelength.wt           1.0 
# 
_diffrn_source.current                     ? 
_diffrn_source.details                     ? 
_diffrn_source.diffrn_id                   1 
_diffrn_source.power                       ? 
_diffrn_source.size                        ? 
_diffrn_source.source                      SYNCHROTRON 
_diffrn_source.target                      ? 
_diffrn_source.type                        'SSRF BEAMLINE BL17U1' 
_diffrn_source.voltage                     ? 
_diffrn_source.take-off_angle              ? 
_diffrn_source.pdbx_wavelength_list        0.97918 
_diffrn_source.pdbx_wavelength             ? 
_diffrn_source.pdbx_synchrotron_beamline   BL17U1 
_diffrn_source.pdbx_synchrotron_site       SSRF 
# 
_reflns.B_iso_Wilson_estimate                          ? 
_reflns.entry_id                                       8Z37 
_reflns.data_reduction_details                         ? 
_reflns.data_reduction_method                          ? 
_reflns.d_resolution_high                              2.4 
_reflns.d_resolution_low                               50 
_reflns.details                                        ? 
_reflns.limit_h_max                                    ? 
_reflns.limit_h_min                                    ? 
_reflns.limit_k_max                                    ? 
_reflns.limit_k_min                                    ? 
_reflns.limit_l_max                                    ? 
_reflns.limit_l_min                                    ? 
_reflns.number_all                                     ? 
_reflns.number_obs                                     10639 
_reflns.observed_criterion                             ? 
_reflns.observed_criterion_F_max                       ? 
_reflns.observed_criterion_F_min                       ? 
_reflns.observed_criterion_I_max                       ? 
_reflns.observed_criterion_I_min                       ? 
_reflns.observed_criterion_sigma_F                     ? 
_reflns.observed_criterion_sigma_I                     ? 
_reflns.percent_possible_obs                           99.9 
_reflns.R_free_details                                 ? 
_reflns.Rmerge_F_all                                   ? 
_reflns.Rmerge_F_obs                                   ? 
_reflns.Friedel_coverage                               ? 
_reflns.number_gt                                      ? 
_reflns.threshold_expression                           ? 
_reflns.pdbx_redundancy                                3.7 
_reflns.pdbx_netI_over_av_sigmaI                       ? 
_reflns.pdbx_netI_over_sigmaI                          19.6 
_reflns.pdbx_res_netI_over_av_sigmaI_2                 ? 
_reflns.pdbx_res_netI_over_sigmaI_2                    ? 
_reflns.pdbx_chi_squared                               ? 
_reflns.pdbx_scaling_rejects                           ? 
_reflns.pdbx_d_res_high_opt                            ? 
_reflns.pdbx_d_res_low_opt                             ? 
_reflns.pdbx_d_res_opt_method                          ? 
_reflns.phase_calculation_details                      ? 
_reflns.pdbx_Rrim_I_all                                ? 
_reflns.pdbx_Rpim_I_all                                ? 
_reflns.pdbx_d_opt                                     ? 
_reflns.pdbx_number_measured_all                       ? 
_reflns.pdbx_diffrn_id                                 1 
_reflns.pdbx_ordinal                                   1 
_reflns.pdbx_CC_half                                   0.97 
_reflns.pdbx_CC_star                                   ? 
_reflns.pdbx_R_split                                   ? 
_reflns.pdbx_Rmerge_I_obs                              ? 
_reflns.pdbx_Rmerge_I_all                              ? 
_reflns.pdbx_Rsym_value                                ? 
_reflns.pdbx_CC_split_method                           ? 
_reflns.pdbx_aniso_diffraction_limit_axis_1_ortho[1]   ? 
_reflns.pdbx_aniso_diffraction_limit_axis_1_ortho[2]   ? 
_reflns.pdbx_aniso_diffraction_limit_axis_1_ortho[3]   ? 
_reflns.pdbx_aniso_diffraction_limit_axis_2_ortho[1]   ? 
_reflns.pdbx_aniso_diffraction_limit_axis_2_ortho[2]   ? 
_reflns.pdbx_aniso_diffraction_limit_axis_2_ortho[3]   ? 
_reflns.pdbx_aniso_diffraction_limit_axis_3_ortho[1]   ? 
_reflns.pdbx_aniso_diffraction_limit_axis_3_ortho[2]   ? 
_reflns.pdbx_aniso_diffraction_limit_axis_3_ortho[3]   ? 
_reflns.pdbx_aniso_diffraction_limit_1                 ? 
_reflns.pdbx_aniso_diffraction_limit_2                 ? 
_reflns.pdbx_aniso_diffraction_limit_3                 ? 
_reflns.pdbx_aniso_B_tensor_eigenvector_1_ortho[1]     ? 
_reflns.pdbx_aniso_B_tensor_eigenvector_1_ortho[2]     ? 
_reflns.pdbx_aniso_B_tensor_eigenvector_1_ortho[3]     ? 
_reflns.pdbx_aniso_B_tensor_eigenvector_2_ortho[1]     ? 
_reflns.pdbx_aniso_B_tensor_eigenvector_2_ortho[2]     ? 
_reflns.pdbx_aniso_B_tensor_eigenvector_2_ortho[3]     ? 
_reflns.pdbx_aniso_B_tensor_eigenvector_3_ortho[1]     ? 
_reflns.pdbx_aniso_B_tensor_eigenvector_3_ortho[2]     ? 
_reflns.pdbx_aniso_B_tensor_eigenvector_3_ortho[3]     ? 
_reflns.pdbx_aniso_B_tensor_eigenvalue_1               ? 
_reflns.pdbx_aniso_B_tensor_eigenvalue_2               ? 
_reflns.pdbx_aniso_B_tensor_eigenvalue_3               ? 
_reflns.pdbx_orthogonalization_convention              ? 
_reflns.pdbx_percent_possible_ellipsoidal              ? 
_reflns.pdbx_percent_possible_spherical                ? 
_reflns.pdbx_percent_possible_ellipsoidal_anomalous    ? 
_reflns.pdbx_percent_possible_spherical_anomalous      ? 
_reflns.pdbx_redundancy_anomalous                      ? 
_reflns.pdbx_CC_half_anomalous                         ? 
_reflns.pdbx_absDiff_over_sigma_anomalous              ? 
_reflns.pdbx_percent_possible_anomalous                ? 
_reflns.pdbx_observed_signal_threshold                 ? 
_reflns.pdbx_signal_type                               ? 
_reflns.pdbx_signal_details                            ? 
_reflns.pdbx_signal_software_id                        ? 
# 
_reflns_shell.d_res_high                                    2.4 
_reflns_shell.d_res_low                                     6.42 
_reflns_shell.meanI_over_sigI_all                           ? 
_reflns_shell.meanI_over_sigI_obs                           ? 
_reflns_shell.number_measured_all                           ? 
_reflns_shell.number_measured_obs                           ? 
_reflns_shell.number_possible                               ? 
_reflns_shell.number_unique_all                             ? 
_reflns_shell.number_unique_obs                             2141 
_reflns_shell.percent_possible_obs                          ? 
_reflns_shell.Rmerge_F_all                                  ? 
_reflns_shell.Rmerge_F_obs                                  ? 
_reflns_shell.meanI_over_sigI_gt                            ? 
_reflns_shell.meanI_over_uI_all                             ? 
_reflns_shell.meanI_over_uI_gt                              ? 
_reflns_shell.number_measured_gt                            ? 
_reflns_shell.number_unique_gt                              ? 
_reflns_shell.percent_possible_gt                           ? 
_reflns_shell.Rmerge_F_gt                                   ? 
_reflns_shell.Rmerge_I_gt                                   ? 
_reflns_shell.pdbx_redundancy                               ? 
_reflns_shell.pdbx_chi_squared                              ? 
_reflns_shell.pdbx_netI_over_sigmaI_all                     ? 
_reflns_shell.pdbx_netI_over_sigmaI_obs                     ? 
_reflns_shell.pdbx_Rrim_I_all                               ? 
_reflns_shell.pdbx_Rpim_I_all                               ? 
_reflns_shell.pdbx_rejects                                  ? 
_reflns_shell.pdbx_ordinal                                  1 
_reflns_shell.pdbx_diffrn_id                                1 
_reflns_shell.pdbx_CC_half                                  0.99 
_reflns_shell.pdbx_CC_star                                  ? 
_reflns_shell.pdbx_R_split                                  ? 
_reflns_shell.percent_possible_all                          ? 
_reflns_shell.Rmerge_I_all                                  ? 
_reflns_shell.Rmerge_I_obs                                  ? 
_reflns_shell.pdbx_Rsym_value                               ? 
_reflns_shell.pdbx_percent_possible_ellipsoidal             ? 
_reflns_shell.pdbx_percent_possible_spherical               ? 
_reflns_shell.pdbx_percent_possible_ellipsoidal_anomalous   ? 
_reflns_shell.pdbx_percent_possible_spherical_anomalous     ? 
_reflns_shell.pdbx_redundancy_anomalous                     ? 
_reflns_shell.pdbx_CC_half_anomalous                        ? 
_reflns_shell.pdbx_absDiff_over_sigma_anomalous             ? 
_reflns_shell.pdbx_percent_possible_anomalous               ? 
# 
_refine.aniso_B[1][1]                            ? 
_refine.aniso_B[1][2]                            ? 
_refine.aniso_B[1][3]                            ? 
_refine.aniso_B[2][2]                            ? 
_refine.aniso_B[2][3]                            ? 
_refine.aniso_B[3][3]                            ? 
_refine.B_iso_max                                ? 
_refine.B_iso_mean                               ? 
_refine.B_iso_min                                ? 
_refine.correlation_coeff_Fo_to_Fc               ? 
_refine.correlation_coeff_Fo_to_Fc_free          ? 
_refine.details                                  ? 
_refine.diff_density_max                         ? 
_refine.diff_density_max_esd                     ? 
_refine.diff_density_min                         ? 
_refine.diff_density_min_esd                     ? 
_refine.diff_density_rms                         ? 
_refine.diff_density_rms_esd                     ? 
_refine.entry_id                                 8Z37 
_refine.pdbx_refine_id                           'X-RAY DIFFRACTION' 
_refine.ls_abs_structure_details                 ? 
_refine.ls_abs_structure_Flack                   ? 
_refine.ls_abs_structure_Flack_esd               ? 
_refine.ls_abs_structure_Rogers                  ? 
_refine.ls_abs_structure_Rogers_esd              ? 
_refine.ls_d_res_high                            2.40 
_refine.ls_d_res_low                             31.16 
_refine.ls_extinction_coef                       ? 
_refine.ls_extinction_coef_esd                   ? 
_refine.ls_extinction_expression                 ? 
_refine.ls_extinction_method                     ? 
_refine.ls_goodness_of_fit_all                   ? 
_refine.ls_goodness_of_fit_all_esd               ? 
_refine.ls_goodness_of_fit_obs                   ? 
_refine.ls_goodness_of_fit_obs_esd               ? 
_refine.ls_hydrogen_treatment                    ? 
_refine.ls_matrix_type                           ? 
_refine.ls_number_constraints                    ? 
_refine.ls_number_parameters                     ? 
_refine.ls_number_reflns_all                     ? 
_refine.ls_number_reflns_obs                     10639 
_refine.ls_number_reflns_R_free                  525 
_refine.ls_number_reflns_R_work                  ? 
_refine.ls_number_restraints                     ? 
_refine.ls_percent_reflns_obs                    99.93 
_refine.ls_percent_reflns_R_free                 4.93 
_refine.ls_R_factor_all                          ? 
_refine.ls_R_factor_obs                          0.2214 
_refine.ls_R_factor_R_free                       0.2454 
_refine.ls_R_factor_R_free_error                 ? 
_refine.ls_R_factor_R_free_error_details         ? 
_refine.ls_R_factor_R_work                       0.2201 
_refine.ls_R_Fsqd_factor_obs                     ? 
_refine.ls_R_I_factor_obs                        ? 
_refine.ls_redundancy_reflns_all                 ? 
_refine.ls_redundancy_reflns_obs                 ? 
_refine.ls_restrained_S_all                      ? 
_refine.ls_restrained_S_obs                      ? 
_refine.ls_shift_over_esd_max                    ? 
_refine.ls_shift_over_esd_mean                   ? 
_refine.ls_structure_factor_coef                 ? 
_refine.ls_weighting_details                     ? 
_refine.ls_weighting_scheme                      ? 
_refine.ls_wR_factor_all                         ? 
_refine.ls_wR_factor_obs                         ? 
_refine.ls_wR_factor_R_free                      ? 
_refine.ls_wR_factor_R_work                      ? 
_refine.occupancy_max                            ? 
_refine.occupancy_min                            ? 
_refine.solvent_model_details                    'FLAT BULK SOLVENT MODEL' 
_refine.solvent_model_param_bsol                 ? 
_refine.solvent_model_param_ksol                 ? 
_refine.pdbx_R_complete                          ? 
_refine.ls_R_factor_gt                           ? 
_refine.ls_goodness_of_fit_gt                    ? 
_refine.ls_goodness_of_fit_ref                   ? 
_refine.ls_shift_over_su_max                     ? 
_refine.ls_shift_over_su_max_lt                  ? 
_refine.ls_shift_over_su_mean                    ? 
_refine.ls_shift_over_su_mean_lt                 ? 
_refine.pdbx_ls_sigma_I                          ? 
_refine.pdbx_ls_sigma_F                          1.34 
_refine.pdbx_ls_sigma_Fsqd                       ? 
_refine.pdbx_data_cutoff_high_absF               ? 
_refine.pdbx_data_cutoff_high_rms_absF           ? 
_refine.pdbx_data_cutoff_low_absF                ? 
_refine.pdbx_isotropic_thermal_model             ? 
_refine.pdbx_ls_cross_valid_method               'FREE R-VALUE' 
_refine.pdbx_method_to_determine_struct          'MOLECULAR REPLACEMENT' 
_refine.pdbx_starting_model                      ? 
_refine.pdbx_stereochemistry_target_values       ML 
_refine.pdbx_R_Free_selection_details            ? 
_refine.pdbx_stereochem_target_val_spec_case     ? 
_refine.pdbx_overall_ESU_R                       ? 
_refine.pdbx_overall_ESU_R_Free                  ? 
_refine.pdbx_solvent_vdw_probe_radii             1.11 
_refine.pdbx_solvent_ion_probe_radii             ? 
_refine.pdbx_solvent_shrinkage_radii             0.90 
_refine.pdbx_real_space_R                        ? 
_refine.pdbx_density_correlation                 ? 
_refine.pdbx_pd_number_of_powder_patterns        ? 
_refine.pdbx_pd_number_of_points                 ? 
_refine.pdbx_pd_meas_number_of_points            ? 
_refine.pdbx_pd_proc_ls_prof_R_factor            ? 
_refine.pdbx_pd_proc_ls_prof_wR_factor           ? 
_refine.pdbx_pd_Marquardt_correlation_coeff      ? 
_refine.pdbx_pd_Fsqrd_R_factor                   ? 
_refine.pdbx_pd_ls_matrix_band_width             ? 
_refine.pdbx_overall_phase_error                 28.89 
_refine.pdbx_overall_SU_R_free_Cruickshank_DPI   ? 
_refine.pdbx_overall_SU_R_free_Blow_DPI          ? 
_refine.pdbx_overall_SU_R_Blow_DPI               ? 
_refine.pdbx_TLS_residual_ADP_flag               ? 
_refine.pdbx_diffrn_id                           1 
_refine.overall_SU_B                             ? 
_refine.overall_SU_ML                            0.24 
_refine.overall_SU_R_Cruickshank_DPI             ? 
_refine.overall_SU_R_free                        ? 
_refine.overall_FOM_free_R_set                   ? 
_refine.overall_FOM_work_R_set                   ? 
_refine.pdbx_average_fsc_overall                 ? 
_refine.pdbx_average_fsc_work                    ? 
_refine.pdbx_average_fsc_free                    ? 
# 
_refine_hist.pdbx_refine_id                   'X-RAY DIFFRACTION' 
_refine_hist.cycle_id                         LAST 
_refine_hist.details                          ? 
_refine_hist.d_res_high                       2.40 
_refine_hist.d_res_low                        31.16 
_refine_hist.number_atoms_solvent             30 
_refine_hist.number_atoms_total               1464 
_refine_hist.number_reflns_all                ? 
_refine_hist.number_reflns_obs                ? 
_refine_hist.number_reflns_R_free             ? 
_refine_hist.number_reflns_R_work             ? 
_refine_hist.R_factor_all                     ? 
_refine_hist.R_factor_obs                     ? 
_refine_hist.R_factor_R_free                  ? 
_refine_hist.R_factor_R_work                  ? 
_refine_hist.pdbx_number_residues_total       ? 
_refine_hist.pdbx_B_iso_mean_ligand           ? 
_refine_hist.pdbx_B_iso_mean_solvent          ? 
_refine_hist.pdbx_number_atoms_protein        1412 
_refine_hist.pdbx_number_atoms_nucleic_acid   0 
_refine_hist.pdbx_number_atoms_ligand         22 
_refine_hist.pdbx_number_atoms_lipid          ? 
_refine_hist.pdbx_number_atoms_carb           ? 
_refine_hist.pdbx_pseudo_atom_details         ? 
# 
loop_
_refine_ls_restr.pdbx_refine_id 
_refine_ls_restr.criterion 
_refine_ls_restr.dev_ideal 
_refine_ls_restr.dev_ideal_target 
_refine_ls_restr.number 
_refine_ls_restr.rejects 
_refine_ls_restr.type 
_refine_ls_restr.weight 
_refine_ls_restr.pdbx_restraint_function 
'X-RAY DIFFRACTION' ? 0.015  ? 1460 ? f_bond_d           ? ? 
'X-RAY DIFFRACTION' ? 1.675  ? 1981 ? f_angle_d          ? ? 
'X-RAY DIFFRACTION' ? 20.417 ? 539  ? f_dihedral_angle_d ? ? 
'X-RAY DIFFRACTION' ? 0.094  ? 218  ? f_chiral_restr     ? ? 
'X-RAY DIFFRACTION' ? 0.009  ? 258  ? f_plane_restr      ? ? 
# 
loop_
_refine_ls_shell.pdbx_refine_id 
_refine_ls_shell.d_res_high 
_refine_ls_shell.d_res_low 
_refine_ls_shell.number_reflns_all 
_refine_ls_shell.number_reflns_obs 
_refine_ls_shell.number_reflns_R_free 
_refine_ls_shell.number_reflns_R_work 
_refine_ls_shell.percent_reflns_obs 
_refine_ls_shell.percent_reflns_R_free 
_refine_ls_shell.R_factor_all 
_refine_ls_shell.R_factor_obs 
_refine_ls_shell.R_factor_R_free_error 
_refine_ls_shell.R_factor_R_work 
_refine_ls_shell.redundancy_reflns_all 
_refine_ls_shell.redundancy_reflns_obs 
_refine_ls_shell.wR_factor_all 
_refine_ls_shell.wR_factor_obs 
_refine_ls_shell.wR_factor_R_free 
_refine_ls_shell.wR_factor_R_work 
_refine_ls_shell.pdbx_R_complete 
_refine_ls_shell.pdbx_total_number_of_bins_used 
_refine_ls_shell.pdbx_phase_error 
_refine_ls_shell.pdbx_fsc_work 
_refine_ls_shell.pdbx_fsc_free 
_refine_ls_shell.R_factor_R_free 
'X-RAY DIFFRACTION' 2.40 2.64 . . 118 2489 100.00 . . . . 0.2720 . . . . . . . . . . . 0.3030 
'X-RAY DIFFRACTION' 2.64 3.02 . . 114 2520 100.00 . . . . 0.2614 . . . . . . . . . . . 0.3216 
'X-RAY DIFFRACTION' 3.02 3.81 . . 144 2501 100.00 . . . . 0.2288 . . . . . . . . . . . 0.2477 
'X-RAY DIFFRACTION' 3.81 10   . . 149 2604 100.00 . . . . 0.1983 . . . . . . . . . . . 0.2223 
# 
_struct.entry_id                     8Z37 
_struct.title                        'Crystal structure of human STING ligand binding domain.' 
_struct.pdbx_model_details           ? 
_struct.pdbx_formula_weight          ? 
_struct.pdbx_formula_weight_method   ? 
_struct.pdbx_model_type_details      ? 
_struct.pdbx_CASP_flag               N 
# 
_struct_keywords.entry_id        8Z37 
_struct_keywords.text            'cGAMP binding protein, IMMUNE SYSTEM' 
_struct_keywords.pdbx_keywords   'IMMUNE SYSTEM' 
# 
loop_
_struct_asym.id 
_struct_asym.pdbx_blank_PDB_chainid_flag 
_struct_asym.pdbx_modified 
_struct_asym.entity_id 
_struct_asym.details 
A N N 1 ? 
B N N 2 ? 
C N N 3 ? 
D N N 4 ? 
E N N 5 ? 
# 
_struct_ref.id                         1 
_struct_ref.db_name                    UNP 
_struct_ref.db_code                    STING_HUMAN 
_struct_ref.pdbx_db_accession          Q86WV6 
_struct_ref.pdbx_db_isoform            ? 
_struct_ref.entity_id                  1 
_struct_ref.pdbx_seq_one_letter_code   
;NFNVAHGLAWSYYIGYLRLILPELQARIRTYNQHYNNLLRGAVSQRLYILLPLDCGVPDNLSMADPNIRFLDKLPQQTGD
HAGIKDRVYSNSIYELLENGQRAGTCVLEYATPLQTLFAMSQYSQAGFSREDRLEQAKLFCRTLEDILADAPESQNNCRL
IAYQEPADDSSFSLSQEVLRHLRQEEKEEVTV
;
_struct_ref.pdbx_align_begin           152 
# 
_struct_ref_seq.align_id                      1 
_struct_ref_seq.ref_id                        1 
_struct_ref_seq.pdbx_PDB_id_code              8Z37 
_struct_ref_seq.pdbx_strand_id                A 
_struct_ref_seq.seq_align_beg                 1 
_struct_ref_seq.pdbx_seq_align_beg_ins_code   ? 
_struct_ref_seq.seq_align_end                 192 
_struct_ref_seq.pdbx_seq_align_end_ins_code   ? 
_struct_ref_seq.pdbx_db_accession             Q86WV6 
_struct_ref_seq.db_align_beg                  152 
_struct_ref_seq.pdbx_db_align_beg_ins_code    ? 
_struct_ref_seq.db_align_end                  343 
_struct_ref_seq.pdbx_db_align_end_ins_code    ? 
_struct_ref_seq.pdbx_auth_seq_align_beg       152 
_struct_ref_seq.pdbx_auth_seq_align_end       343 
# 
_pdbx_struct_assembly.id                   1 
_pdbx_struct_assembly.details              author_and_software_defined_assembly 
_pdbx_struct_assembly.method_details       PISA 
_pdbx_struct_assembly.oligomeric_details   dimeric 
_pdbx_struct_assembly.oligomeric_count     2 
# 
loop_
_pdbx_struct_assembly_prop.biol_id 
_pdbx_struct_assembly_prop.type 
_pdbx_struct_assembly_prop.value 
_pdbx_struct_assembly_prop.details 
1 'ABSA (A^2)' 1260  ? 
1 MORE         -33   ? 
1 'SSA (A^2)'  18740 ? 
# 
_pdbx_struct_assembly_gen.assembly_id       1 
_pdbx_struct_assembly_gen.oper_expression   1,2 
_pdbx_struct_assembly_gen.asym_id_list      A,B,C,D,E 
# 
_pdbx_struct_assembly_auth_evidence.id                     1 
_pdbx_struct_assembly_auth_evidence.assembly_id            1 
_pdbx_struct_assembly_auth_evidence.experimental_support   'gel filtration' 
_pdbx_struct_assembly_auth_evidence.details                ? 
# 
loop_
_pdbx_struct_oper_list.id 
_pdbx_struct_oper_list.type 
_pdbx_struct_oper_list.name 
_pdbx_struct_oper_list.symmetry_operation 
_pdbx_struct_oper_list.matrix[1][1] 
_pdbx_struct_oper_list.matrix[1][2] 
_pdbx_struct_oper_list.matrix[1][3] 
_pdbx_struct_oper_list.vector[1] 
_pdbx_struct_oper_list.matrix[2][1] 
_pdbx_struct_oper_list.matrix[2][2] 
_pdbx_struct_oper_list.matrix[2][3] 
_pdbx_struct_oper_list.vector[2] 
_pdbx_struct_oper_list.matrix[3][1] 
_pdbx_struct_oper_list.matrix[3][2] 
_pdbx_struct_oper_list.matrix[3][3] 
_pdbx_struct_oper_list.vector[3] 
1 'identity operation'         1_555 x,y,z       1.0000000000 0.0000000000 0.0000000000 0.0000000000  0.0000000000 1.0000000000  0.0000000000 0.0000000000   0.0000000000 0.0000000000 1.0000000000  0.0000000000   
2 'crystal symmetry operation' 4_566 x,-y+1,-z+1 0.3375693108 0.9100596950 0.2404959706 24.7627965226 0.9100596950 -0.3808106677 0.1636294193 -29.9444149364 0.2404959706 0.1636294193 -0.9567586432 -24.4110183618 
# 
loop_
_struct_conf.conf_type_id 
_struct_conf.id 
_struct_conf.pdbx_PDB_helix_id 
_struct_conf.beg_label_comp_id 
_struct_conf.beg_label_asym_id 
_struct_conf.beg_label_seq_id 
_struct_conf.pdbx_beg_PDB_ins_code 
_struct_conf.end_label_comp_id 
_struct_conf.end_label_asym_id 
_struct_conf.end_label_seq_id 
_struct_conf.pdbx_end_PDB_ins_code 
_struct_conf.beg_auth_comp_id 
_struct_conf.beg_auth_asym_id 
_struct_conf.beg_auth_seq_id 
_struct_conf.end_auth_comp_id 
_struct_conf.end_auth_asym_id 
_struct_conf.end_auth_seq_id 
_struct_conf.pdbx_PDB_helix_class 
_struct_conf.details 
_struct_conf.pdbx_PDB_helix_length 
HELX_P HELX_P1 AA1 ASN A 3   ? TYR A 16  ? ASN A 154 TYR A 167 1 ? 14 
HELX_P HELX_P2 AA2 TYR A 16  ? ARG A 40  ? TYR A 167 ARG A 191 1 ? 25 
HELX_P HELX_P3 AA3 ASN A 60  ? ASP A 65  ? ASN A 211 ASP A 216 1 ? 6  
HELX_P HELX_P4 AA4 THR A 112 ? GLN A 122 ? THR A 263 GLN A 273 1 ? 11 
HELX_P HELX_P5 AA5 TYR A 123 ? GLY A 127 ? TYR A 274 GLY A 278 5 ? 5  
HELX_P HELX_P6 AA6 SER A 129 ? ASP A 150 ? SER A 280 ASP A 301 1 ? 22 
HELX_P HELX_P7 AA7 ALA A 151 ? ASN A 156 ? ALA A 302 ASN A 307 1 ? 6  
HELX_P HELX_P8 AA8 SER A 173 ? VAL A 192 ? SER A 324 VAL A 343 1 ? 20 
# 
_struct_conf_type.id          HELX_P 
_struct_conf_type.criteria    ? 
_struct_conf_type.reference   ? 
# 
loop_
_struct_conn.id 
_struct_conn.conn_type_id 
_struct_conn.pdbx_leaving_atom_flag 
_struct_conn.pdbx_PDB_id 
_struct_conn.ptnr1_label_asym_id 
_struct_conn.ptnr1_label_comp_id 
_struct_conn.ptnr1_label_seq_id 
_struct_conn.ptnr1_label_atom_id 
_struct_conn.pdbx_ptnr1_label_alt_id 
_struct_conn.pdbx_ptnr1_PDB_ins_code 
_struct_conn.pdbx_ptnr1_standard_comp_id 
_struct_conn.ptnr1_symmetry 
_struct_conn.ptnr2_label_asym_id 
_struct_conn.ptnr2_label_comp_id 
_struct_conn.ptnr2_label_seq_id 
_struct_conn.ptnr2_label_atom_id 
_struct_conn.pdbx_ptnr2_label_alt_id 
_struct_conn.pdbx_ptnr2_PDB_ins_code 
_struct_conn.ptnr1_auth_asym_id 
_struct_conn.ptnr1_auth_comp_id 
_struct_conn.ptnr1_auth_seq_id 
_struct_conn.ptnr2_auth_asym_id 
_struct_conn.ptnr2_auth_comp_id 
_struct_conn.ptnr2_auth_seq_id 
_struct_conn.ptnr2_symmetry 
_struct_conn.pdbx_ptnr3_label_atom_id 
_struct_conn.pdbx_ptnr3_label_seq_id 
_struct_conn.pdbx_ptnr3_label_comp_id 
_struct_conn.pdbx_ptnr3_label_asym_id 
_struct_conn.pdbx_ptnr3_label_alt_id 
_struct_conn.pdbx_ptnr3_PDB_ins_code 
_struct_conn.details 
_struct_conn.pdbx_dist_value 
_struct_conn.pdbx_value_order 
_struct_conn.pdbx_role 
metalc1 metalc ? ? A ASP 54  OD2 ? ? ? 1_555 C CA . CA ? ? A ASP 205 A CA 402 1_555 ? ? ? ? ? ? ? 2.595 ? ? 
metalc2 metalc ? ? A GLU 165 OE1 ? ? ? 1_555 C CA . CA ? ? A GLU 316 A CA 402 1_555 ? ? ? ? ? ? ? 2.125 ? ? 
metalc3 metalc ? ? A GLU 165 OE2 ? ? ? 1_555 C CA . CA ? ? A GLU 316 A CA 402 1_555 ? ? ? ? ? ? ? 2.218 ? ? 
metalc4 metalc ? ? A VAL 190 O   ? ? ? 1_555 C CA . CA ? ? A VAL 341 A CA 402 6_555 ? ? ? ? ? ? ? 2.117 ? ? 
# 
_struct_conn_type.id          metalc 
_struct_conn_type.criteria    ? 
_struct_conn_type.reference   ? 
# 
loop_
_pdbx_struct_conn_angle.id 
_pdbx_struct_conn_angle.ptnr1_label_atom_id 
_pdbx_struct_conn_angle.ptnr1_label_alt_id 
_pdbx_struct_conn_angle.ptnr1_label_asym_id 
_pdbx_struct_conn_angle.ptnr1_label_comp_id 
_pdbx_struct_conn_angle.ptnr1_label_seq_id 
_pdbx_struct_conn_angle.ptnr1_auth_atom_id 
_pdbx_struct_conn_angle.ptnr1_auth_asym_id 
_pdbx_struct_conn_angle.ptnr1_auth_comp_id 
_pdbx_struct_conn_angle.ptnr1_auth_seq_id 
_pdbx_struct_conn_angle.ptnr1_PDB_ins_code 
_pdbx_struct_conn_angle.ptnr1_symmetry 
_pdbx_struct_conn_angle.ptnr2_label_atom_id 
_pdbx_struct_conn_angle.ptnr2_label_alt_id 
_pdbx_struct_conn_angle.ptnr2_label_asym_id 
_pdbx_struct_conn_angle.ptnr2_label_comp_id 
_pdbx_struct_conn_angle.ptnr2_label_seq_id 
_pdbx_struct_conn_angle.ptnr2_auth_atom_id 
_pdbx_struct_conn_angle.ptnr2_auth_asym_id 
_pdbx_struct_conn_angle.ptnr2_auth_comp_id 
_pdbx_struct_conn_angle.ptnr2_auth_seq_id 
_pdbx_struct_conn_angle.ptnr2_PDB_ins_code 
_pdbx_struct_conn_angle.ptnr2_symmetry 
_pdbx_struct_conn_angle.ptnr3_label_atom_id 
_pdbx_struct_conn_angle.ptnr3_label_alt_id 
_pdbx_struct_conn_angle.ptnr3_label_asym_id 
_pdbx_struct_conn_angle.ptnr3_label_comp_id 
_pdbx_struct_conn_angle.ptnr3_label_seq_id 
_pdbx_struct_conn_angle.ptnr3_auth_atom_id 
_pdbx_struct_conn_angle.ptnr3_auth_asym_id 
_pdbx_struct_conn_angle.ptnr3_auth_comp_id 
_pdbx_struct_conn_angle.ptnr3_auth_seq_id 
_pdbx_struct_conn_angle.ptnr3_PDB_ins_code 
_pdbx_struct_conn_angle.ptnr3_symmetry 
_pdbx_struct_conn_angle.value 
_pdbx_struct_conn_angle.value_esd 
1 OD2 ? A ASP 54  ? A ASP 205 ? 1_555 CA ? C CA . ? A CA 402 ? 1_555 OE1 ? A GLU 165 ? A GLU 316 ? 1_555 52.3  ? 
2 OD2 ? A ASP 54  ? A ASP 205 ? 1_555 CA ? C CA . ? A CA 402 ? 1_555 OE2 ? A GLU 165 ? A GLU 316 ? 1_555 112.7 ? 
3 OE1 ? A GLU 165 ? A GLU 316 ? 1_555 CA ? C CA . ? A CA 402 ? 1_555 OE2 ? A GLU 165 ? A GLU 316 ? 1_555 61.1  ? 
4 OD2 ? A ASP 54  ? A ASP 205 ? 1_555 CA ? C CA . ? A CA 402 ? 1_555 O   ? A VAL 190 ? A VAL 341 ? 1_555 106.2 ? 
5 OE1 ? A GLU 165 ? A GLU 316 ? 1_555 CA ? C CA . ? A CA 402 ? 1_555 O   ? A VAL 190 ? A VAL 341 ? 1_555 71.9  ? 
6 OE2 ? A GLU 165 ? A GLU 316 ? 1_555 CA ? C CA . ? A CA 402 ? 1_555 O   ? A VAL 190 ? A VAL 341 ? 1_555 38.8  ? 
# 
_struct_sheet.id               AA1 
_struct_sheet.type             ? 
_struct_sheet.number_strands   5 
_struct_sheet.details          ? 
# 
loop_
_struct_sheet_order.sheet_id 
_struct_sheet_order.range_id_1 
_struct_sheet_order.range_id_2 
_struct_sheet_order.offset 
_struct_sheet_order.sense 
AA1 1 2 ? anti-parallel 
AA1 2 3 ? anti-parallel 
AA1 3 4 ? parallel      
AA1 4 5 ? parallel      
# 
loop_
_struct_sheet_range.sheet_id 
_struct_sheet_range.id 
_struct_sheet_range.beg_label_comp_id 
_struct_sheet_range.beg_label_asym_id 
_struct_sheet_range.beg_label_seq_id 
_struct_sheet_range.pdbx_beg_PDB_ins_code 
_struct_sheet_range.end_label_comp_id 
_struct_sheet_range.end_label_asym_id 
_struct_sheet_range.end_label_seq_id 
_struct_sheet_range.pdbx_end_PDB_ins_code 
_struct_sheet_range.beg_auth_comp_id 
_struct_sheet_range.beg_auth_asym_id 
_struct_sheet_range.beg_auth_seq_id 
_struct_sheet_range.end_auth_comp_id 
_struct_sheet_range.end_auth_asym_id 
_struct_sheet_range.end_auth_seq_id 
AA1 1 ILE A 68  ? LYS A 73  ? ILE A 219 LYS A 224 
AA1 2 SER A 92  ? GLU A 98  ? SER A 243 GLU A 249 
AA1 3 GLN A 101 ? TYR A 110 ? GLN A 252 TYR A 261 
AA1 4 LEU A 47  ? PRO A 52  ? LEU A 198 PRO A 203 
AA1 5 CYS A 158 ? TYR A 163 ? CYS A 309 TYR A 314 
# 
loop_
_pdbx_struct_sheet_hbond.sheet_id 
_pdbx_struct_sheet_hbond.range_id_1 
_pdbx_struct_sheet_hbond.range_id_2 
_pdbx_struct_sheet_hbond.range_1_label_atom_id 
_pdbx_struct_sheet_hbond.range_1_label_comp_id 
_pdbx_struct_sheet_hbond.range_1_label_asym_id 
_pdbx_struct_sheet_hbond.range_1_label_seq_id 
_pdbx_struct_sheet_hbond.range_1_PDB_ins_code 
_pdbx_struct_sheet_hbond.range_1_auth_atom_id 
_pdbx_struct_sheet_hbond.range_1_auth_comp_id 
_pdbx_struct_sheet_hbond.range_1_auth_asym_id 
_pdbx_struct_sheet_hbond.range_1_auth_seq_id 
_pdbx_struct_sheet_hbond.range_2_label_atom_id 
_pdbx_struct_sheet_hbond.range_2_label_comp_id 
_pdbx_struct_sheet_hbond.range_2_label_asym_id 
_pdbx_struct_sheet_hbond.range_2_label_seq_id 
_pdbx_struct_sheet_hbond.range_2_PDB_ins_code 
_pdbx_struct_sheet_hbond.range_2_auth_atom_id 
_pdbx_struct_sheet_hbond.range_2_auth_comp_id 
_pdbx_struct_sheet_hbond.range_2_auth_asym_id 
_pdbx_struct_sheet_hbond.range_2_auth_seq_id 
AA1 1 2 N ASP A 72  ? N ASP A 223 O ILE A 93  ? O ILE A 244 
AA1 2 3 N TYR A 94  ? N TYR A 245 O CYS A 106 ? O CYS A 257 
AA1 3 4 O GLU A 109 ? O GLU A 260 N LEU A 50  ? N LEU A 201 
AA1 4 5 N LEU A 51  ? N LEU A 202 O ILE A 161 ? O ILE A 312 
# 
_pdbx_entry_details.entry_id                   8Z37 
_pdbx_entry_details.has_ligand_of_interest     Y 
_pdbx_entry_details.compound_details           ? 
_pdbx_entry_details.source_details             ? 
_pdbx_entry_details.nonpolymer_details         ? 
_pdbx_entry_details.sequence_details           ? 
_pdbx_entry_details.has_protein_modification   N 
# 
_pdbx_validate_close_contact.id               1 
_pdbx_validate_close_contact.PDB_model_num    1 
_pdbx_validate_close_contact.auth_atom_id_1   OD2 
_pdbx_validate_close_contact.auth_asym_id_1   A 
_pdbx_validate_close_contact.auth_comp_id_1   ASP 
_pdbx_validate_close_contact.auth_seq_id_1    205 
_pdbx_validate_close_contact.PDB_ins_code_1   ? 
_pdbx_validate_close_contact.label_alt_id_1   ? 
_pdbx_validate_close_contact.auth_atom_id_2   OE1 
_pdbx_validate_close_contact.auth_asym_id_2   A 
_pdbx_validate_close_contact.auth_comp_id_2   GLU 
_pdbx_validate_close_contact.auth_seq_id_2    316 
_pdbx_validate_close_contact.PDB_ins_code_2   ? 
_pdbx_validate_close_contact.label_alt_id_2   ? 
_pdbx_validate_close_contact.dist             2.12 
# 
loop_
_pdbx_validate_rmsd_angle.id 
_pdbx_validate_rmsd_angle.PDB_model_num 
_pdbx_validate_rmsd_angle.auth_atom_id_1 
_pdbx_validate_rmsd_angle.auth_asym_id_1 
_pdbx_validate_rmsd_angle.auth_comp_id_1 
_pdbx_validate_rmsd_angle.auth_seq_id_1 
_pdbx_validate_rmsd_angle.PDB_ins_code_1 
_pdbx_validate_rmsd_angle.label_alt_id_1 
_pdbx_validate_rmsd_angle.auth_atom_id_2 
_pdbx_validate_rmsd_angle.auth_asym_id_2 
_pdbx_validate_rmsd_angle.auth_comp_id_2 
_pdbx_validate_rmsd_angle.auth_seq_id_2 
_pdbx_validate_rmsd_angle.PDB_ins_code_2 
_pdbx_validate_rmsd_angle.label_alt_id_2 
_pdbx_validate_rmsd_angle.auth_atom_id_3 
_pdbx_validate_rmsd_angle.auth_asym_id_3 
_pdbx_validate_rmsd_angle.auth_comp_id_3 
_pdbx_validate_rmsd_angle.auth_seq_id_3 
_pdbx_validate_rmsd_angle.PDB_ins_code_3 
_pdbx_validate_rmsd_angle.label_alt_id_3 
_pdbx_validate_rmsd_angle.angle_value 
_pdbx_validate_rmsd_angle.angle_target_value 
_pdbx_validate_rmsd_angle.angle_deviation 
_pdbx_validate_rmsd_angle.angle_standard_deviation 
_pdbx_validate_rmsd_angle.linker_flag 
1 1 CA A CYS 257 ? ? CB A CYS 257 ? ? SG A CYS 257 ? ? 122.58 114.20 8.38  1.10 N 
2 1 CG A ARG 331 ? ? CD A ARG 331 ? ? NE A ARG 331 ? ? 131.77 111.80 19.97 2.10 N 
# 
loop_
_pdbx_validate_torsion.id 
_pdbx_validate_torsion.PDB_model_num 
_pdbx_validate_torsion.auth_comp_id 
_pdbx_validate_torsion.auth_asym_id 
_pdbx_validate_torsion.auth_seq_id 
_pdbx_validate_torsion.PDB_ins_code 
_pdbx_validate_torsion.label_alt_id 
_pdbx_validate_torsion.phi 
_pdbx_validate_torsion.psi 
1 1 TYR A 167 ? ? -135.81 -59.40 
2 1 CYS A 206 ? ? 49.93   25.49  
3 1 ASP A 216 ? ? -164.34 114.97 
4 1 CYS A 257 ? ? -171.67 131.48 
# 
_pdbx_validate_peptide_omega.id               1 
_pdbx_validate_peptide_omega.PDB_model_num    1 
_pdbx_validate_peptide_omega.auth_comp_id_1   THR 
_pdbx_validate_peptide_omega.auth_asym_id_1   A 
_pdbx_validate_peptide_omega.auth_seq_id_1    256 
_pdbx_validate_peptide_omega.PDB_ins_code_1   ? 
_pdbx_validate_peptide_omega.label_alt_id_1   ? 
_pdbx_validate_peptide_omega.auth_comp_id_2   CYS 
_pdbx_validate_peptide_omega.auth_asym_id_2   A 
_pdbx_validate_peptide_omega.auth_seq_id_2    257 
_pdbx_validate_peptide_omega.PDB_ins_code_2   ? 
_pdbx_validate_peptide_omega.label_alt_id_2   ? 
_pdbx_validate_peptide_omega.omega            -144.63 
# 
loop_
_pdbx_struct_special_symmetry.id 
_pdbx_struct_special_symmetry.PDB_model_num 
_pdbx_struct_special_symmetry.auth_asym_id 
_pdbx_struct_special_symmetry.auth_comp_id 
_pdbx_struct_special_symmetry.auth_seq_id 
_pdbx_struct_special_symmetry.PDB_ins_code 
_pdbx_struct_special_symmetry.label_asym_id 
_pdbx_struct_special_symmetry.label_comp_id 
_pdbx_struct_special_symmetry.label_seq_id 
1 1 A CL  401 ? B CL  . 
2 1 A HOH 508 ? E HOH . 
3 1 A HOH 528 ? E HOH . 
# 
loop_
_pdbx_distant_solvent_atoms.id 
_pdbx_distant_solvent_atoms.PDB_model_num 
_pdbx_distant_solvent_atoms.auth_atom_id 
_pdbx_distant_solvent_atoms.label_alt_id 
_pdbx_distant_solvent_atoms.auth_asym_id 
_pdbx_distant_solvent_atoms.auth_comp_id 
_pdbx_distant_solvent_atoms.auth_seq_id 
_pdbx_distant_solvent_atoms.PDB_ins_code 
_pdbx_distant_solvent_atoms.neighbor_macromolecule_distance 
_pdbx_distant_solvent_atoms.neighbor_ligand_distance 
1 1 O ? A HOH 528 ? 6.63 . 
2 1 O ? A HOH 529 ? 7.04 . 
3 1 O ? A HOH 530 ? 8.87 . 
# 
loop_
_pdbx_unobs_or_zero_occ_residues.id 
_pdbx_unobs_or_zero_occ_residues.PDB_model_num 
_pdbx_unobs_or_zero_occ_residues.polymer_flag 
_pdbx_unobs_or_zero_occ_residues.occupancy_flag 
_pdbx_unobs_or_zero_occ_residues.auth_asym_id 
_pdbx_unobs_or_zero_occ_residues.auth_comp_id 
_pdbx_unobs_or_zero_occ_residues.auth_seq_id 
_pdbx_unobs_or_zero_occ_residues.PDB_ins_code 
_pdbx_unobs_or_zero_occ_residues.label_asym_id 
_pdbx_unobs_or_zero_occ_residues.label_comp_id 
_pdbx_unobs_or_zero_occ_residues.label_seq_id 
1  1 Y 1 A GLN 228 ? A GLN 77  
2  1 Y 1 A THR 229 ? A THR 78  
3  1 Y 1 A GLY 230 ? A GLY 79  
4  1 Y 1 A ASP 231 ? A ASP 80  
5  1 Y 1 A HIS 232 ? A HIS 81  
6  1 Y 1 A ALA 233 ? A ALA 82  
7  1 Y 1 A GLY 234 ? A GLY 83  
8  1 Y 1 A ILE 235 ? A ILE 84  
9  1 Y 1 A LYS 236 ? A LYS 85  
10 1 Y 1 A ASP 237 ? A ASP 86  
11 1 Y 1 A ARG 238 ? A ARG 87  
12 1 Y 1 A VAL 239 ? A VAL 88  
13 1 Y 1 A ASP 319 ? A ASP 168 
14 1 Y 1 A ASP 320 ? A ASP 169 
# 
loop_
_chem_comp_atom.comp_id 
_chem_comp_atom.atom_id 
_chem_comp_atom.type_symbol 
_chem_comp_atom.pdbx_aromatic_flag 
_chem_comp_atom.pdbx_stereo_config 
_chem_comp_atom.pdbx_ordinal 
ALA N    N  N N 1   
ALA CA   C  N S 2   
ALA C    C  N N 3   
ALA O    O  N N 4   
ALA CB   C  N N 5   
ALA OXT  O  N N 6   
ALA H    H  N N 7   
ALA H2   H  N N 8   
ALA HA   H  N N 9   
ALA HB1  H  N N 10  
ALA HB2  H  N N 11  
ALA HB3  H  N N 12  
ALA HXT  H  N N 13  
ARG N    N  N N 14  
ARG CA   C  N S 15  
ARG C    C  N N 16  
ARG O    O  N N 17  
ARG CB   C  N N 18  
ARG CG   C  N N 19  
ARG CD   C  N N 20  
ARG NE   N  N N 21  
ARG CZ   C  N N 22  
ARG NH1  N  N N 23  
ARG NH2  N  N N 24  
ARG OXT  O  N N 25  
ARG H    H  N N 26  
ARG H2   H  N N 27  
ARG HA   H  N N 28  
ARG HB2  H  N N 29  
ARG HB3  H  N N 30  
ARG HG2  H  N N 31  
ARG HG3  H  N N 32  
ARG HD2  H  N N 33  
ARG HD3  H  N N 34  
ARG HE   H  N N 35  
ARG HH11 H  N N 36  
ARG HH12 H  N N 37  
ARG HH21 H  N N 38  
ARG HH22 H  N N 39  
ARG HXT  H  N N 40  
ASN N    N  N N 41  
ASN CA   C  N S 42  
ASN C    C  N N 43  
ASN O    O  N N 44  
ASN CB   C  N N 45  
ASN CG   C  N N 46  
ASN OD1  O  N N 47  
ASN ND2  N  N N 48  
ASN OXT  O  N N 49  
ASN H    H  N N 50  
ASN H2   H  N N 51  
ASN HA   H  N N 52  
ASN HB2  H  N N 53  
ASN HB3  H  N N 54  
ASN HD21 H  N N 55  
ASN HD22 H  N N 56  
ASN HXT  H  N N 57  
ASP N    N  N N 58  
ASP CA   C  N S 59  
ASP C    C  N N 60  
ASP O    O  N N 61  
ASP CB   C  N N 62  
ASP CG   C  N N 63  
ASP OD1  O  N N 64  
ASP OD2  O  N N 65  
ASP OXT  O  N N 66  
ASP H    H  N N 67  
ASP H2   H  N N 68  
ASP HA   H  N N 69  
ASP HB2  H  N N 70  
ASP HB3  H  N N 71  
ASP HD2  H  N N 72  
ASP HXT  H  N N 73  
CA  CA   CA N N 74  
CL  CL   CL N N 75  
CYS N    N  N N 76  
CYS CA   C  N R 77  
CYS C    C  N N 78  
CYS O    O  N N 79  
CYS CB   C  N N 80  
CYS SG   S  N N 81  
CYS OXT  O  N N 82  
CYS H    H  N N 83  
CYS H2   H  N N 84  
CYS HA   H  N N 85  
CYS HB2  H  N N 86  
CYS HB3  H  N N 87  
CYS HG   H  N N 88  
CYS HXT  H  N N 89  
GLN N    N  N N 90  
GLN CA   C  N S 91  
GLN C    C  N N 92  
GLN O    O  N N 93  
GLN CB   C  N N 94  
GLN CG   C  N N 95  
GLN CD   C  N N 96  
GLN OE1  O  N N 97  
GLN NE2  N  N N 98  
GLN OXT  O  N N 99  
GLN H    H  N N 100 
GLN H2   H  N N 101 
GLN HA   H  N N 102 
GLN HB2  H  N N 103 
GLN HB3  H  N N 104 
GLN HG2  H  N N 105 
GLN HG3  H  N N 106 
GLN HE21 H  N N 107 
GLN HE22 H  N N 108 
GLN HXT  H  N N 109 
GLU N    N  N N 110 
GLU CA   C  N S 111 
GLU C    C  N N 112 
GLU O    O  N N 113 
GLU CB   C  N N 114 
GLU CG   C  N N 115 
GLU CD   C  N N 116 
GLU OE1  O  N N 117 
GLU OE2  O  N N 118 
GLU OXT  O  N N 119 
GLU H    H  N N 120 
GLU H2   H  N N 121 
GLU HA   H  N N 122 
GLU HB2  H  N N 123 
GLU HB3  H  N N 124 
GLU HG2  H  N N 125 
GLU HG3  H  N N 126 
GLU HE2  H  N N 127 
GLU HXT  H  N N 128 
GLY N    N  N N 129 
GLY CA   C  N N 130 
GLY C    C  N N 131 
GLY O    O  N N 132 
GLY OXT  O  N N 133 
GLY H    H  N N 134 
GLY H2   H  N N 135 
GLY HA2  H  N N 136 
GLY HA3  H  N N 137 
GLY HXT  H  N N 138 
HIS N    N  N N 139 
HIS CA   C  N S 140 
HIS C    C  N N 141 
HIS O    O  N N 142 
HIS CB   C  N N 143 
HIS CG   C  Y N 144 
HIS ND1  N  Y N 145 
HIS CD2  C  Y N 146 
HIS CE1  C  Y N 147 
HIS NE2  N  Y N 148 
HIS OXT  O  N N 149 
HIS H    H  N N 150 
HIS H2   H  N N 151 
HIS HA   H  N N 152 
HIS HB2  H  N N 153 
HIS HB3  H  N N 154 
HIS HD1  H  N N 155 
HIS HD2  H  N N 156 
HIS HE1  H  N N 157 
HIS HE2  H  N N 158 
HIS HXT  H  N N 159 
HOH O    O  N N 160 
HOH H1   H  N N 161 
HOH H2   H  N N 162 
ILE N    N  N N 163 
ILE CA   C  N S 164 
ILE C    C  N N 165 
ILE O    O  N N 166 
ILE CB   C  N S 167 
ILE CG1  C  N N 168 
ILE CG2  C  N N 169 
ILE CD1  C  N N 170 
ILE OXT  O  N N 171 
ILE H    H  N N 172 
ILE H2   H  N N 173 
ILE HA   H  N N 174 
ILE HB   H  N N 175 
ILE HG12 H  N N 176 
ILE HG13 H  N N 177 
ILE HG21 H  N N 178 
ILE HG22 H  N N 179 
ILE HG23 H  N N 180 
ILE HD11 H  N N 181 
ILE HD12 H  N N 182 
ILE HD13 H  N N 183 
ILE HXT  H  N N 184 
LEU N    N  N N 185 
LEU CA   C  N S 186 
LEU C    C  N N 187 
LEU O    O  N N 188 
LEU CB   C  N N 189 
LEU CG   C  N N 190 
LEU CD1  C  N N 191 
LEU CD2  C  N N 192 
LEU OXT  O  N N 193 
LEU H    H  N N 194 
LEU H2   H  N N 195 
LEU HA   H  N N 196 
LEU HB2  H  N N 197 
LEU HB3  H  N N 198 
LEU HG   H  N N 199 
LEU HD11 H  N N 200 
LEU HD12 H  N N 201 
LEU HD13 H  N N 202 
LEU HD21 H  N N 203 
LEU HD22 H  N N 204 
LEU HD23 H  N N 205 
LEU HXT  H  N N 206 
LYS N    N  N N 207 
LYS CA   C  N S 208 
LYS C    C  N N 209 
LYS O    O  N N 210 
LYS CB   C  N N 211 
LYS CG   C  N N 212 
LYS CD   C  N N 213 
LYS CE   C  N N 214 
LYS NZ   N  N N 215 
LYS OXT  O  N N 216 
LYS H    H  N N 217 
LYS H2   H  N N 218 
LYS HA   H  N N 219 
LYS HB2  H  N N 220 
LYS HB3  H  N N 221 
LYS HG2  H  N N 222 
LYS HG3  H  N N 223 
LYS HD2  H  N N 224 
LYS HD3  H  N N 225 
LYS HE2  H  N N 226 
LYS HE3  H  N N 227 
LYS HZ1  H  N N 228 
LYS HZ2  H  N N 229 
LYS HZ3  H  N N 230 
LYS HXT  H  N N 231 
MET N    N  N N 232 
MET CA   C  N S 233 
MET C    C  N N 234 
MET O    O  N N 235 
MET CB   C  N N 236 
MET CG   C  N N 237 
MET SD   S  N N 238 
MET CE   C  N N 239 
MET OXT  O  N N 240 
MET H    H  N N 241 
MET H2   H  N N 242 
MET HA   H  N N 243 
MET HB2  H  N N 244 
MET HB3  H  N N 245 
MET HG2  H  N N 246 
MET HG3  H  N N 247 
MET HE1  H  N N 248 
MET HE2  H  N N 249 
MET HE3  H  N N 250 
MET HXT  H  N N 251 
PHE N    N  N N 252 
PHE CA   C  N S 253 
PHE C    C  N N 254 
PHE O    O  N N 255 
PHE CB   C  N N 256 
PHE CG   C  Y N 257 
PHE CD1  C  Y N 258 
PHE CD2  C  Y N 259 
PHE CE1  C  Y N 260 
PHE CE2  C  Y N 261 
PHE CZ   C  Y N 262 
PHE OXT  O  N N 263 
PHE H    H  N N 264 
PHE H2   H  N N 265 
PHE HA   H  N N 266 
PHE HB2  H  N N 267 
PHE HB3  H  N N 268 
PHE HD1  H  N N 269 
PHE HD2  H  N N 270 
PHE HE1  H  N N 271 
PHE HE2  H  N N 272 
PHE HZ   H  N N 273 
PHE HXT  H  N N 274 
PRO N    N  N N 275 
PRO CA   C  N S 276 
PRO C    C  N N 277 
PRO O    O  N N 278 
PRO CB   C  N N 279 
PRO CG   C  N N 280 
PRO CD   C  N N 281 
PRO OXT  O  N N 282 
PRO H    H  N N 283 
PRO HA   H  N N 284 
PRO HB2  H  N N 285 
PRO HB3  H  N N 286 
PRO HG2  H  N N 287 
PRO HG3  H  N N 288 
PRO HD2  H  N N 289 
PRO HD3  H  N N 290 
PRO HXT  H  N N 291 
SER N    N  N N 292 
SER CA   C  N S 293 
SER C    C  N N 294 
SER O    O  N N 295 
SER CB   C  N N 296 
SER OG   O  N N 297 
SER OXT  O  N N 298 
SER H    H  N N 299 
SER H2   H  N N 300 
SER HA   H  N N 301 
SER HB2  H  N N 302 
SER HB3  H  N N 303 
SER HG   H  N N 304 
SER HXT  H  N N 305 
THR N    N  N N 306 
THR CA   C  N S 307 
THR C    C  N N 308 
THR O    O  N N 309 
THR CB   C  N R 310 
THR OG1  O  N N 311 
THR CG2  C  N N 312 
THR OXT  O  N N 313 
THR H    H  N N 314 
THR H2   H  N N 315 
THR HA   H  N N 316 
THR HB   H  N N 317 
THR HG1  H  N N 318 
THR HG21 H  N N 319 
THR HG22 H  N N 320 
THR HG23 H  N N 321 
THR HXT  H  N N 322 
TRP N    N  N N 323 
TRP CA   C  N S 324 
TRP C    C  N N 325 
TRP O    O  N N 326 
TRP CB   C  N N 327 
TRP CG   C  Y N 328 
TRP CD1  C  Y N 329 
TRP CD2  C  Y N 330 
TRP NE1  N  Y N 331 
TRP CE2  C  Y N 332 
TRP CE3  C  Y N 333 
TRP CZ2  C  Y N 334 
TRP CZ3  C  Y N 335 
TRP CH2  C  Y N 336 
TRP OXT  O  N N 337 
TRP H    H  N N 338 
TRP H2   H  N N 339 
TRP HA   H  N N 340 
TRP HB2  H  N N 341 
TRP HB3  H  N N 342 
TRP HD1  H  N N 343 
TRP HE1  H  N N 344 
TRP HE3  H  N N 345 
TRP HZ2  H  N N 346 
TRP HZ3  H  N N 347 
TRP HH2  H  N N 348 
TRP HXT  H  N N 349 
TYR N    N  N N 350 
TYR CA   C  N S 351 
TYR C    C  N N 352 
TYR O    O  N N 353 
TYR CB   C  N N 354 
TYR CG   C  Y N 355 
TYR CD1  C  Y N 356 
TYR CD2  C  Y N 357 
TYR CE1  C  Y N 358 
TYR CE2  C  Y N 359 
TYR CZ   C  Y N 360 
TYR OH   O  N N 361 
TYR OXT  O  N N 362 
TYR H    H  N N 363 
TYR H2   H  N N 364 
TYR HA   H  N N 365 
TYR HB2  H  N N 366 
TYR HB3  H  N N 367 
TYR HD1  H  N N 368 
TYR HD2  H  N N 369 
TYR HE1  H  N N 370 
TYR HE2  H  N N 371 
TYR HH   H  N N 372 
TYR HXT  H  N N 373 
VAL N    N  N N 374 
VAL CA   C  N S 375 
VAL C    C  N N 376 
VAL O    O  N N 377 
VAL CB   C  N N 378 
VAL CG1  C  N N 379 
VAL CG2  C  N N 380 
VAL OXT  O  N N 381 
VAL H    H  N N 382 
VAL H2   H  N N 383 
VAL HA   H  N N 384 
VAL HB   H  N N 385 
VAL HG11 H  N N 386 
VAL HG12 H  N N 387 
VAL HG13 H  N N 388 
VAL HG21 H  N N 389 
VAL HG22 H  N N 390 
VAL HG23 H  N N 391 
VAL HXT  H  N N 392 
Y4T C1   C  N N 393 
Y4T O1   O  N N 394 
Y4T C2   C  N N 395 
Y4T C7   C  Y N 396 
Y4T C8   C  Y N 397 
Y4T C3   C  N N 398 
Y4T C4   C  Y N 399 
Y4T C5   C  Y N 400 
Y4T C6   C  Y N 401 
Y4T C9   C  Y N 402 
Y4T C10  C  Y N 403 
Y4T C11  C  Y N 404 
Y4T C12  C  Y N 405 
Y4T C13  C  Y N 406 
Y4T C14  C  N N 407 
Y4T C15  C  N N 408 
Y4T C16  C  N N 409 
Y4T C17  C  Y N 410 
Y4T C18  C  Y N 411 
Y4T O2   O  N N 412 
Y4T H1   H  N N 413 
Y4T H2   H  N N 414 
Y4T H3   H  N N 415 
Y4T H4   H  N N 416 
Y4T H5   H  N N 417 
Y4T H6   H  N N 418 
Y4T H7   H  N N 419 
Y4T H8   H  N N 420 
Y4T H9   H  N N 421 
Y4T H10  H  N N 422 
Y4T H11  H  N N 423 
Y4T H12  H  N N 424 
Y4T H13  H  N N 425 
Y4T H14  H  N N 426 
Y4T H15  H  N N 427 
Y4T H16  H  N N 428 
Y4T H17  H  N N 429 
Y4T H18  H  N N 430 
# 
loop_
_chem_comp_bond.comp_id 
_chem_comp_bond.atom_id_1 
_chem_comp_bond.atom_id_2 
_chem_comp_bond.value_order 
_chem_comp_bond.pdbx_aromatic_flag 
_chem_comp_bond.pdbx_stereo_config 
_chem_comp_bond.pdbx_ordinal 
ALA N   CA   sing N N 1   
ALA N   H    sing N N 2   
ALA N   H2   sing N N 3   
ALA CA  C    sing N N 4   
ALA CA  CB   sing N N 5   
ALA CA  HA   sing N N 6   
ALA C   O    doub N N 7   
ALA C   OXT  sing N N 8   
ALA CB  HB1  sing N N 9   
ALA CB  HB2  sing N N 10  
ALA CB  HB3  sing N N 11  
ALA OXT HXT  sing N N 12  
ARG N   CA   sing N N 13  
ARG N   H    sing N N 14  
ARG N   H2   sing N N 15  
ARG CA  C    sing N N 16  
ARG CA  CB   sing N N 17  
ARG CA  HA   sing N N 18  
ARG C   O    doub N N 19  
ARG C   OXT  sing N N 20  
ARG CB  CG   sing N N 21  
ARG CB  HB2  sing N N 22  
ARG CB  HB3  sing N N 23  
ARG CG  CD   sing N N 24  
ARG CG  HG2  sing N N 25  
ARG CG  HG3  sing N N 26  
ARG CD  NE   sing N N 27  
ARG CD  HD2  sing N N 28  
ARG CD  HD3  sing N N 29  
ARG NE  CZ   sing N N 30  
ARG NE  HE   sing N N 31  
ARG CZ  NH1  sing N N 32  
ARG CZ  NH2  doub N N 33  
ARG NH1 HH11 sing N N 34  
ARG NH1 HH12 sing N N 35  
ARG NH2 HH21 sing N N 36  
ARG NH2 HH22 sing N N 37  
ARG OXT HXT  sing N N 38  
ASN N   CA   sing N N 39  
ASN N   H    sing N N 40  
ASN N   H2   sing N N 41  
ASN CA  C    sing N N 42  
ASN CA  CB   sing N N 43  
ASN CA  HA   sing N N 44  
ASN C   O    doub N N 45  
ASN C   OXT  sing N N 46  
ASN CB  CG   sing N N 47  
ASN CB  HB2  sing N N 48  
ASN CB  HB3  sing N N 49  
ASN CG  OD1  doub N N 50  
ASN CG  ND2  sing N N 51  
ASN ND2 HD21 sing N N 52  
ASN ND2 HD22 sing N N 53  
ASN OXT HXT  sing N N 54  
ASP N   CA   sing N N 55  
ASP N   H    sing N N 56  
ASP N   H2   sing N N 57  
ASP CA  C    sing N N 58  
ASP CA  CB   sing N N 59  
ASP CA  HA   sing N N 60  
ASP C   O    doub N N 61  
ASP C   OXT  sing N N 62  
ASP CB  CG   sing N N 63  
ASP CB  HB2  sing N N 64  
ASP CB  HB3  sing N N 65  
ASP CG  OD1  doub N N 66  
ASP CG  OD2  sing N N 67  
ASP OD2 HD2  sing N N 68  
ASP OXT HXT  sing N N 69  
CYS N   CA   sing N N 70  
CYS N   H    sing N N 71  
CYS N   H2   sing N N 72  
CYS CA  C    sing N N 73  
CYS CA  CB   sing N N 74  
CYS CA  HA   sing N N 75  
CYS C   O    doub N N 76  
CYS C   OXT  sing N N 77  
CYS CB  SG   sing N N 78  
CYS CB  HB2  sing N N 79  
CYS CB  HB3  sing N N 80  
CYS SG  HG   sing N N 81  
CYS OXT HXT  sing N N 82  
GLN N   CA   sing N N 83  
GLN N   H    sing N N 84  
GLN N   H2   sing N N 85  
GLN CA  C    sing N N 86  
GLN CA  CB   sing N N 87  
GLN CA  HA   sing N N 88  
GLN C   O    doub N N 89  
GLN C   OXT  sing N N 90  
GLN CB  CG   sing N N 91  
GLN CB  HB2  sing N N 92  
GLN CB  HB3  sing N N 93  
GLN CG  CD   sing N N 94  
GLN CG  HG2  sing N N 95  
GLN CG  HG3  sing N N 96  
GLN CD  OE1  doub N N 97  
GLN CD  NE2  sing N N 98  
GLN NE2 HE21 sing N N 99  
GLN NE2 HE22 sing N N 100 
GLN OXT HXT  sing N N 101 
GLU N   CA   sing N N 102 
GLU N   H    sing N N 103 
GLU N   H2   sing N N 104 
GLU CA  C    sing N N 105 
GLU CA  CB   sing N N 106 
GLU CA  HA   sing N N 107 
GLU C   O    doub N N 108 
GLU C   OXT  sing N N 109 
GLU CB  CG   sing N N 110 
GLU CB  HB2  sing N N 111 
GLU CB  HB3  sing N N 112 
GLU CG  CD   sing N N 113 
GLU CG  HG2  sing N N 114 
GLU CG  HG3  sing N N 115 
GLU CD  OE1  doub N N 116 
GLU CD  OE2  sing N N 117 
GLU OE2 HE2  sing N N 118 
GLU OXT HXT  sing N N 119 
GLY N   CA   sing N N 120 
GLY N   H    sing N N 121 
GLY N   H2   sing N N 122 
GLY CA  C    sing N N 123 
GLY CA  HA2  sing N N 124 
GLY CA  HA3  sing N N 125 
GLY C   O    doub N N 126 
GLY C   OXT  sing N N 127 
GLY OXT HXT  sing N N 128 
HIS N   CA   sing N N 129 
HIS N   H    sing N N 130 
HIS N   H2   sing N N 131 
HIS CA  C    sing N N 132 
HIS CA  CB   sing N N 133 
HIS CA  HA   sing N N 134 
HIS C   O    doub N N 135 
HIS C   OXT  sing N N 136 
HIS CB  CG   sing N N 137 
HIS CB  HB2  sing N N 138 
HIS CB  HB3  sing N N 139 
HIS CG  ND1  sing Y N 140 
HIS CG  CD2  doub Y N 141 
HIS ND1 CE1  doub Y N 142 
HIS ND1 HD1  sing N N 143 
HIS CD2 NE2  sing Y N 144 
HIS CD2 HD2  sing N N 145 
HIS CE1 NE2  sing Y N 146 
HIS CE1 HE1  sing N N 147 
HIS NE2 HE2  sing N N 148 
HIS OXT HXT  sing N N 149 
HOH O   H1   sing N N 150 
HOH O   H2   sing N N 151 
ILE N   CA   sing N N 152 
ILE N   H    sing N N 153 
ILE N   H2   sing N N 154 
ILE CA  C    sing N N 155 
ILE CA  CB   sing N N 156 
ILE CA  HA   sing N N 157 
ILE C   O    doub N N 158 
ILE C   OXT  sing N N 159 
ILE CB  CG1  sing N N 160 
ILE CB  CG2  sing N N 161 
ILE CB  HB   sing N N 162 
ILE CG1 CD1  sing N N 163 
ILE CG1 HG12 sing N N 164 
ILE CG1 HG13 sing N N 165 
ILE CG2 HG21 sing N N 166 
ILE CG2 HG22 sing N N 167 
ILE CG2 HG23 sing N N 168 
ILE CD1 HD11 sing N N 169 
ILE CD1 HD12 sing N N 170 
ILE CD1 HD13 sing N N 171 
ILE OXT HXT  sing N N 172 
LEU N   CA   sing N N 173 
LEU N   H    sing N N 174 
LEU N   H2   sing N N 175 
LEU CA  C    sing N N 176 
LEU CA  CB   sing N N 177 
LEU CA  HA   sing N N 178 
LEU C   O    doub N N 179 
LEU C   OXT  sing N N 180 
LEU CB  CG   sing N N 181 
LEU CB  HB2  sing N N 182 
LEU CB  HB3  sing N N 183 
LEU CG  CD1  sing N N 184 
LEU CG  CD2  sing N N 185 
LEU CG  HG   sing N N 186 
LEU CD1 HD11 sing N N 187 
LEU CD1 HD12 sing N N 188 
LEU CD1 HD13 sing N N 189 
LEU CD2 HD21 sing N N 190 
LEU CD2 HD22 sing N N 191 
LEU CD2 HD23 sing N N 192 
LEU OXT HXT  sing N N 193 
LYS N   CA   sing N N 194 
LYS N   H    sing N N 195 
LYS N   H2   sing N N 196 
LYS CA  C    sing N N 197 
LYS CA  CB   sing N N 198 
LYS CA  HA   sing N N 199 
LYS C   O    doub N N 200 
LYS C   OXT  sing N N 201 
LYS CB  CG   sing N N 202 
LYS CB  HB2  sing N N 203 
LYS CB  HB3  sing N N 204 
LYS CG  CD   sing N N 205 
LYS CG  HG2  sing N N 206 
LYS CG  HG3  sing N N 207 
LYS CD  CE   sing N N 208 
LYS CD  HD2  sing N N 209 
LYS CD  HD3  sing N N 210 
LYS CE  NZ   sing N N 211 
LYS CE  HE2  sing N N 212 
LYS CE  HE3  sing N N 213 
LYS NZ  HZ1  sing N N 214 
LYS NZ  HZ2  sing N N 215 
LYS NZ  HZ3  sing N N 216 
LYS OXT HXT  sing N N 217 
MET N   CA   sing N N 218 
MET N   H    sing N N 219 
MET N   H2   sing N N 220 
MET CA  C    sing N N 221 
MET CA  CB   sing N N 222 
MET CA  HA   sing N N 223 
MET C   O    doub N N 224 
MET C   OXT  sing N N 225 
MET CB  CG   sing N N 226 
MET CB  HB2  sing N N 227 
MET CB  HB3  sing N N 228 
MET CG  SD   sing N N 229 
MET CG  HG2  sing N N 230 
MET CG  HG3  sing N N 231 
MET SD  CE   sing N N 232 
MET CE  HE1  sing N N 233 
MET CE  HE2  sing N N 234 
MET CE  HE3  sing N N 235 
MET OXT HXT  sing N N 236 
PHE N   CA   sing N N 237 
PHE N   H    sing N N 238 
PHE N   H2   sing N N 239 
PHE CA  C    sing N N 240 
PHE CA  CB   sing N N 241 
PHE CA  HA   sing N N 242 
PHE C   O    doub N N 243 
PHE C   OXT  sing N N 244 
PHE CB  CG   sing N N 245 
PHE CB  HB2  sing N N 246 
PHE CB  HB3  sing N N 247 
PHE CG  CD1  doub Y N 248 
PHE CG  CD2  sing Y N 249 
PHE CD1 CE1  sing Y N 250 
PHE CD1 HD1  sing N N 251 
PHE CD2 CE2  doub Y N 252 
PHE CD2 HD2  sing N N 253 
PHE CE1 CZ   doub Y N 254 
PHE CE1 HE1  sing N N 255 
PHE CE2 CZ   sing Y N 256 
PHE CE2 HE2  sing N N 257 
PHE CZ  HZ   sing N N 258 
PHE OXT HXT  sing N N 259 
PRO N   CA   sing N N 260 
PRO N   CD   sing N N 261 
PRO N   H    sing N N 262 
PRO CA  C    sing N N 263 
PRO CA  CB   sing N N 264 
PRO CA  HA   sing N N 265 
PRO C   O    doub N N 266 
PRO C   OXT  sing N N 267 
PRO CB  CG   sing N N 268 
PRO CB  HB2  sing N N 269 
PRO CB  HB3  sing N N 270 
PRO CG  CD   sing N N 271 
PRO CG  HG2  sing N N 272 
PRO CG  HG3  sing N N 273 
PRO CD  HD2  sing N N 274 
PRO CD  HD3  sing N N 275 
PRO OXT HXT  sing N N 276 
SER N   CA   sing N N 277 
SER N   H    sing N N 278 
SER N   H2   sing N N 279 
SER CA  C    sing N N 280 
SER CA  CB   sing N N 281 
SER CA  HA   sing N N 282 
SER C   O    doub N N 283 
SER C   OXT  sing N N 284 
SER CB  OG   sing N N 285 
SER CB  HB2  sing N N 286 
SER CB  HB3  sing N N 287 
SER OG  HG   sing N N 288 
SER OXT HXT  sing N N 289 
THR N   CA   sing N N 290 
THR N   H    sing N N 291 
THR N   H2   sing N N 292 
THR CA  C    sing N N 293 
THR CA  CB   sing N N 294 
THR CA  HA   sing N N 295 
THR C   O    doub N N 296 
THR C   OXT  sing N N 297 
THR CB  OG1  sing N N 298 
THR CB  CG2  sing N N 299 
THR CB  HB   sing N N 300 
THR OG1 HG1  sing N N 301 
THR CG2 HG21 sing N N 302 
THR CG2 HG22 sing N N 303 
THR CG2 HG23 sing N N 304 
THR OXT HXT  sing N N 305 
TRP N   CA   sing N N 306 
TRP N   H    sing N N 307 
TRP N   H2   sing N N 308 
TRP CA  C    sing N N 309 
TRP CA  CB   sing N N 310 
TRP CA  HA   sing N N 311 
TRP C   O    doub N N 312 
TRP C   OXT  sing N N 313 
TRP CB  CG   sing N N 314 
TRP CB  HB2  sing N N 315 
TRP CB  HB3  sing N N 316 
TRP CG  CD1  doub Y N 317 
TRP CG  CD2  sing Y N 318 
TRP CD1 NE1  sing Y N 319 
TRP CD1 HD1  sing N N 320 
TRP CD2 CE2  doub Y N 321 
TRP CD2 CE3  sing Y N 322 
TRP NE1 CE2  sing Y N 323 
TRP NE1 HE1  sing N N 324 
TRP CE2 CZ2  sing Y N 325 
TRP CE3 CZ3  doub Y N 326 
TRP CE3 HE3  sing N N 327 
TRP CZ2 CH2  doub Y N 328 
TRP CZ2 HZ2  sing N N 329 
TRP CZ3 CH2  sing Y N 330 
TRP CZ3 HZ3  sing N N 331 
TRP CH2 HH2  sing N N 332 
TRP OXT HXT  sing N N 333 
TYR N   CA   sing N N 334 
TYR N   H    sing N N 335 
TYR N   H2   sing N N 336 
TYR CA  C    sing N N 337 
TYR CA  CB   sing N N 338 
TYR CA  HA   sing N N 339 
TYR C   O    doub N N 340 
TYR C   OXT  sing N N 341 
TYR CB  CG   sing N N 342 
TYR CB  HB2  sing N N 343 
TYR CB  HB3  sing N N 344 
TYR CG  CD1  doub Y N 345 
TYR CG  CD2  sing Y N 346 
TYR CD1 CE1  sing Y N 347 
TYR CD1 HD1  sing N N 348 
TYR CD2 CE2  doub Y N 349 
TYR CD2 HD2  sing N N 350 
TYR CE1 CZ   doub Y N 351 
TYR CE1 HE1  sing N N 352 
TYR CE2 CZ   sing Y N 353 
TYR CE2 HE2  sing N N 354 
TYR CZ  OH   sing N N 355 
TYR OH  HH   sing N N 356 
TYR OXT HXT  sing N N 357 
VAL N   CA   sing N N 358 
VAL N   H    sing N N 359 
VAL N   H2   sing N N 360 
VAL CA  C    sing N N 361 
VAL CA  CB   sing N N 362 
VAL CA  HA   sing N N 363 
VAL C   O    doub N N 364 
VAL C   OXT  sing N N 365 
VAL CB  CG1  sing N N 366 
VAL CB  CG2  sing N N 367 
VAL CB  HB   sing N N 368 
VAL CG1 HG11 sing N N 369 
VAL CG1 HG12 sing N N 370 
VAL CG1 HG13 sing N N 371 
VAL CG2 HG21 sing N N 372 
VAL CG2 HG22 sing N N 373 
VAL CG2 HG23 sing N N 374 
VAL OXT HXT  sing N N 375 
Y4T C16 C15  doub N N 376 
Y4T C15 C14  sing N N 377 
Y4T C14 C13  sing N N 378 
Y4T C3  C4   sing N N 379 
Y4T C3  C2   sing N N 380 
Y4T C13 C17  doub Y N 381 
Y4T C13 C12  sing Y N 382 
Y4T C17 C9   sing Y N 383 
Y4T C1  C2   doub N N 384 
Y4T C4  C18  doub Y N 385 
Y4T C4  C5   sing Y N 386 
Y4T C18 C8   sing Y N 387 
Y4T O2  C12  sing N N 388 
Y4T C12 C11  doub Y N 389 
Y4T C5  C6   doub Y N 390 
Y4T C9  C8   sing N N 391 
Y4T C9  C10  doub Y N 392 
Y4T C8  C7   doub Y N 393 
Y4T C6  C7   sing Y N 394 
Y4T C7  O1   sing N N 395 
Y4T C11 C10  sing Y N 396 
Y4T C1  H1   sing N N 397 
Y4T C1  H2   sing N N 398 
Y4T O1  H3   sing N N 399 
Y4T C2  H4   sing N N 400 
Y4T C3  H5   sing N N 401 
Y4T C3  H6   sing N N 402 
Y4T C5  H7   sing N N 403 
Y4T C6  H8   sing N N 404 
Y4T C10 H9   sing N N 405 
Y4T C11 H10  sing N N 406 
Y4T C14 H11  sing N N 407 
Y4T C14 H12  sing N N 408 
Y4T C15 H13  sing N N 409 
Y4T C16 H14  sing N N 410 
Y4T C16 H15  sing N N 411 
Y4T C17 H16  sing N N 412 
Y4T C18 H17  sing N N 413 
Y4T O2  H18  sing N N 414 
# 
_pdbx_audit_support.funding_organization   'National Natural Science Foundation of China (NSFC)' 
_pdbx_audit_support.country                China 
_pdbx_audit_support.grant_number           92157104 
_pdbx_audit_support.ordinal                1 
# 
_atom_sites.entry_id                    8Z37 
_atom_sites.Cartn_transf_matrix[1][1]   ? 
_atom_sites.Cartn_transf_matrix[1][2]   ? 
_atom_sites.Cartn_transf_matrix[1][3]   ? 
_atom_sites.Cartn_transf_matrix[2][1]   ? 
_atom_sites.Cartn_transf_matrix[2][2]   ? 
_atom_sites.Cartn_transf_matrix[2][3]   ? 
_atom_sites.Cartn_transf_matrix[3][1]   ? 
_atom_sites.Cartn_transf_matrix[3][2]   ? 
_atom_sites.Cartn_transf_matrix[3][3]   ? 
_atom_sites.Cartn_transf_vector[1]      ? 
_atom_sites.Cartn_transf_vector[2]      ? 
_atom_sites.Cartn_transf_vector[3]      ? 
_atom_sites.Cartn_transform_axes        ? 
_atom_sites.fract_transf_matrix[1][1]   -0.01013163 
_atom_sites.fract_transf_matrix[1][2]   -0.00689339 
_atom_sites.fract_transf_matrix[1][3]   -0.00182168 
_atom_sites.fract_transf_matrix[2][1]   0.00464458 
_atom_sites.fract_transf_matrix[2][2]   -0.00440552 
_atom_sites.fract_transf_matrix[2][3]   -0.00916091 
_atom_sites.fract_transf_matrix[3][1]   0.00545711 
_atom_sites.fract_transf_matrix[3][2]   -0.01002596 
_atom_sites.fract_transf_matrix[3][3]   0.00758828 
_atom_sites.fract_transf_vector[1]      0.328456 
_atom_sites.fract_transf_vector[2]      0.264717 
_atom_sites.fract_transf_vector[3]      0.374939 
_atom_sites.solution_primary            ? 
_atom_sites.solution_secondary          ? 
_atom_sites.solution_hydrogens          ? 
_atom_sites.special_details             ? 
# 
loop_
_atom_type.symbol 
C  
CA 
CL 
N  
O  
S  
# 
loop_
_atom_site.group_PDB 
_atom_site.id 
_atom_site.type_symbol 
_atom_site.label_atom_id 
_atom_site.label_alt_id 
_atom_site.label_comp_id 
_atom_site.label_asym_id 
_atom_site.label_entity_id 
_atom_site.label_seq_id 
_atom_site.pdbx_PDB_ins_code 
_atom_site.Cartn_x 
_atom_site.Cartn_y 
_atom_site.Cartn_z 
_atom_site.occupancy 
_atom_site.B_iso_or_equiv 
_atom_site.pdbx_formal_charge 
_atom_site.auth_seq_id 
_atom_site.auth_comp_id 
_atom_site.auth_asym_id 
_atom_site.auth_atom_id 
_atom_site.pdbx_PDB_model_num 
ATOM   1    N  N   . ASN A 1 1   ? -23.613 8.630   10.091  1.00 105.97 ? 152 ASN A N   1 
ATOM   2    C  CA  . ASN A 1 1   ? -24.229 9.832   9.477   1.00 111.77 ? 152 ASN A CA  1 
ATOM   3    C  C   . ASN A 1 1   ? -23.367 10.313  8.315   1.00 107.54 ? 152 ASN A C   1 
ATOM   4    O  O   . ASN A 1 1   ? -22.516 11.162  8.579   1.00 109.96 ? 152 ASN A O   1 
ATOM   5    C  CB  . ASN A 1 1   ? -24.367 10.980  10.479  1.00 117.59 ? 152 ASN A CB  1 
ATOM   6    N  N   . PHE A 1 2   ? -23.650 9.848   7.094   1.00 105.37 ? 153 PHE A N   1 
ATOM   7    C  CA  . PHE A 1 2   ? -22.878 10.189  5.868   1.00 107.22 ? 153 PHE A CA  1 
ATOM   8    C  C   . PHE A 1 2   ? -21.404 9.909   6.076   1.00 99.64  ? 153 PHE A C   1 
ATOM   9    O  O   . PHE A 1 2   ? -20.673 10.834  6.156   1.00 97.93  ? 153 PHE A O   1 
ATOM   10   C  CB  . PHE A 1 2   ? -23.058 11.626  5.366   1.00 110.45 ? 153 PHE A CB  1 
ATOM   11   C  CG  . PHE A 1 2   ? -22.404 12.001  4.042   1.00 115.51 ? 153 PHE A CG  1 
ATOM   12   C  CD1 . PHE A 1 2   ? -21.225 11.427  3.599   1.00 103.33 ? 153 PHE A CD1 1 
ATOM   13   C  CD2 . PHE A 1 2   ? -22.938 12.997  3.238   1.00 120.40 ? 153 PHE A CD2 1 
ATOM   14   C  CE1 . PHE A 1 2   ? -20.630 11.825  2.413   1.00 95.83  ? 153 PHE A CE1 1 
ATOM   15   C  CE2 . PHE A 1 2   ? -22.337 13.388  2.047   1.00 113.04 ? 153 PHE A CE2 1 
ATOM   16   C  CZ  . PHE A 1 2   ? -21.184 12.797  1.630   1.00 95.42  ? 153 PHE A CZ  1 
ATOM   17   N  N   . ASN A 1 3   ? -21.025 8.686   6.368   1.00 79.00  ? 154 ASN A N   1 
ATOM   18   C  CA  . ASN A 1 3   ? -19.572 8.451   6.354   1.00 63.73  ? 154 ASN A CA  1 
ATOM   19   C  C   . ASN A 1 3   ? -19.308 7.552   5.155   1.00 55.78  ? 154 ASN A C   1 
ATOM   20   O  O   . ASN A 1 3   ? -19.543 6.422   5.269   1.00 59.72  ? 154 ASN A O   1 
ATOM   21   C  CB  . ASN A 1 3   ? -19.104 7.838   7.657   1.00 66.24  ? 154 ASN A CB  1 
ATOM   22   C  CG  . ASN A 1 3   ? -19.034 8.821   8.791   1.00 64.49  ? 154 ASN A CG  1 
ATOM   23   O  OD1 . ASN A 1 3   ? -18.337 9.800   8.738   1.00 64.47  ? 154 ASN A OD1 1 
ATOM   24   N  ND2 . ASN A 1 3   ? -19.728 8.535   9.852   1.00 70.35  ? 154 ASN A ND2 1 
ATOM   25   N  N   . VAL A 1 4   ? -18.807 8.052   4.043   1.00 47.27  ? 155 VAL A N   1 
ATOM   26   C  CA  . VAL A 1 4   ? -18.551 7.169   2.880   1.00 47.10  ? 155 VAL A CA  1 
ATOM   27   C  C   . VAL A 1 4   ? -17.407 6.207   3.140   1.00 45.47  ? 155 VAL A C   1 
ATOM   28   O  O   . VAL A 1 4   ? -17.324 5.265   2.506   1.00 44.01  ? 155 VAL A O   1 
ATOM   29   C  CB  . VAL A 1 4   ? -18.363 7.897   1.548   1.00 49.58  ? 155 VAL A CB  1 
ATOM   30   C  CG1 . VAL A 1 4   ? -19.620 8.536   1.068   1.00 55.50  ? 155 VAL A CG1 1 
ATOM   31   C  CG2 . VAL A 1 4   ? -17.239 8.877   1.567   1.00 48.81  ? 155 VAL A CG2 1 
ATOM   32   N  N   . ALA A 1 5   ? -16.482 6.555   3.975   1.00 47.49  ? 156 ALA A N   1 
ATOM   33   C  CA  . ALA A 1 5   ? -15.346 5.674   4.198   1.00 42.65  ? 156 ALA A CA  1 
ATOM   34   C  C   . ALA A 1 5   ? -15.787 4.317   4.696   1.00 47.36  ? 156 ALA A C   1 
ATOM   35   O  O   . ALA A 1 5   ? -15.063 3.420   4.486   1.00 36.73  ? 156 ALA A O   1 
ATOM   36   C  CB  . ALA A 1 5   ? -14.474 6.332   5.192   1.00 45.99  ? 156 ALA A CB  1 
ATOM   37   N  N   . HIS A 1 6   ? -16.903 4.238   5.407   1.00 49.40  ? 157 HIS A N   1 
ATOM   38   C  CA  . HIS A 1 6   ? -17.289 2.962   5.970   1.00 51.35  ? 157 HIS A CA  1 
ATOM   39   C  C   . HIS A 1 6   ? -17.526 1.946   4.854   1.00 49.65  ? 157 HIS A C   1 
ATOM   40   O  O   . HIS A 1 6   ? -16.895 0.884   4.819   1.00 47.17  ? 157 HIS A O   1 
ATOM   41   C  CB  . HIS A 1 6   ? -18.505 3.153   6.873   1.00 51.97  ? 157 HIS A CB  1 
ATOM   42   C  CG  . HIS A 1 6   ? -18.671 2.052   7.855   1.00 71.81  ? 157 HIS A CG  1 
ATOM   43   N  ND1 . HIS A 1 6   ? -17.996 2.013   9.059   1.00 77.02  ? 157 HIS A ND1 1 
ATOM   44   C  CD2 . HIS A 1 6   ? -19.386 0.908   7.783   1.00 74.68  ? 157 HIS A CD2 1 
ATOM   45   C  CE1 . HIS A 1 6   ? -18.313 0.900   9.697   1.00 80.50  ? 157 HIS A CE1 1 
ATOM   46   N  NE2 . HIS A 1 6   ? -19.138 0.206   8.936   1.00 76.57  ? 157 HIS A NE2 1 
ATOM   47   N  N   . GLY A 1 7   ? -18.366 2.292   3.878   1.00 44.61  ? 158 GLY A N   1 
ATOM   48   C  CA  . GLY A 1 7   ? -18.601 1.381   2.775   1.00 43.49  ? 158 GLY A CA  1 
ATOM   49   C  C   . GLY A 1 7   ? -17.416 1.219   1.846   1.00 41.19  ? 158 GLY A C   1 
ATOM   50   O  O   . GLY A 1 7   ? -17.234 0.150   1.256   1.00 40.92  ? 158 GLY A O   1 
ATOM   51   N  N   . LEU A 1 8   ? -16.612 2.279   1.665   1.00 37.91  ? 159 LEU A N   1 
ATOM   52   C  CA  . LEU A 1 8   ? -15.445 2.147   0.799   1.00 35.78  ? 159 LEU A CA  1 
ATOM   53   C  C   . LEU A 1 8   ? -14.473 1.122   1.371   1.00 39.03  ? 159 LEU A C   1 
ATOM   54   O  O   . LEU A 1 8   ? -13.929 0.292   0.634   1.00 38.26  ? 159 LEU A O   1 
ATOM   55   C  CB  . LEU A 1 8   ? -14.766 3.508   0.582   1.00 41.36  ? 159 LEU A CB  1 
ATOM   56   C  CG  . LEU A 1 8   ? -15.483 4.596   -0.250  1.00 45.27  ? 159 LEU A CG  1 
ATOM   57   C  CD1 . LEU A 1 8   ? -14.742 5.957   -0.154  1.00 40.93  ? 159 LEU A CD1 1 
ATOM   58   C  CD2 . LEU A 1 8   ? -15.656 4.187   -1.698  1.00 38.00  ? 159 LEU A CD2 1 
ATOM   59   N  N   . ALA A 1 9   ? -14.283 1.119   2.692   1.00 36.06  ? 160 ALA A N   1 
ATOM   60   C  CA  . ALA A 1 9   ? -13.346 0.176   3.281   1.00 38.80  ? 160 ALA A CA  1 
ATOM   61   C  C   . ALA A 1 9   ? -13.887 -1.242  3.192   1.00 40.29  ? 160 ALA A C   1 
ATOM   62   O  O   . ALA A 1 9   ? -13.219 -2.145  2.678   1.00 39.14  ? 160 ALA A O   1 
ATOM   63   C  CB  . ALA A 1 9   ? -13.050 0.566   4.728   1.00 40.71  ? 160 ALA A CB  1 
ATOM   64   N  N   . TRP A 1 10  ? -15.113 -1.458  3.663   1.00 40.72  ? 161 TRP A N   1 
ATOM   65   C  CA  . TRP A 1 10  ? -15.736 -2.767  3.514   1.00 39.72  ? 161 TRP A CA  1 
ATOM   66   C  C   . TRP A 1 10  ? -15.658 -3.261  2.085   1.00 38.21  ? 161 TRP A C   1 
ATOM   67   O  O   . TRP A 1 10  ? -15.320 -4.417  1.839   1.00 42.95  ? 161 TRP A O   1 
ATOM   68   C  CB  . TRP A 1 10  ? -17.175 -2.702  3.993   1.00 39.32  ? 161 TRP A CB  1 
ATOM   69   C  CG  . TRP A 1 10  ? -17.207 -2.974  5.427   1.00 47.06  ? 161 TRP A CG  1 
ATOM   70   C  CD1 . TRP A 1 10  ? -17.457 -2.092  6.422   1.00 46.95  ? 161 TRP A CD1 1 
ATOM   71   C  CD2 . TRP A 1 10  ? -16.897 -4.218  6.053   1.00 45.17  ? 161 TRP A CD2 1 
ATOM   72   N  NE1 . TRP A 1 10  ? -17.368 -2.713  7.631   1.00 51.76  ? 161 TRP A NE1 1 
ATOM   73   C  CE2 . TRP A 1 10  ? -17.022 -4.027  7.434   1.00 49.58  ? 161 TRP A CE2 1 
ATOM   74   C  CE3 . TRP A 1 10  ? -16.550 -5.487  5.573   1.00 45.24  ? 161 TRP A CE3 1 
ATOM   75   C  CZ2 . TRP A 1 10  ? -16.785 -5.050  8.355   1.00 46.65  ? 161 TRP A CZ2 1 
ATOM   76   C  CZ3 . TRP A 1 10  ? -16.321 -6.504  6.484   1.00 45.08  ? 161 TRP A CZ3 1 
ATOM   77   C  CH2 . TRP A 1 10  ? -16.450 -6.280  7.856   1.00 45.57  ? 161 TRP A CH2 1 
ATOM   78   N  N   . SER A 1 11  ? -15.930 -2.395  1.126   1.00 41.53  ? 162 SER A N   1 
ATOM   79   C  CA  . SER A 1 11  ? -15.947 -2.836  -0.259  1.00 39.90  ? 162 SER A CA  1 
ATOM   80   C  C   . SER A 1 11  ? -14.551 -3.191  -0.722  1.00 39.07  ? 162 SER A C   1 
ATOM   81   O  O   . SER A 1 11  ? -14.358 -4.206  -1.391  1.00 43.13  ? 162 SER A O   1 
ATOM   82   C  CB  . SER A 1 11  ? -16.538 -1.761  -1.159  1.00 39.54  ? 162 SER A CB  1 
ATOM   83   O  OG  . SER A 1 11  ? -16.162 -2.010  -2.499  1.00 42.14  ? 162 SER A OG  1 
ATOM   84   N  N   . TYR A 1 12  ? -13.558 -2.376  -0.350  1.00 39.05  ? 163 TYR A N   1 
ATOM   85   C  CA  . TYR A 1 12  ? -12.174 -2.650  -0.713  1.00 38.81  ? 163 TYR A CA  1 
ATOM   86   C  C   . TYR A 1 12  ? -11.697 -3.985  -0.131  1.00 36.14  ? 163 TYR A C   1 
ATOM   87   O  O   . TYR A 1 12  ? -10.951 -4.724  -0.775  1.00 36.67  ? 163 TYR A O   1 
ATOM   88   C  CB  . TYR A 1 12  ? -11.303 -1.479  -0.244  1.00 36.40  ? 163 TYR A CB  1 
ATOM   89   C  CG  . TYR A 1 12  ? -9.844  -1.585  -0.587  1.00 33.68  ? 163 TYR A CG  1 
ATOM   90   C  CD1 . TYR A 1 12  ? -9.432  -1.659  -1.910  1.00 32.38  ? 163 TYR A CD1 1 
ATOM   91   C  CD2 . TYR A 1 12  ? -8.872  -1.561  0.415   1.00 37.10  ? 163 TYR A CD2 1 
ATOM   92   C  CE1 . TYR A 1 12  ? -8.097  -1.728  -2.237  1.00 35.41  ? 163 TYR A CE1 1 
ATOM   93   C  CE2 . TYR A 1 12  ? -7.524  -1.631  0.108   1.00 34.83  ? 163 TYR A CE2 1 
ATOM   94   C  CZ  . TYR A 1 12  ? -7.151  -1.712  -1.225  1.00 40.04  ? 163 TYR A CZ  1 
ATOM   95   O  OH  . TYR A 1 12  ? -5.823  -1.782  -1.547  1.00 42.49  ? 163 TYR A OH  1 
ATOM   96   N  N   . TYR A 1 13  ? -12.129 -4.331  1.072   1.00 37.04  ? 164 TYR A N   1 
ATOM   97   C  CA  . TYR A 1 13  ? -11.752 -5.627  1.633   1.00 42.51  ? 164 TYR A CA  1 
ATOM   98   C  C   . TYR A 1 13  ? -12.567 -6.776  1.012   1.00 43.38  ? 164 TYR A C   1 
ATOM   99   O  O   . TYR A 1 13  ? -12.002 -7.729  0.467   1.00 43.01  ? 164 TYR A O   1 
ATOM   100  C  CB  . TYR A 1 13  ? -11.927 -5.601  3.147   1.00 44.62  ? 164 TYR A CB  1 
ATOM   101  C  CG  . TYR A 1 13  ? -11.674 -6.948  3.741   1.00 48.48  ? 164 TYR A CG  1 
ATOM   102  C  CD1 . TYR A 1 13  ? -10.377 -7.418  3.914   1.00 49.51  ? 164 TYR A CD1 1 
ATOM   103  C  CD2 . TYR A 1 13  ? -12.729 -7.791  4.053   1.00 47.25  ? 164 TYR A CD2 1 
ATOM   104  C  CE1 . TYR A 1 13  ? -10.142 -8.687  4.436   1.00 51.43  ? 164 TYR A CE1 1 
ATOM   105  C  CE2 . TYR A 1 13  ? -12.504 -9.065  4.581   1.00 53.44  ? 164 TYR A CE2 1 
ATOM   106  C  CZ  . TYR A 1 13  ? -11.210 -9.504  4.765   1.00 54.94  ? 164 TYR A CZ  1 
ATOM   107  O  OH  . TYR A 1 13  ? -10.990 -10.757 5.282   1.00 58.00  ? 164 TYR A OH  1 
ATOM   108  N  N   . ILE A 1 14  ? -13.896 -6.704  1.089   1.00 42.45  ? 165 ILE A N   1 
ATOM   109  C  CA  . ILE A 1 14  ? -14.755 -7.747  0.520   1.00 43.12  ? 165 ILE A CA  1 
ATOM   110  C  C   . ILE A 1 14  ? -14.503 -7.973  -0.962  1.00 43.36  ? 165 ILE A C   1 
ATOM   111  O  O   . ILE A 1 14  ? -14.461 -9.112  -1.422  1.00 41.29  ? 165 ILE A O   1 
ATOM   112  C  CB  . ILE A 1 14  ? -16.232 -7.425  0.800   1.00 42.90  ? 165 ILE A CB  1 
ATOM   113  C  CG1 . ILE A 1 14  ? -16.540 -7.678  2.268   1.00 47.19  ? 165 ILE A CG1 1 
ATOM   114  C  CG2 . ILE A 1 14  ? -17.142 -8.130  -0.164  1.00 45.86  ? 165 ILE A CG2 1 
ATOM   115  C  CD1 . ILE A 1 14  ? -16.282 -9.160  2.658   1.00 47.14  ? 165 ILE A CD1 1 
ATOM   116  N  N   . GLY A 1 15  ? -14.372 -6.921  -1.742  1.00 42.68  ? 166 GLY A N   1 
ATOM   117  C  CA  . GLY A 1 15  ? -14.314 -7.101  -3.174  1.00 39.94  ? 166 GLY A CA  1 
ATOM   118  C  C   . GLY A 1 15  ? -12.930 -7.245  -3.741  1.00 45.65  ? 166 GLY A C   1 
ATOM   119  O  O   . GLY A 1 15  ? -12.790 -7.612  -4.912  1.00 49.26  ? 166 GLY A O   1 
ATOM   120  N  N   . TYR A 1 16  ? -11.890 -6.957  -2.964  1.00 44.25  ? 167 TYR A N   1 
ATOM   121  C  CA  . TYR A 1 16  ? -10.550 -7.007  -3.529  1.00 45.68  ? 167 TYR A CA  1 
ATOM   122  C  C   . TYR A 1 16  ? -9.523  -7.702  -2.630  1.00 46.52  ? 167 TYR A C   1 
ATOM   123  O  O   . TYR A 1 16  ? -8.915  -8.679  -3.047  1.00 50.67  ? 167 TYR A O   1 
ATOM   124  C  CB  . TYR A 1 16  ? -10.116 -5.583  -3.889  1.00 46.61  ? 167 TYR A CB  1 
ATOM   125  C  CG  . TYR A 1 16  ? -8.724  -5.503  -4.434  1.00 51.04  ? 167 TYR A CG  1 
ATOM   126  C  CD1 . TYR A 1 16  ? -8.413  -6.045  -5.665  1.00 52.59  ? 167 TYR A CD1 1 
ATOM   127  C  CD2 . TYR A 1 16  ? -7.733  -4.862  -3.739  1.00 44.91  ? 167 TYR A CD2 1 
ATOM   128  C  CE1 . TYR A 1 16  ? -7.154  -5.991  -6.170  1.00 55.52  ? 167 TYR A CE1 1 
ATOM   129  C  CE2 . TYR A 1 16  ? -6.470  -4.789  -4.241  1.00 50.88  ? 167 TYR A CE2 1 
ATOM   130  C  CZ  . TYR A 1 16  ? -6.185  -5.358  -5.462  1.00 56.67  ? 167 TYR A CZ  1 
ATOM   131  O  OH  . TYR A 1 16  ? -4.911  -5.295  -5.973  1.00 60.86  ? 167 TYR A OH  1 
ATOM   132  N  N   . LEU A 1 17  ? -9.297  -7.211  -1.413  1.00 43.41  ? 168 LEU A N   1 
ATOM   133  C  CA  . LEU A 1 17  ? -8.204  -7.741  -0.597  1.00 46.44  ? 168 LEU A CA  1 
ATOM   134  C  C   . LEU A 1 17  ? -8.440  -9.201  -0.265  1.00 51.24  ? 168 LEU A C   1 
ATOM   135  O  O   . LEU A 1 17  ? -7.532  -10.026 -0.338  1.00 50.88  ? 168 LEU A O   1 
ATOM   136  C  CB  . LEU A 1 17  ? -8.090  -6.937  0.694   1.00 42.86  ? 168 LEU A CB  1 
ATOM   137  C  CG  . LEU A 1 17  ? -7.403  -5.596  0.564   1.00 45.33  ? 168 LEU A CG  1 
ATOM   138  C  CD1 . LEU A 1 17  ? -7.237  -4.993  1.915   1.00 40.53  ? 168 LEU A CD1 1 
ATOM   139  C  CD2 . LEU A 1 17  ? -6.068  -5.781  -0.116  1.00 44.74  ? 168 LEU A CD2 1 
ATOM   140  N  N   . ARG A 1 18  ? -9.668  -9.530  0.110   1.00 50.75  ? 169 ARG A N   1 
ATOM   141  C  CA  . ARG A 1 18  ? -10.027 -10.882 0.495   1.00 52.76  ? 169 ARG A CA  1 
ATOM   142  C  C   . ARG A 1 18  ? -9.857  -11.847 -0.665  1.00 54.42  ? 169 ARG A C   1 
ATOM   143  O  O   . ARG A 1 18  ? -9.515  -13.010 -0.468  1.00 55.49  ? 169 ARG A O   1 
ATOM   144  C  CB  . ARG A 1 18  ? -11.457 -10.847 0.996   1.00 51.97  ? 169 ARG A CB  1 
ATOM   145  C  CG  . ARG A 1 18  ? -11.940 -12.023 1.692   1.00 63.10  ? 169 ARG A CG  1 
ATOM   146  C  CD  . ARG A 1 18  ? -13.376 -11.689 1.979   1.00 65.48  ? 169 ARG A CD  1 
ATOM   147  N  NE  . ARG A 1 18  ? -14.230 -12.840 2.272   1.00 65.04  ? 169 ARG A NE  1 
ATOM   148  C  CZ  . ARG A 1 18  ? -15.306 -13.123 1.537   1.00 72.45  ? 169 ARG A CZ  1 
ATOM   149  N  NH1 . ARG A 1 18  ? -15.596 -12.353 0.481   1.00 57.28  ? 169 ARG A NH1 1 
ATOM   150  N  NH2 . ARG A 1 18  ? -16.084 -14.170 1.846   1.00 72.89  ? 169 ARG A NH2 1 
ATOM   151  N  N   . LEU A 1 19  ? -10.028 -11.367 -1.887  1.00 55.94  ? 170 LEU A N   1 
ATOM   152  C  CA  . LEU A 1 19  ? -9.890  -12.237 -3.049  1.00 58.71  ? 170 LEU A CA  1 
ATOM   153  C  C   . LEU A 1 19  ? -8.422  -12.484 -3.403  1.00 60.53  ? 170 LEU A C   1 
ATOM   154  O  O   . LEU A 1 19  ? -8.042  -13.618 -3.698  1.00 66.72  ? 170 LEU A O   1 
ATOM   155  C  CB  . LEU A 1 19  ? -10.649 -11.644 -4.248  1.00 56.53  ? 170 LEU A CB  1 
ATOM   156  C  CG  . LEU A 1 19  ? -12.135 -11.286 -4.088  1.00 59.33  ? 170 LEU A CG  1 
ATOM   157  C  CD1 . LEU A 1 19  ? -12.800 -11.013 -5.446  1.00 59.19  ? 170 LEU A CD1 1 
ATOM   158  C  CD2 . LEU A 1 19  ? -12.907 -12.364 -3.348  1.00 57.17  ? 170 LEU A CD2 1 
ATOM   159  N  N   . ILE A 1 20  ? -7.573  -11.451 -3.362  1.00 57.87  ? 171 ILE A N   1 
ATOM   160  C  CA  . ILE A 1 20  ? -6.211  -11.564 -3.885  1.00 55.89  ? 171 ILE A CA  1 
ATOM   161  C  C   . ILE A 1 20  ? -5.146  -11.863 -2.833  1.00 58.68  ? 171 ILE A C   1 
ATOM   162  O  O   . ILE A 1 20  ? -4.083  -12.383 -3.184  1.00 66.40  ? 171 ILE A O   1 
ATOM   163  C  CB  . ILE A 1 20  ? -5.817  -10.285 -4.664  1.00 63.72  ? 171 ILE A CB  1 
ATOM   164  C  CG1 . ILE A 1 20  ? -5.602  -9.107  -3.716  1.00 50.14  ? 171 ILE A CG1 1 
ATOM   165  C  CG2 . ILE A 1 20  ? -6.883  -9.927  -5.709  1.00 60.14  ? 171 ILE A CG2 1 
ATOM   166  C  CD1 . ILE A 1 20  ? -4.608  -8.165  -4.209  1.00 57.87  ? 171 ILE A CD1 1 
ATOM   167  N  N   . LEU A 1 21  ? -5.389  -11.540 -1.575  1.00 53.09  ? 172 LEU A N   1 
ATOM   168  C  CA  . LEU A 1 21  ? -4.402  -11.776 -0.532  1.00 60.58  ? 172 LEU A CA  1 
ATOM   169  C  C   . LEU A 1 21  ? -4.080  -13.255 -0.328  1.00 71.80  ? 172 LEU A C   1 
ATOM   170  O  O   . LEU A 1 21  ? -2.899  -13.602 -0.308  1.00 73.72  ? 172 LEU A O   1 
ATOM   171  C  CB  . LEU A 1 21  ? -4.874  -11.155 0.790   1.00 60.30  ? 172 LEU A CB  1 
ATOM   172  C  CG  . LEU A 1 21  ? -4.639  -9.642  0.927   1.00 56.31  ? 172 LEU A CG  1 
ATOM   173  C  CD1 . LEU A 1 21  ? -4.828  -9.212  2.341   1.00 54.58  ? 172 LEU A CD1 1 
ATOM   174  C  CD2 . LEU A 1 21  ? -3.255  -9.327  0.497   1.00 56.07  ? 172 LEU A CD2 1 
ATOM   175  N  N   . PRO A 1 22  ? -5.069  -14.159 -0.192  1.00 68.78  ? 173 PRO A N   1 
ATOM   176  C  CA  . PRO A 1 22  ? -4.764  -15.535 0.251   1.00 71.17  ? 173 PRO A CA  1 
ATOM   177  C  C   . PRO A 1 22  ? -3.602  -16.196 -0.475  1.00 75.60  ? 173 PRO A C   1 
ATOM   178  O  O   . PRO A 1 22  ? -2.726  -16.783 0.169   1.00 78.69  ? 173 PRO A O   1 
ATOM   179  C  CB  . PRO A 1 22  ? -6.063  -16.299 -0.056  1.00 66.86  ? 173 PRO A CB  1 
ATOM   180  C  CG  . PRO A 1 22  ? -7.102  -15.323 -0.071  1.00 66.40  ? 173 PRO A CG  1 
ATOM   181  C  CD  . PRO A 1 22  ? -6.522  -13.945 -0.246  1.00 58.91  ? 173 PRO A CD  1 
ATOM   182  N  N   . GLU A 1 23  ? -3.574  -16.138 -1.805  1.00 72.71  ? 174 GLU A N   1 
ATOM   183  C  CA  . GLU A 1 23  ? -2.468  -16.693 -2.567  1.00 79.80  ? 174 GLU A CA  1 
ATOM   184  C  C   . GLU A 1 23  ? -1.266  -15.769 -2.724  1.00 82.00  ? 174 GLU A C   1 
ATOM   185  O  O   . GLU A 1 23  ? -0.232  -16.222 -3.218  1.00 81.26  ? 174 GLU A O   1 
ATOM   186  C  CB  . GLU A 1 23  ? -2.939  -17.213 -3.945  1.00 80.24  ? 174 GLU A CB  1 
ATOM   187  C  CG  . GLU A 1 23  ? -3.995  -16.443 -4.825  1.00 84.57  ? 174 GLU A CG  1 
ATOM   188  C  CD  . GLU A 1 23  ? -3.566  -15.110 -5.403  1.00 88.24  ? 174 GLU A CD  1 
ATOM   189  O  OE1 . GLU A 1 23  ? -2.381  -14.791 -5.332  1.00 88.97  ? 174 GLU A OE1 1 
ATOM   190  O  OE2 . GLU A 1 23  ? -4.412  -14.441 -6.040  1.00 90.84  ? 174 GLU A OE2 1 
ATOM   191  N  N   . LEU A 1 24  ? -1.354  -14.508 -2.305  1.00 85.72  ? 175 LEU A N   1 
ATOM   192  C  CA  . LEU A 1 24  ? -0.301  -13.561 -2.655  1.00 83.85  ? 175 LEU A CA  1 
ATOM   193  C  C   . LEU A 1 24  ? 1.044   -14.074 -2.166  1.00 83.74  ? 175 LEU A C   1 
ATOM   194  O  O   . LEU A 1 24  ? 2.039   -14.019 -2.894  1.00 80.51  ? 175 LEU A O   1 
ATOM   195  C  CB  . LEU A 1 24  ? -0.584  -12.190 -2.045  1.00 86.01  ? 175 LEU A CB  1 
ATOM   196  C  CG  . LEU A 1 24  ? 0.228   -11.039 -2.639  1.00 81.19  ? 175 LEU A CG  1 
ATOM   197  C  CD1 . LEU A 1 24  ? -0.305  -10.796 -4.021  1.00 80.63  ? 175 LEU A CD1 1 
ATOM   198  C  CD2 . LEU A 1 24  ? 0.164   -9.773  -1.863  1.00 79.67  ? 175 LEU A CD2 1 
ATOM   199  N  N   . GLN A 1 25  ? 1.073   -14.634 -0.950  1.00 86.54  ? 176 GLN A N   1 
ATOM   200  C  CA  . GLN A 1 25  ? 2.306   -15.195 -0.405  1.00 95.31  ? 176 GLN A CA  1 
ATOM   201  C  C   . GLN A 1 25  ? 2.843   -16.328 -1.273  1.00 93.49  ? 176 GLN A C   1 
ATOM   202  O  O   . GLN A 1 25  ? 4.044   -16.376 -1.554  1.00 89.94  ? 176 GLN A O   1 
ATOM   203  C  CB  . GLN A 1 25  ? 2.094   -15.666 1.038   1.00 96.05  ? 176 GLN A CB  1 
ATOM   204  C  CG  . GLN A 1 25  ? 2.333   -14.568 2.077   1.00 99.62  ? 176 GLN A CG  1 
ATOM   205  C  CD  . GLN A 1 25  ? 2.072   -15.016 3.511   1.00 104.54 ? 176 GLN A CD  1 
ATOM   206  O  OE1 . GLN A 1 25  ? 1.357   -15.989 3.745   1.00 109.52 ? 176 GLN A OE1 1 
ATOM   207  N  NE2 . GLN A 1 25  ? 2.669   -14.313 4.475   1.00 105.38 ? 176 GLN A NE2 1 
ATOM   208  N  N   . ALA A 1 26  ? 1.972   -17.239 -1.720  1.00 90.70  ? 177 ALA A N   1 
ATOM   209  C  CA  . ALA A 1 26  ? 2.398   -18.288 -2.646  1.00 89.20  ? 177 ALA A CA  1 
ATOM   210  C  C   . ALA A 1 26  ? 3.056   -17.682 -3.874  1.00 84.59  ? 177 ALA A C   1 
ATOM   211  O  O   . ALA A 1 26  ? 4.176   -18.037 -4.241  1.00 81.59  ? 177 ALA A O   1 
ATOM   212  C  CB  . ALA A 1 26  ? 1.200   -19.144 -3.066  1.00 86.84  ? 177 ALA A CB  1 
ATOM   213  N  N   . ARG A 1 27  ? 2.359   -16.752 -4.509  1.00 76.58  ? 178 ARG A N   1 
ATOM   214  C  CA  . ARG A 1 27  ? 2.862   -16.010 -5.659  1.00 78.28  ? 178 ARG A CA  1 
ATOM   215  C  C   . ARG A 1 27  ? 4.249   -15.427 -5.415  1.00 78.33  ? 178 ARG A C   1 
ATOM   216  O  O   . ARG A 1 27  ? 5.139   -15.500 -6.281  1.00 73.96  ? 178 ARG A O   1 
ATOM   217  C  CB  . ARG A 1 27  ? 1.856   -14.910 -5.947  1.00 76.91  ? 178 ARG A CB  1 
ATOM   218  C  CG  . ARG A 1 27  ? 0.615   -15.527 -6.448  1.00 79.60  ? 178 ARG A CG  1 
ATOM   219  C  CD  . ARG A 1 27  ? -0.541  -14.585 -6.681  1.00 85.77  ? 178 ARG A CD  1 
ATOM   220  N  NE  . ARG A 1 27  ? -0.266  -13.694 -7.776  1.00 86.96  ? 178 ARG A NE  1 
ATOM   221  C  CZ  . ARG A 1 27  ? -0.226  -12.362 -7.800  1.00 83.88  ? 178 ARG A CZ  1 
ATOM   222  N  NH1 . ARG A 1 27  ? -0.674  -11.653 -6.777  1.00 78.28  ? 178 ARG A NH1 1 
ATOM   223  N  NH2 . ARG A 1 27  ? 0.062   -11.739 -8.970  1.00 82.83  ? 178 ARG A NH2 1 
ATOM   224  N  N   . ILE A 1 28  ? 4.420   -14.779 -4.261  1.00 78.25  ? 179 ILE A N   1 
ATOM   225  C  CA  . ILE A 1 28  ? 5.678   -14.150 -3.914  1.00 78.07  ? 179 ILE A CA  1 
ATOM   226  C  C   . ILE A 1 28  ? 6.703   -15.207 -3.536  1.00 78.85  ? 179 ILE A C   1 
ATOM   227  O  O   . ILE A 1 28  ? 7.876   -15.075 -3.876  1.00 78.79  ? 179 ILE A O   1 
ATOM   228  C  CB  . ILE A 1 28  ? 5.449   -13.129 -2.783  1.00 75.09  ? 179 ILE A CB  1 
ATOM   229  C  CG1 . ILE A 1 28  ? 4.585   -11.973 -3.253  1.00 71.54  ? 179 ILE A CG1 1 
ATOM   230  C  CG2 . ILE A 1 28  ? 6.761   -12.576 -2.254  1.00 69.75  ? 179 ILE A CG2 1 
ATOM   231  C  CD1 . ILE A 1 28  ? 4.337   -10.938 -2.183  1.00 66.43  ? 179 ILE A CD1 1 
ATOM   232  N  N   . ARG A 1 29  ? 6.288   -16.259 -2.809  1.00 81.28  ? 180 ARG A N   1 
ATOM   233  C  CA  . ARG A 1 29  ? 7.203   -17.368 -2.515  1.00 82.15  ? 180 ARG A CA  1 
ATOM   234  C  C   . ARG A 1 29  ? 7.705   -18.007 -3.803  1.00 79.17  ? 180 ARG A C   1 
ATOM   235  O  O   . ARG A 1 29  ? 8.911   -18.214 -3.971  1.00 78.12  ? 180 ARG A O   1 
ATOM   236  C  CB  . ARG A 1 29  ? 6.529   -18.432 -1.628  1.00 83.88  ? 180 ARG A CB  1 
ATOM   237  C  CG  . ARG A 1 29  ? 6.073   -17.933 -0.257  1.00 92.17  ? 180 ARG A CG  1 
ATOM   238  C  CD  . ARG A 1 29  ? 6.048   -18.974 0.865   1.00 97.81  ? 180 ARG A CD  1 
ATOM   239  N  NE  . ARG A 1 29  ? 6.109   -18.268 2.144   1.00 103.55 ? 180 ARG A NE  1 
ATOM   240  C  CZ  . ARG A 1 29  ? 6.479   -18.794 3.305   1.00 103.21 ? 180 ARG A CZ  1 
ATOM   241  N  NH1 . ARG A 1 29  ? 6.828   -20.070 3.381   1.00 102.15 ? 180 ARG A NH1 1 
ATOM   242  N  NH2 . ARG A 1 29  ? 6.492   -18.034 4.398   1.00 99.93  ? 180 ARG A NH2 1 
ATOM   243  N  N   . THR A 1 30  ? 6.787   -18.313 -4.727  1.00 77.60  ? 181 THR A N   1 
ATOM   244  C  CA  . THR A 1 30  ? 7.173   -18.882 -6.016  1.00 78.91  ? 181 THR A CA  1 
ATOM   245  C  C   . THR A 1 30  ? 8.165   -17.989 -6.722  1.00 79.41  ? 181 THR A C   1 
ATOM   246  O  O   . THR A 1 30  ? 9.150   -18.460 -7.296  1.00 82.31  ? 181 THR A O   1 
ATOM   247  C  CB  . THR A 1 30  ? 5.949   -19.068 -6.910  1.00 75.15  ? 181 THR A CB  1 
ATOM   248  O  OG1 . THR A 1 30  ? 5.053   -20.018 -6.317  1.00 83.04  ? 181 THR A OG1 1 
ATOM   249  C  CG2 . THR A 1 30  ? 6.388   -19.569 -8.276  1.00 71.31  ? 181 THR A CG2 1 
ATOM   250  N  N   . TYR A 1 31  ? 7.915   -16.691 -6.686  1.00 76.37  ? 182 TYR A N   1 
ATOM   251  C  CA  . TYR A 1 31  ? 8.796   -15.731 -7.320  1.00 74.18  ? 182 TYR A CA  1 
ATOM   252  C  C   . TYR A 1 31  ? 10.129  -15.643 -6.587  1.00 77.95  ? 182 TYR A C   1 
ATOM   253  O  O   . TYR A 1 31  ? 11.188  -15.631 -7.221  1.00 80.11  ? 182 TYR A O   1 
ATOM   254  C  CB  . TYR A 1 31  ? 8.104   -14.372 -7.355  1.00 69.87  ? 182 TYR A CB  1 
ATOM   255  C  CG  . TYR A 1 31  ? 8.888   -13.310 -8.051  1.00 69.52  ? 182 TYR A CG  1 
ATOM   256  C  CD1 . TYR A 1 31  ? 9.824   -12.558 -7.358  1.00 71.82  ? 182 TYR A CD1 1 
ATOM   257  C  CD2 . TYR A 1 31  ? 8.705   -13.053 -9.401  1.00 73.68  ? 182 TYR A CD2 1 
ATOM   258  C  CE1 . TYR A 1 31  ? 10.553  -11.577 -7.984  1.00 67.53  ? 182 TYR A CE1 1 
ATOM   259  C  CE2 . TYR A 1 31  ? 9.427   -12.071 -10.033 1.00 73.43  ? 182 TYR A CE2 1 
ATOM   260  C  CZ  . TYR A 1 31  ? 10.355  -11.339 -9.319  1.00 71.84  ? 182 TYR A CZ  1 
ATOM   261  O  OH  . TYR A 1 31  ? 11.090  -10.357 -9.942  1.00 74.19  ? 182 TYR A OH  1 
ATOM   262  N  N   . ASN A 1 32  ? 10.099  -15.567 -5.247  1.00 79.96  ? 183 ASN A N   1 
ATOM   263  C  CA  . ASN A 1 32  ? 11.326  -15.371 -4.466  1.00 79.30  ? 183 ASN A CA  1 
ATOM   264  C  C   . ASN A 1 32  ? 12.387  -16.435 -4.676  1.00 83.78  ? 183 ASN A C   1 
ATOM   265  O  O   . ASN A 1 32  ? 13.547  -16.191 -4.337  1.00 89.81  ? 183 ASN A O   1 
ATOM   266  C  CB  . ASN A 1 32  ? 11.053  -15.270 -2.958  1.00 74.82  ? 183 ASN A CB  1 
ATOM   267  C  CG  . ASN A 1 32  ? 10.723  -13.865 -2.507  1.00 74.71  ? 183 ASN A CG  1 
ATOM   268  O  OD1 . ASN A 1 32  ? 11.371  -12.899 -2.930  1.00 72.69  ? 183 ASN A OD1 1 
ATOM   269  N  ND2 . ASN A 1 32  ? 9.764   -13.745 -1.599  1.00 78.30  ? 183 ASN A ND2 1 
ATOM   270  N  N   . GLN A 1 33  ? 12.043  -17.608 -5.185  1.00 82.25  ? 184 GLN A N   1 
ATOM   271  C  CA  . GLN A 1 33  ? 13.100  -18.549 -5.519  1.00 86.42  ? 184 GLN A CA  1 
ATOM   272  C  C   . GLN A 1 33  ? 14.090  -17.910 -6.479  1.00 89.12  ? 184 GLN A C   1 
ATOM   273  O  O   . GLN A 1 33  ? 15.309  -17.981 -6.281  1.00 89.83  ? 184 GLN A O   1 
ATOM   274  C  CB  . GLN A 1 33  ? 12.489  -19.824 -6.089  1.00 84.77  ? 184 GLN A CB  1 
ATOM   275  C  CG  . GLN A 1 33  ? 11.728  -20.545 -5.012  1.00 87.37  ? 184 GLN A CG  1 
ATOM   276  C  CD  . GLN A 1 33  ? 10.683  -21.474 -5.547  1.00 93.55  ? 184 GLN A CD  1 
ATOM   277  O  OE1 . GLN A 1 33  ? 10.663  -21.785 -6.739  1.00 101.32 ? 184 GLN A OE1 1 
ATOM   278  N  NE2 . GLN A 1 33  ? 9.794   -21.930 -4.670  1.00 91.56  ? 184 GLN A NE2 1 
ATOM   279  N  N   . HIS A 1 34  ? 13.577  -17.186 -7.467  1.00 85.98  ? 185 HIS A N   1 
ATOM   280  C  CA  . HIS A 1 34  ? 14.422  -16.692 -8.544  1.00 85.86  ? 185 HIS A CA  1 
ATOM   281  C  C   . HIS A 1 34  ? 15.143  -15.409 -8.156  1.00 86.11  ? 185 HIS A C   1 
ATOM   282  O  O   . HIS A 1 34  ? 16.304  -15.218 -8.515  1.00 91.98  ? 185 HIS A O   1 
ATOM   283  C  CB  . HIS A 1 34  ? 13.569  -16.517 -9.798  1.00 86.30  ? 185 HIS A CB  1 
ATOM   284  C  CG  . HIS A 1 34  ? 12.893  -17.784 -10.227 1.00 86.86  ? 185 HIS A CG  1 
ATOM   285  N  ND1 . HIS A 1 34  ? 12.029  -18.483 -9.411  1.00 87.33  ? 185 HIS A ND1 1 
ATOM   286  C  CD2 . HIS A 1 34  ? 12.984  -18.494 -11.376 1.00 86.09  ? 185 HIS A CD2 1 
ATOM   287  C  CE1 . HIS A 1 34  ? 11.601  -19.560 -10.045 1.00 88.09  ? 185 HIS A CE1 1 
ATOM   288  N  NE2 . HIS A 1 34  ? 12.166  -19.590 -11.238 1.00 87.83  ? 185 HIS A NE2 1 
ATOM   289  N  N   . TYR A 1 35  ? 14.479  -14.522 -7.421  1.00 92.58  ? 186 TYR A N   1 
ATOM   290  C  CA  . TYR A 1 35  ? 15.132  -13.298 -6.963  1.00 99.10  ? 186 TYR A CA  1 
ATOM   291  C  C   . TYR A 1 35  ? 16.317  -13.613 -6.066  1.00 103.26 ? 186 TYR A C   1 
ATOM   292  O  O   . TYR A 1 35  ? 17.366  -12.971 -6.165  1.00 96.99  ? 186 TYR A O   1 
ATOM   293  C  CB  . TYR A 1 35  ? 14.124  -12.413 -6.225  1.00 92.31  ? 186 TYR A CB  1 
ATOM   294  C  CG  . TYR A 1 35  ? 14.538  -10.968 -6.100  1.00 93.20  ? 186 TYR A CG  1 
ATOM   295  C  CD1 . TYR A 1 35  ? 14.797  -10.208 -7.229  1.00 94.79  ? 186 TYR A CD1 1 
ATOM   296  C  CD2 . TYR A 1 35  ? 14.617  -10.346 -4.860  1.00 95.48  ? 186 TYR A CD2 1 
ATOM   297  C  CE1 . TYR A 1 35  ? 15.161  -8.884  -7.126  1.00 94.94  ? 186 TYR A CE1 1 
ATOM   298  C  CE2 . TYR A 1 35  ? 14.977  -9.010  -4.745  1.00 100.19 ? 186 TYR A CE2 1 
ATOM   299  C  CZ  . TYR A 1 35  ? 15.247  -8.287  -5.889  1.00 101.69 ? 186 TYR A CZ  1 
ATOM   300  O  OH  . TYR A 1 35  ? 15.598  -6.959  -5.812  1.00 105.73 ? 186 TYR A OH  1 
ATOM   301  N  N   . ASN A 1 36  ? 16.154  -14.586 -5.165  1.00 106.97 ? 187 ASN A N   1 
ATOM   302  C  CA  . ASN A 1 36  ? 17.275  -15.070 -4.370  1.00 104.37 ? 187 ASN A CA  1 
ATOM   303  C  C   . ASN A 1 36  ? 18.382  -15.575 -5.276  1.00 104.08 ? 187 ASN A C   1 
ATOM   304  O  O   . ASN A 1 36  ? 19.550  -15.204 -5.120  1.00 109.40 ? 187 ASN A O   1 
ATOM   305  C  CB  . ASN A 1 36  ? 16.805  -16.172 -3.416  1.00 108.48 ? 187 ASN A CB  1 
ATOM   306  C  CG  . ASN A 1 36  ? 17.961  -16.971 -2.819  1.00 113.25 ? 187 ASN A CG  1 
ATOM   307  O  OD1 . ASN A 1 36  ? 18.547  -16.572 -1.811  1.00 112.78 ? 187 ASN A OD1 1 
ATOM   308  N  ND2 . ASN A 1 36  ? 18.279  -18.114 -3.429  1.00 107.90 ? 187 ASN A ND2 1 
ATOM   309  N  N   . ASN A 1 37  ? 18.026  -16.409 -6.251  1.00 95.59  ? 188 ASN A N   1 
ATOM   310  C  CA  . ASN A 1 37  ? 19.020  -16.940 -7.171  1.00 93.04  ? 188 ASN A CA  1 
ATOM   311  C  C   . ASN A 1 37  ? 19.586  -15.845 -8.057  1.00 91.86  ? 188 ASN A C   1 
ATOM   312  O  O   . ASN A 1 37  ? 20.801  -15.742 -8.229  1.00 94.27  ? 188 ASN A O   1 
ATOM   313  C  CB  . ASN A 1 37  ? 18.417  -18.051 -8.023  1.00 86.72  ? 188 ASN A CB  1 
ATOM   314  C  CG  . ASN A 1 37  ? 18.529  -19.396 -7.370  1.00 87.12  ? 188 ASN A CG  1 
ATOM   315  O  OD1 . ASN A 1 37  ? 18.984  -19.507 -6.231  1.00 88.91  ? 188 ASN A OD1 1 
ATOM   316  N  ND2 . ASN A 1 37  ? 18.134  -20.437 -8.093  1.00 84.68  ? 188 ASN A ND2 1 
ATOM   317  N  N   . LEU A 1 38  ? 18.723  -15.013 -8.630  1.00 93.51  ? 189 LEU A N   1 
ATOM   318  C  CA  . LEU A 1 38  ? 19.197  -14.070 -9.634  1.00 93.76  ? 189 LEU A CA  1 
ATOM   319  C  C   . LEU A 1 38  ? 19.933  -12.899 -9.002  1.00 101.98 ? 189 LEU A C   1 
ATOM   320  O  O   . LEU A 1 38  ? 21.062  -12.587 -9.395  1.00 103.38 ? 189 LEU A O   1 
ATOM   321  C  CB  . LEU A 1 38  ? 18.041  -13.574 -10.497 1.00 91.91  ? 189 LEU A CB  1 
ATOM   322  C  CG  . LEU A 1 38  ? 17.653  -14.642 -11.509 1.00 87.67  ? 189 LEU A CG  1 
ATOM   323  C  CD1 . LEU A 1 38  ? 16.519  -14.190 -12.417 1.00 84.93  ? 189 LEU A CD1 1 
ATOM   324  C  CD2 . LEU A 1 38  ? 18.870  -15.055 -12.309 1.00 81.74  ? 189 LEU A CD2 1 
ATOM   325  N  N   . LEU A 1 39  ? 19.318  -12.235 -8.021  1.00 110.89 ? 190 LEU A N   1 
ATOM   326  C  CA  . LEU A 1 39  ? 19.866  -10.984 -7.504  1.00 112.64 ? 190 LEU A CA  1 
ATOM   327  C  C   . LEU A 1 39  ? 20.207  -11.024 -6.017  1.00 107.60 ? 190 LEU A C   1 
ATOM   328  O  O   . LEU A 1 39  ? 20.397  -9.958  -5.421  1.00 110.05 ? 190 LEU A O   1 
ATOM   329  C  CB  . LEU A 1 39  ? 18.898  -9.829  -7.780  1.00 107.18 ? 190 LEU A CB  1 
ATOM   330  N  N   . ARG A 1 40  ? 20.320  -12.210 -5.412  1.00 106.11 ? 191 ARG A N   1 
ATOM   331  C  CA  . ARG A 1 40  ? 20.627  -12.355 -3.982  1.00 106.90 ? 191 ARG A CA  1 
ATOM   332  C  C   . ARG A 1 40  ? 19.820  -11.368 -3.145  1.00 101.87 ? 191 ARG A C   1 
ATOM   333  O  O   . ARG A 1 40  ? 20.353  -10.626 -2.319  1.00 103.65 ? 191 ARG A O   1 
ATOM   334  C  CB  . ARG A 1 40  ? 22.126  -12.191 -3.705  1.00 102.66 ? 191 ARG A CB  1 
ATOM   335  C  CG  . ARG A 1 40  ? 23.043  -13.171 -4.414  1.00 100.95 ? 191 ARG A CG  1 
ATOM   336  C  CD  . ARG A 1 40  ? 22.999  -14.567 -3.830  1.00 101.33 ? 191 ARG A CD  1 
ATOM   337  N  NE  . ARG A 1 40  ? 23.828  -15.460 -4.636  1.00 102.66 ? 191 ARG A NE  1 
ATOM   338  C  CZ  . ARG A 1 40  ? 23.930  -16.774 -4.466  1.00 106.87 ? 191 ARG A CZ  1 
ATOM   339  N  NH1 . ARG A 1 40  ? 23.251  -17.386 -3.501  1.00 103.60 ? 191 ARG A NH1 1 
ATOM   340  N  NH2 . ARG A 1 40  ? 24.721  -17.481 -5.265  1.00 106.18 ? 191 ARG A NH2 1 
ATOM   341  N  N   . GLY A 1 41  ? 18.519  -11.341 -3.395  1.00 101.17 ? 192 GLY A N   1 
ATOM   342  C  CA  . GLY A 1 41  ? 17.596  -10.595 -2.569  1.00 100.33 ? 192 GLY A CA  1 
ATOM   343  C  C   . GLY A 1 41  ? 16.319  -11.380 -2.430  1.00 95.40  ? 192 GLY A C   1 
ATOM   344  O  O   . GLY A 1 41  ? 16.109  -12.393 -3.103  1.00 98.97  ? 192 GLY A O   1 
ATOM   345  N  N   . ALA A 1 42  ? 15.450  -10.909 -1.545  1.00 89.02  ? 193 ALA A N   1 
ATOM   346  C  CA  . ALA A 1 42  ? 14.152  -11.529 -1.353  1.00 84.64  ? 193 ALA A CA  1 
ATOM   347  C  C   . ALA A 1 42  ? 13.089  -10.444 -1.326  1.00 79.36  ? 193 ALA A C   1 
ATOM   348  O  O   . ALA A 1 42  ? 13.310  -9.364  -0.770  1.00 71.95  ? 193 ALA A O   1 
ATOM   349  C  CB  . ALA A 1 42  ? 14.109  -12.374 -0.068  1.00 80.04  ? 193 ALA A CB  1 
ATOM   350  N  N   . VAL A 1 43  ? 11.946  -10.736 -1.958  1.00 77.24  ? 194 VAL A N   1 
ATOM   351  C  CA  . VAL A 1 43  ? 10.837  -9.794  -2.028  1.00 71.54  ? 194 VAL A CA  1 
ATOM   352  C  C   . VAL A 1 43  ? 9.987   -9.990  -0.788  1.00 66.42  ? 194 VAL A C   1 
ATOM   353  O  O   . VAL A 1 43  ? 9.611   -11.120 -0.465  1.00 67.26  ? 194 VAL A O   1 
ATOM   354  C  CB  . VAL A 1 43  ? 10.002  -10.028 -3.299  1.00 67.66  ? 194 VAL A CB  1 
ATOM   355  C  CG1 . VAL A 1 43  ? 8.872   -8.987  -3.422  1.00 61.91  ? 194 VAL A CG1 1 
ATOM   356  C  CG2 . VAL A 1 43  ? 10.878  -10.101 -4.516  1.00 71.70  ? 194 VAL A CG2 1 
ATOM   357  N  N   . SER A 1 44  ? 9.685   -8.908  -0.081  1.00 65.29  ? 195 SER A N   1 
ATOM   358  C  CA  . SER A 1 44  ? 8.940   -9.059  1.158   1.00 64.77  ? 195 SER A CA  1 
ATOM   359  C  C   . SER A 1 44  ? 7.620   -9.786  0.928   1.00 63.13  ? 195 SER A C   1 
ATOM   360  O  O   . SER A 1 44  ? 7.024   -9.727  -0.144  1.00 70.54  ? 195 SER A O   1 
ATOM   361  C  CB  . SER A 1 44  ? 8.662   -7.713  1.797   1.00 67.89  ? 195 SER A CB  1 
ATOM   362  O  OG  . SER A 1 44  ? 7.571   -7.880  2.685   1.00 70.76  ? 195 SER A OG  1 
ATOM   363  N  N   . GLN A 1 45  ? 7.166   -10.483 1.960   1.00 71.03  ? 196 GLN A N   1 
ATOM   364  C  CA  . GLN A 1 45  ? 6.048   -11.404 1.794   1.00 76.99  ? 196 GLN A CA  1 
ATOM   365  C  C   . GLN A 1 45  ? 4.703   -10.681 1.848   1.00 73.63  ? 196 GLN A C   1 
ATOM   366  O  O   . GLN A 1 45  ? 3.700   -11.190 1.334   1.00 73.93  ? 196 GLN A O   1 
ATOM   367  C  CB  . GLN A 1 45  ? 6.121   -12.500 2.859   1.00 81.26  ? 196 GLN A CB  1 
ATOM   368  C  CG  . GLN A 1 45  ? 7.258   -13.507 2.642   1.00 89.17  ? 196 GLN A CG  1 
ATOM   369  C  CD  . GLN A 1 45  ? 6.779   -14.834 2.053   1.00 95.53  ? 196 GLN A CD  1 
ATOM   370  O  OE1 . GLN A 1 45  ? 5.601   -15.185 2.165   1.00 97.74  ? 196 GLN A OE1 1 
ATOM   371  N  NE2 . GLN A 1 45  ? 7.694   -15.576 1.426   1.00 91.49  ? 196 GLN A NE2 1 
ATOM   372  N  N   . ARG A 1 46  ? 4.658   -9.503  2.460   1.00 68.13  ? 197 ARG A N   1 
ATOM   373  C  CA  . ARG A 1 46  ? 3.378   -8.841  2.630   1.00 64.22  ? 197 ARG A CA  1 
ATOM   374  C  C   . ARG A 1 46  ? 3.091   -7.920  1.454   1.00 59.72  ? 197 ARG A C   1 
ATOM   375  O  O   . ARG A 1 46  ? 3.994   -7.453  0.751   1.00 57.58  ? 197 ARG A O   1 
ATOM   376  C  CB  . ARG A 1 46  ? 3.352   -8.026  3.921   1.00 64.94  ? 197 ARG A CB  1 
ATOM   377  C  CG  . ARG A 1 46  ? 3.259   -8.831  5.201   1.00 67.92  ? 197 ARG A CG  1 
ATOM   378  C  CD  . ARG A 1 46  ? 4.071   -8.134  6.287   1.00 73.79  ? 197 ARG A CD  1 
ATOM   379  N  NE  . ARG A 1 46  ? 3.552   -8.317  7.642   1.00 81.71  ? 197 ARG A NE  1 
ATOM   380  C  CZ  . ARG A 1 46  ? 3.510   -9.480  8.293   1.00 87.97  ? 197 ARG A CZ  1 
ATOM   381  N  NH1 . ARG A 1 46  ? 3.966   -10.594 7.724   1.00 84.25  ? 197 ARG A NH1 1 
ATOM   382  N  NH2 . ARG A 1 46  ? 3.007   -9.534  9.525   1.00 88.52  ? 197 ARG A NH2 1 
ATOM   383  N  N   . LEU A 1 47  ? 1.808   -7.682  1.237   1.00 54.26  ? 198 LEU A N   1 
ATOM   384  C  CA  . LEU A 1 47  ? 1.333   -6.615  0.368   1.00 51.04  ? 198 LEU A CA  1 
ATOM   385  C  C   . LEU A 1 47  ? 1.356   -5.286  1.107   1.00 51.78  ? 198 LEU A C   1 
ATOM   386  O  O   . LEU A 1 47  ? 0.754   -5.151  2.175   1.00 51.16  ? 198 LEU A O   1 
ATOM   387  C  CB  . LEU A 1 47  ? -0.086  -6.902  -0.085  1.00 49.14  ? 198 LEU A CB  1 
ATOM   388  C  CG  . LEU A 1 47  ? -0.723  -5.846  -0.952  1.00 55.91  ? 198 LEU A CG  1 
ATOM   389  C  CD1 . LEU A 1 47  ? -0.030  -5.700  -2.296  1.00 50.08  ? 198 LEU A CD1 1 
ATOM   390  C  CD2 . LEU A 1 47  ? -2.174  -6.243  -1.091  1.00 59.68  ? 198 LEU A CD2 1 
ATOM   391  N  N   . TYR A 1 48  ? 2.009   -4.291  0.527   1.00 41.54  ? 199 TYR A N   1 
ATOM   392  C  CA  . TYR A 1 48  ? 2.101   -2.988  1.163   1.00 46.10  ? 199 TYR A CA  1 
ATOM   393  C  C   . TYR A 1 48  ? 1.144   -2.017  0.494   1.00 42.98  ? 199 TYR A C   1 
ATOM   394  O  O   . TYR A 1 48  ? 1.228   -1.791  -0.719  1.00 42.59  ? 199 TYR A O   1 
ATOM   395  C  CB  . TYR A 1 48  ? 3.534   -2.474  1.114   1.00 44.05  ? 199 TYR A CB  1 
ATOM   396  C  CG  . TYR A 1 48  ? 4.394   -3.186  2.125   1.00 51.79  ? 199 TYR A CG  1 
ATOM   397  C  CD1 . TYR A 1 48  ? 4.992   -4.409  1.840   1.00 52.57  ? 199 TYR A CD1 1 
ATOM   398  C  CD2 . TYR A 1 48  ? 4.542   -2.664  3.395   1.00 55.16  ? 199 TYR A CD2 1 
ATOM   399  C  CE1 . TYR A 1 48  ? 5.736   -5.050  2.779   1.00 52.27  ? 199 TYR A CE1 1 
ATOM   400  C  CE2 . TYR A 1 48  ? 5.284   -3.290  4.333   1.00 55.75  ? 199 TYR A CE2 1 
ATOM   401  C  CZ  . TYR A 1 48  ? 5.878   -4.479  4.034   1.00 55.59  ? 199 TYR A CZ  1 
ATOM   402  O  OH  . TYR A 1 48  ? 6.618   -5.060  5.019   1.00 60.81  ? 199 TYR A OH  1 
ATOM   403  N  N   . ILE A 1 49  ? 0.248   -1.432  1.283   1.00 40.42  ? 200 ILE A N   1 
ATOM   404  C  CA  . ILE A 1 49  ? -0.866  -0.638  0.778   1.00 40.39  ? 200 ILE A CA  1 
ATOM   405  C  C   . ILE A 1 49  ? -0.647  0.824   1.174   1.00 40.97  ? 200 ILE A C   1 
ATOM   406  O  O   . ILE A 1 49  ? -0.753  1.183   2.357   1.00 40.42  ? 200 ILE A O   1 
ATOM   407  C  CB  . ILE A 1 49  ? -2.210  -1.168  1.298   1.00 35.45  ? 200 ILE A CB  1 
ATOM   408  C  CG1 . ILE A 1 49  ? -2.428  -2.596  0.804   1.00 45.83  ? 200 ILE A CG1 1 
ATOM   409  C  CG2 . ILE A 1 49  ? -3.346  -0.301  0.849   1.00 45.07  ? 200 ILE A CG2 1 
ATOM   410  C  CD1 . ILE A 1 49  ? -3.547  -3.270  1.485   1.00 42.37  ? 200 ILE A CD1 1 
ATOM   411  N  N   . LEU A 1 50  ? -0.358  1.671   0.188   1.00 37.92  ? 201 LEU A N   1 
ATOM   412  C  CA  . LEU A 1 50  ? -0.080  3.078   0.439   1.00 41.75  ? 201 LEU A CA  1 
ATOM   413  C  C   . LEU A 1 50  ? -1.394  3.790   0.690   1.00 42.75  ? 201 LEU A C   1 
ATOM   414  O  O   . LEU A 1 50  ? -2.323  3.677   -0.119  1.00 38.99  ? 201 LEU A O   1 
ATOM   415  C  CB  . LEU A 1 50  ? 0.644   3.697   -0.750  1.00 40.69  ? 201 LEU A CB  1 
ATOM   416  C  CG  . LEU A 1 50  ? 1.998   3.002   -0.871  1.00 44.08  ? 201 LEU A CG  1 
ATOM   417  C  CD1 . LEU A 1 50  ? 2.681   3.293   -2.183  1.00 46.00  ? 201 LEU A CD1 1 
ATOM   418  C  CD2 . LEU A 1 50  ? 2.849   3.399   0.295   1.00 39.91  ? 201 LEU A CD2 1 
ATOM   419  N  N   . LEU A 1 51  ? -1.479  4.504   1.812   1.00 43.46  ? 202 LEU A N   1 
ATOM   420  C  CA  . LEU A 1 51  ? -2.671  5.259   2.178   1.00 41.90  ? 202 LEU A CA  1 
ATOM   421  C  C   . LEU A 1 51  ? -2.283  6.722   2.410   1.00 46.09  ? 202 LEU A C   1 
ATOM   422  O  O   . LEU A 1 51  ? -2.279  7.196   3.547   1.00 44.42  ? 202 LEU A O   1 
ATOM   423  C  CB  . LEU A 1 51  ? -3.312  4.672   3.431   1.00 43.22  ? 202 LEU A CB  1 
ATOM   424  C  CG  . LEU A 1 51  ? -3.841  3.230   3.358   1.00 50.52  ? 202 LEU A CG  1 
ATOM   425  C  CD1 . LEU A 1 51  ? -3.803  2.549   4.720   1.00 50.67  ? 202 LEU A CD1 1 
ATOM   426  C  CD2 . LEU A 1 51  ? -5.239  3.208   2.812   1.00 42.26  ? 202 LEU A CD2 1 
ATOM   427  N  N   . PRO A 1 52  ? -1.964  7.464   1.347   1.00 43.82  ? 203 PRO A N   1 
ATOM   428  C  CA  . PRO A 1 52  ? -1.668  8.893   1.543   1.00 45.55  ? 203 PRO A CA  1 
ATOM   429  C  C   . PRO A 1 52  ? -2.929  9.629   1.956   1.00 44.98  ? 203 PRO A C   1 
ATOM   430  O  O   . PRO A 1 52  ? -3.988  9.459   1.351   1.00 45.90  ? 203 PRO A O   1 
ATOM   431  C  CB  . PRO A 1 52  ? -1.179  9.342   0.161   1.00 39.40  ? 203 PRO A CB  1 
ATOM   432  C  CG  . PRO A 1 52  ? -1.819  8.390   -0.786  1.00 40.61  ? 203 PRO A CG  1 
ATOM   433  C  CD  . PRO A 1 52  ? -1.798  7.067   -0.059  1.00 41.73  ? 203 PRO A CD  1 
ATOM   434  N  N   . LEU A 1 53  ? -2.830  10.444  3.004   1.00 45.30  ? 204 LEU A N   1 
ATOM   435  C  CA  . LEU A 1 53  ? -4.031  11.167  3.406   1.00 49.55  ? 204 LEU A CA  1 
ATOM   436  C  C   . LEU A 1 53  ? -4.422  12.293  2.436   1.00 49.82  ? 204 LEU A C   1 
ATOM   437  O  O   . LEU A 1 53  ? -5.576  12.734  2.506   1.00 51.31  ? 204 LEU A O   1 
ATOM   438  C  CB  . LEU A 1 53  ? -3.873  11.663  4.852   1.00 52.11  ? 204 LEU A CB  1 
ATOM   439  C  CG  . LEU A 1 53  ? -3.721  10.461  5.812   1.00 59.23  ? 204 LEU A CG  1 
ATOM   440  C  CD1 . LEU A 1 53  ? -3.274  10.824  7.204   1.00 55.91  ? 204 LEU A CD1 1 
ATOM   441  C  CD2 . LEU A 1 53  ? -5.040  9.699   5.898   1.00 50.62  ? 204 LEU A CD2 1 
ATOM   442  N  N   . ASP A 1 54  ? -3.606  12.652  1.490   1.00 51.91  ? 205 ASP A N   1 
ATOM   443  C  CA  . ASP A 1 54  ? -4.114  13.651  0.547   1.00 55.86  ? 205 ASP A CA  1 
ATOM   444  C  C   . ASP A 1 54  ? -4.910  12.945  -0.542  1.00 49.76  ? 205 ASP A C   1 
ATOM   445  O  O   . ASP A 1 54  ? -5.220  13.645  -1.428  1.00 51.12  ? 205 ASP A O   1 
ATOM   446  C  CB  . ASP A 1 54  ? -2.968  14.510  0.032   1.00 61.20  ? 205 ASP A CB  1 
ATOM   447  C  CG  . ASP A 1 54  ? -1.842  13.746  -0.623  1.00 62.56  ? 205 ASP A CG  1 
ATOM   448  O  OD1 . ASP A 1 54  ? -1.980  12.600  -0.834  1.00 71.48  ? 205 ASP A OD1 1 
ATOM   449  O  OD2 . ASP A 1 54  ? -0.868  14.332  -0.907  1.00 64.77  ? 205 ASP A OD2 1 
ATOM   450  N  N   . CYS A 1 55  ? -5.222  11.643  -0.433  1.00 45.13  ? 206 CYS A N   1 
ATOM   451  C  CA  . CYS A 1 55  ? -5.911  10.946  -1.521  1.00 47.05  ? 206 CYS A CA  1 
ATOM   452  C  C   . CYS A 1 55  ? -5.229  11.176  -2.886  1.00 47.09  ? 206 CYS A C   1 
ATOM   453  O  O   . CYS A 1 55  ? -5.858  11.042  -3.943  1.00 49.24  ? 206 CYS A O   1 
ATOM   454  C  CB  . CYS A 1 55  ? -7.390  11.343  -1.546  1.00 38.30  ? 206 CYS A CB  1 
ATOM   455  S  SG  . CYS A 1 55  ? -8.018  11.040  0.113   1.00 39.52  ? 206 CYS A SG  1 
ATOM   456  N  N   . GLY A 1 56  ? -3.939  11.471  -2.903  1.00 42.13  ? 207 GLY A N   1 
ATOM   457  C  CA  . GLY A 1 56  ? -3.256  11.705  -4.159  1.00 48.30  ? 207 GLY A CA  1 
ATOM   458  C  C   . GLY A 1 56  ? -2.644  10.437  -4.720  1.00 50.26  ? 207 GLY A C   1 
ATOM   459  O  O   . GLY A 1 56  ? -1.580  10.010  -4.263  1.00 56.61  ? 207 GLY A O   1 
ATOM   460  N  N   . VAL A 1 57  ? -3.297  9.822   -5.705  1.00 50.81  ? 208 VAL A N   1 
ATOM   461  C  CA  . VAL A 1 57  ? -2.814  8.558   -6.257  1.00 51.26  ? 208 VAL A CA  1 
ATOM   462  C  C   . VAL A 1 57  ? -2.218  8.838   -7.638  1.00 49.48  ? 208 VAL A C   1 
ATOM   463  O  O   . VAL A 1 57  ? -2.968  9.037   -8.604  1.00 51.09  ? 208 VAL A O   1 
ATOM   464  C  CB  . VAL A 1 57  ? -3.921  7.508   -6.329  1.00 44.16  ? 208 VAL A CB  1 
ATOM   465  C  CG1 . VAL A 1 57  ? -3.403  6.262   -7.012  1.00 44.98  ? 208 VAL A CG1 1 
ATOM   466  C  CG2 . VAL A 1 57  ? -4.435  7.208   -4.936  1.00 43.92  ? 208 VAL A CG2 1 
ATOM   467  N  N   . PRO A 1 58  ? -0.899  8.841   -7.778  1.00 54.15  ? 209 PRO A N   1 
ATOM   468  C  CA  . PRO A 1 58  ? -0.299  9.042   -9.097  1.00 60.44  ? 209 PRO A CA  1 
ATOM   469  C  C   . PRO A 1 58  ? -0.420  7.793   -9.952  1.00 69.74  ? 209 PRO A C   1 
ATOM   470  O  O   . PRO A 1 58  ? -0.661  6.691   -9.473  1.00 68.35  ? 209 PRO A O   1 
ATOM   471  C  CB  . PRO A 1 58  ? 1.172   9.332   -8.782  1.00 63.62  ? 209 PRO A CB  1 
ATOM   472  C  CG  . PRO A 1 58  ? 1.417   8.564   -7.511  1.00 58.61  ? 209 PRO A CG  1 
ATOM   473  C  CD  . PRO A 1 58  ? 0.124   8.696   -6.730  1.00 54.21  ? 209 PRO A CD  1 
ATOM   474  N  N   . ASP A 1 59  ? -0.228  7.975   -11.249 1.00 69.45  ? 210 ASP A N   1 
ATOM   475  C  CA  . ASP A 1 59  ? -0.305  6.837   -12.155 1.00 80.47  ? 210 ASP A CA  1 
ATOM   476  C  C   . ASP A 1 59  ? 0.966   5.994   -12.099 1.00 80.26  ? 210 ASP A C   1 
ATOM   477  O  O   . ASP A 1 59  ? 0.903   4.769   -12.240 1.00 86.06  ? 210 ASP A O   1 
ATOM   478  C  CB  . ASP A 1 59  ? -0.615  7.340   -13.567 1.00 89.44  ? 210 ASP A CB  1 
ATOM   479  C  CG  . ASP A 1 59  ? -1.853  8.241   -13.601 1.00 88.08  ? 210 ASP A CG  1 
ATOM   480  O  OD1 . ASP A 1 59  ? -2.869  7.869   -12.967 1.00 86.30  ? 210 ASP A OD1 1 
ATOM   481  O  OD2 . ASP A 1 59  ? -1.808  9.316   -14.236 1.00 93.24  ? 210 ASP A OD2 1 
ATOM   482  N  N   . ASN A 1 60  ? 2.119   6.624   -11.873 1.00 76.58  ? 211 ASN A N   1 
ATOM   483  C  CA  . ASN A 1 60  ? 3.361   5.928   -11.578 1.00 78.85  ? 211 ASN A CA  1 
ATOM   484  C  C   . ASN A 1 60  ? 3.821   6.240   -10.162 1.00 75.47  ? 211 ASN A C   1 
ATOM   485  O  O   . ASN A 1 60  ? 3.824   7.397   -9.731  1.00 69.62  ? 211 ASN A O   1 
ATOM   486  C  CB  . ASN A 1 60  ? 4.515   6.309   -12.512 1.00 84.07  ? 211 ASN A CB  1 
ATOM   487  C  CG  . ASN A 1 60  ? 4.174   6.152   -13.965 1.00 97.61  ? 211 ASN A CG  1 
ATOM   488  O  OD1 . ASN A 1 60  ? 3.783   7.118   -14.625 1.00 97.18  ? 211 ASN A OD1 1 
ATOM   489  N  ND2 . ASN A 1 60  ? 4.300   4.930   -14.477 1.00 92.22  ? 211 ASN A ND2 1 
ATOM   490  N  N   . LEU A 1 61  ? 4.240   5.185   -9.457  1.00 66.21  ? 212 LEU A N   1 
ATOM   491  C  CA  . LEU A 1 61  ? 4.895   5.352   -8.162  1.00 67.41  ? 212 LEU A CA  1 
ATOM   492  C  C   . LEU A 1 61  ? 6.129   6.237   -8.280  1.00 66.72  ? 212 LEU A C   1 
ATOM   493  O  O   . LEU A 1 61  ? 6.443   7.009   -7.369  1.00 68.61  ? 212 LEU A O   1 
ATOM   494  C  CB  . LEU A 1 61  ? 5.293   3.986   -7.593  1.00 63.98  ? 212 LEU A CB  1 
ATOM   495  C  CG  . LEU A 1 61  ? 4.295   3.329   -6.654  1.00 59.18  ? 212 LEU A CG  1 
ATOM   496  C  CD1 . LEU A 1 61  ? 4.198   4.140   -5.385  1.00 52.34  ? 212 LEU A CD1 1 
ATOM   497  C  CD2 . LEU A 1 61  ? 2.935   3.228   -7.313  1.00 61.43  ? 212 LEU A CD2 1 
ATOM   498  N  N   . SER A 1 62  ? 6.856   6.128   -9.391  1.00 67.05  ? 213 SER A N   1 
ATOM   499  C  CA  . SER A 1 62  ? 8.086   6.899   -9.535  1.00 68.03  ? 213 SER A CA  1 
ATOM   500  C  C   . SER A 1 62  ? 7.819   8.397   -9.614  1.00 72.23  ? 213 SER A C   1 
ATOM   501  O  O   . SER A 1 62  ? 8.702   9.195   -9.281  1.00 71.75  ? 213 SER A O   1 
ATOM   502  C  CB  . SER A 1 62  ? 8.857   6.423   -10.761 1.00 67.26  ? 213 SER A CB  1 
ATOM   503  O  OG  . SER A 1 62  ? 8.952   5.008   -10.751 1.00 72.46  ? 213 SER A OG  1 
ATOM   504  N  N   . MET A 1 63  ? 6.613   8.804   -10.032 1.00 75.93  ? 214 MET A N   1 
ATOM   505  C  CA  . MET A 1 63  ? 6.315   10.236  -10.088 1.00 74.17  ? 214 MET A CA  1 
ATOM   506  C  C   . MET A 1 63  ? 6.180   10.803  -8.686  1.00 71.22  ? 214 MET A C   1 
ATOM   507  O  O   . MET A 1 63  ? 6.434   11.991  -8.459  1.00 69.70  ? 214 MET A O   1 
ATOM   508  C  CB  . MET A 1 63  ? 5.026   10.515  -10.853 1.00 76.49  ? 214 MET A CB  1 
ATOM   509  C  CG  . MET A 1 63  ? 4.991   10.076  -12.273 1.00 82.87  ? 214 MET A CG  1 
ATOM   510  S  SD  . MET A 1 63  ? 3.484   10.675  -13.061 1.00 99.82  ? 214 MET A SD  1 
ATOM   511  C  CE  . MET A 1 63  ? 2.133   9.829   -12.271 1.00 77.21  ? 214 MET A CE  1 
ATOM   512  N  N   . ALA A 1 64  ? 5.778   9.956   -7.732  1.00 71.28  ? 215 ALA A N   1 
ATOM   513  C  CA  . ALA A 1 64  ? 5.604   10.377  -6.344  1.00 70.99  ? 215 ALA A CA  1 
ATOM   514  C  C   . ALA A 1 64  ? 6.916   10.323  -5.554  1.00 65.51  ? 215 ALA A C   1 
ATOM   515  O  O   . ALA A 1 64  ? 7.042   10.981  -4.518  1.00 66.80  ? 215 ALA A O   1 
ATOM   516  C  CB  . ALA A 1 64  ? 4.541   9.505   -5.674  1.00 65.46  ? 215 ALA A CB  1 
ATOM   517  N  N   . ASP A 1 65  ? 7.891   9.524   -6.004  1.00 63.47  ? 216 ASP A N   1 
ATOM   518  C  CA  . ASP A 1 65  ? 9.226   9.398   -5.339  1.00 62.25  ? 216 ASP A CA  1 
ATOM   519  C  C   . ASP A 1 65  ? 10.129  8.727   -6.370  1.00 60.71  ? 216 ASP A C   1 
ATOM   520  O  O   . ASP A 1 65  ? 9.860   7.584   -6.754  1.00 59.86  ? 216 ASP A O   1 
ATOM   521  C  CB  . ASP A 1 65  ? 9.211   8.586   -4.022  1.00 58.00  ? 216 ASP A CB  1 
ATOM   522  C  CG  . ASP A 1 65  ? 10.531  8.691   -3.215  1.00 60.14  ? 216 ASP A CG  1 
ATOM   523  O  OD1 . ASP A 1 65  ? 11.618  8.660   -3.827  1.00 61.32  ? 216 ASP A OD1 1 
ATOM   524  O  OD2 . ASP A 1 65  ? 10.477  8.780   -1.961  1.00 53.77  ? 216 ASP A OD2 1 
ATOM   525  N  N   . PRO A 1 66  ? 11.167  9.407   -6.866  1.00 63.34  ? 217 PRO A N   1 
ATOM   526  C  CA  . PRO A 1 66  ? 12.031  8.779   -7.879  1.00 62.70  ? 217 PRO A CA  1 
ATOM   527  C  C   . PRO A 1 66  ? 12.866  7.620   -7.341  1.00 59.75  ? 217 PRO A C   1 
ATOM   528  O  O   . PRO A 1 66  ? 13.380  6.820   -8.139  1.00 58.64  ? 217 PRO A O   1 
ATOM   529  C  CB  . PRO A 1 66  ? 12.910  9.955   -8.360  1.00 61.77  ? 217 PRO A CB  1 
ATOM   530  C  CG  . PRO A 1 66  ? 13.001  10.865  -7.179  1.00 61.23  ? 217 PRO A CG  1 
ATOM   531  C  CD  . PRO A 1 66  ? 11.663  10.738  -6.454  1.00 64.40  ? 217 PRO A CD  1 
ATOM   532  N  N   . ASN A 1 67  ? 12.998  7.498   -6.021  1.00 58.78  ? 218 ASN A N   1 
ATOM   533  C  CA  . ASN A 1 67  ? 13.674  6.372   -5.391  1.00 54.34  ? 218 ASN A CA  1 
ATOM   534  C  C   . ASN A 1 67  ? 12.809  5.127   -5.315  1.00 52.27  ? 218 ASN A C   1 
ATOM   535  O  O   . ASN A 1 67  ? 13.222  4.150   -4.692  1.00 52.80  ? 218 ASN A O   1 
ATOM   536  C  CB  . ASN A 1 67  ? 14.123  6.766   -3.989  1.00 52.67  ? 218 ASN A CB  1 
ATOM   537  C  CG  . ASN A 1 67  ? 15.389  7.589   -3.997  1.00 54.68  ? 218 ASN A CG  1 
ATOM   538  O  OD1 . ASN A 1 67  ? 16.270  7.406   -4.844  1.00 56.29  ? 218 ASN A OD1 1 
ATOM   539  N  ND2 . ASN A 1 67  ? 15.490  8.508   -3.051  1.00 57.67  ? 218 ASN A ND2 1 
ATOM   540  N  N   . ILE A 1 68  ? 11.627  5.134   -5.901  1.00 48.36  ? 219 ILE A N   1 
ATOM   541  C  CA  . ILE A 1 68  ? 10.787  3.947   -5.983  1.00 53.17  ? 219 ILE A CA  1 
ATOM   542  C  C   . ILE A 1 68  ? 10.684  3.611   -7.464  1.00 58.57  ? 219 ILE A C   1 
ATOM   543  O  O   . ILE A 1 68  ? 9.894   4.239   -8.185  1.00 65.00  ? 219 ILE A O   1 
ATOM   544  C  CB  . ILE A 1 68  ? 9.397   4.173   -5.391  1.00 51.10  ? 219 ILE A CB  1 
ATOM   545  C  CG1 . ILE A 1 68  ? 9.484   4.665   -3.949  1.00 52.16  ? 219 ILE A CG1 1 
ATOM   546  C  CG2 . ILE A 1 68  ? 8.643   2.860   -5.392  1.00 54.38  ? 219 ILE A CG2 1 
ATOM   547  C  CD1 . ILE A 1 68  ? 8.158   5.167   -3.396  1.00 48.39  ? 219 ILE A CD1 1 
ATOM   548  N  N   . ARG A 1 69  ? 11.478  2.645   -7.936  1.00 56.35  ? 220 ARG A N   1 
ATOM   549  C  CA  . ARG A 1 69  ? 11.534  2.273   -9.347  1.00 59.40  ? 220 ARG A CA  1 
ATOM   550  C  C   . ARG A 1 69  ? 10.791  0.957   -9.581  1.00 60.12  ? 220 ARG A C   1 
ATOM   551  O  O   . ARG A 1 69  ? 10.904  0.013   -8.789  1.00 55.01  ? 220 ARG A O   1 
ATOM   552  C  CB  . ARG A 1 69  ? 12.993  2.148   -9.818  1.00 59.95  ? 220 ARG A CB  1 
ATOM   553  N  N   . PHE A 1 70  ? 9.995   0.902   -10.645 1.00 59.56  ? 221 PHE A N   1 
ATOM   554  C  CA  . PHE A 1 70  ? 9.341   -0.352  -10.983 1.00 59.85  ? 221 PHE A CA  1 
ATOM   555  C  C   . PHE A 1 70  ? 10.403  -1.411  -11.244 1.00 57.40  ? 221 PHE A C   1 
ATOM   556  O  O   . PHE A 1 70  ? 11.407  -1.158  -11.911 1.00 58.32  ? 221 PHE A O   1 
ATOM   557  C  CB  . PHE A 1 70  ? 8.443   -0.188  -12.218 1.00 59.97  ? 221 PHE A CB  1 
ATOM   558  C  CG  . PHE A 1 70  ? 7.871   -1.485  -12.727 1.00 58.61  ? 221 PHE A CG  1 
ATOM   559  C  CD1 . PHE A 1 70  ? 6.729   -2.033  -12.140 1.00 61.03  ? 221 PHE A CD1 1 
ATOM   560  C  CD2 . PHE A 1 70  ? 8.483   -2.170  -13.763 1.00 54.80  ? 221 PHE A CD2 1 
ATOM   561  C  CE1 . PHE A 1 70  ? 6.210   -3.223  -12.586 1.00 60.96  ? 221 PHE A CE1 1 
ATOM   562  C  CE2 . PHE A 1 70  ? 7.969   -3.364  -14.210 1.00 61.77  ? 221 PHE A CE2 1 
ATOM   563  C  CZ  . PHE A 1 70  ? 6.835   -3.896  -13.618 1.00 62.52  ? 221 PHE A CZ  1 
ATOM   564  N  N   . LEU A 1 71  ? 10.200  -2.597  -10.692 1.00 57.10  ? 222 LEU A N   1 
ATOM   565  C  CA  . LEU A 1 71  ? 11.150  -3.679  -10.893 1.00 61.29  ? 222 LEU A CA  1 
ATOM   566  C  C   . LEU A 1 71  ? 10.601  -4.782  -11.774 1.00 63.08  ? 222 LEU A C   1 
ATOM   567  O  O   . LEU A 1 71  ? 11.224  -5.172  -12.763 1.00 66.12  ? 222 LEU A O   1 
ATOM   568  C  CB  . LEU A 1 71  ? 11.570  -4.278  -9.549  1.00 57.14  ? 222 LEU A CB  1 
ATOM   569  C  CG  . LEU A 1 71  ? 12.616  -5.372  -9.739  1.00 62.03  ? 222 LEU A CG  1 
ATOM   570  C  CD1 . LEU A 1 71  ? 13.856  -4.729  -10.300 1.00 64.26  ? 222 LEU A CD1 1 
ATOM   571  C  CD2 . LEU A 1 71  ? 12.927  -6.065  -8.446  1.00 64.22  ? 222 LEU A CD2 1 
ATOM   572  N  N   . ASP A 1 72  ? 9.439   -5.300  -11.435 1.00 66.53  ? 223 ASP A N   1 
ATOM   573  C  CA  . ASP A 1 72  ? 8.989   -6.512  -12.084 1.00 70.02  ? 223 ASP A CA  1 
ATOM   574  C  C   . ASP A 1 72  ? 7.522   -6.701  -11.777 1.00 71.75  ? 223 ASP A C   1 
ATOM   575  O  O   . ASP A 1 72  ? 6.948   -6.067  -10.881 1.00 71.38  ? 223 ASP A O   1 
ATOM   576  C  CB  . ASP A 1 72  ? 9.787   -7.729  -11.621 1.00 73.57  ? 223 ASP A CB  1 
ATOM   577  C  CG  . ASP A 1 72  ? 10.026  -8.731  -12.734 1.00 79.88  ? 223 ASP A CG  1 
ATOM   578  O  OD1 . ASP A 1 72  ? 9.561   -8.477  -13.860 1.00 86.24  ? 223 ASP A OD1 1 
ATOM   579  O  OD2 . ASP A 1 72  ? 10.689  -9.755  -12.469 1.00 80.13  ? 223 ASP A OD2 1 
ATOM   580  N  N   . LYS A 1 73  ? 6.904   -7.603  -12.502 1.00 76.77  ? 224 LYS A N   1 
ATOM   581  C  CA  . LYS A 1 73  ? 5.470   -7.853  -12.313 1.00 76.36  ? 224 LYS A CA  1 
ATOM   582  C  C   . LYS A 1 73  ? 5.377   -9.177  -11.600 1.00 73.93  ? 224 LYS A C   1 
ATOM   583  O  O   . LYS A 1 73  ? 6.054   -10.069 -11.998 1.00 74.17  ? 224 LYS A O   1 
ATOM   584  C  CB  . LYS A 1 73  ? 4.835   -7.898  -13.701 1.00 81.97  ? 224 LYS A CB  1 
ATOM   585  C  CG  . LYS A 1 73  ? 3.333   -8.120  -13.805 1.00 85.95  ? 224 LYS A CG  1 
ATOM   586  C  CD  . LYS A 1 73  ? 2.453   -6.982  -13.345 1.00 85.35  ? 224 LYS A CD  1 
ATOM   587  C  CE  . LYS A 1 73  ? 0.972   -7.317  -13.452 1.00 90.95  ? 224 LYS A CE  1 
ATOM   588  N  NZ  . LYS A 1 73  ? 0.612   -8.619  -12.839 1.00 86.45  ? 224 LYS A NZ  1 
ATOM   589  N  N   . LEU A 1 74  ? 4.595   -9.249  -10.542 1.00 74.99  ? 225 LEU A N   1 
ATOM   590  C  CA  . LEU A 1 74  ? 4.479   -10.556 -9.878  1.00 77.89  ? 225 LEU A CA  1 
ATOM   591  C  C   . LEU A 1 74  ? 3.802   -11.441 -10.897 1.00 82.96  ? 225 LEU A C   1 
ATOM   592  O  O   . LEU A 1 74  ? 2.680   -11.169 -11.208 1.00 88.16  ? 225 LEU A O   1 
ATOM   593  C  CB  . LEU A 1 74  ? 3.582   -10.381 -8.673  1.00 72.66  ? 225 LEU A CB  1 
ATOM   594  C  CG  . LEU A 1 74  ? 3.793   -11.438 -7.622  1.00 73.57  ? 225 LEU A CG  1 
ATOM   595  C  CD1 . LEU A 1 74  ? 5.253   -11.548 -7.334  1.00 72.99  ? 225 LEU A CD1 1 
ATOM   596  C  CD2 . LEU A 1 74  ? 3.026   -11.096 -6.385  1.00 71.72  ? 225 LEU A CD2 1 
ATOM   597  N  N   . PRO A 1 75  ? 4.399   -12.566 -11.284 1.00 81.98  ? 226 PRO A N   1 
ATOM   598  C  CA  . PRO A 1 75  ? 3.917   -13.390 -12.366 1.00 86.97  ? 226 PRO A CA  1 
ATOM   599  C  C   . PRO A 1 75  ? 2.536   -13.979 -12.150 1.00 95.29  ? 226 PRO A C   1 
ATOM   600  O  O   . PRO A 1 75  ? 1.872   -14.223 -13.120 1.00 98.01  ? 226 PRO A O   1 
ATOM   601  C  CB  . PRO A 1 75  ? 4.851   -14.583 -12.373 1.00 84.46  ? 226 PRO A CB  1 
ATOM   602  C  CG  . PRO A 1 75  ? 5.454   -14.565 -11.018 1.00 87.80  ? 226 PRO A CG  1 
ATOM   603  C  CD  . PRO A 1 75  ? 5.559   -13.106 -10.660 1.00 87.16  ? 226 PRO A CD  1 
ATOM   604  N  N   . GLN A 1 76  ? 2.227   -14.274 -10.895 1.00 105.04 ? 227 GLN A N   1 
ATOM   605  C  CA  . GLN A 1 76  ? 0.946   -14.871 -10.463 1.00 99.35  ? 227 GLN A CA  1 
ATOM   606  C  C   . GLN A 1 76  ? 0.577   -16.029 -11.398 1.00 100.23 ? 227 GLN A C   1 
ATOM   607  O  O   . GLN A 1 76  ? -0.520  -16.537 -11.244 1.00 101.16 ? 227 GLN A O   1 
ATOM   608  C  CB  . GLN A 1 76  ? -0.092  -13.777 -10.224 1.00 100.27 ? 227 GLN A CB  1 
ATOM   609  C  CG  . GLN A 1 76  ? -0.671  -13.157 -11.476 1.00 95.98  ? 227 GLN A CG  1 
ATOM   610  C  CD  . GLN A 1 76  ? -1.388  -14.185 -12.299 1.00 101.89 ? 227 GLN A CD  1 
ATOM   611  O  OE1 . GLN A 1 76  ? -1.391  -14.141 -13.512 1.00 111.26 ? 227 GLN A OE1 1 
ATOM   612  N  NE2 . GLN A 1 76  ? -1.985  -15.129 -11.618 1.00 106.26 ? 227 GLN A NE2 1 
ATOM   613  N  N   . TYR A 1 89  ? -6.220  -7.147  -10.567 1.00 106.39 ? 240 TYR A N   1 
ATOM   614  C  CA  . TYR A 1 89  ? -5.883  -8.184  -11.543 1.00 119.46 ? 240 TYR A CA  1 
ATOM   615  C  C   . TYR A 1 89  ? -4.364  -8.186  -11.809 1.00 114.73 ? 240 TYR A C   1 
ATOM   616  O  O   . TYR A 1 89  ? -3.833  -9.120  -12.412 1.00 115.87 ? 240 TYR A O   1 
ATOM   617  C  CB  . TYR A 1 89  ? -6.689  -7.967  -12.844 1.00 127.74 ? 240 TYR A CB  1 
ATOM   618  C  CG  . TYR A 1 89  ? -6.797  -9.176  -13.781 1.00 134.89 ? 240 TYR A CG  1 
ATOM   619  C  CD1 . TYR A 1 89  ? -5.684  -9.660  -14.469 1.00 134.80 ? 240 TYR A CD1 1 
ATOM   620  C  CD2 . TYR A 1 89  ? -8.013  -9.836  -13.972 1.00 133.94 ? 240 TYR A CD2 1 
ATOM   621  C  CE1 . TYR A 1 89  ? -5.773  -10.757 -15.312 1.00 137.85 ? 240 TYR A CE1 1 
ATOM   622  C  CE2 . TYR A 1 89  ? -8.111  -10.939 -14.821 1.00 136.68 ? 240 TYR A CE2 1 
ATOM   623  C  CZ  . TYR A 1 89  ? -6.985  -11.394 -15.488 1.00 138.94 ? 240 TYR A CZ  1 
ATOM   624  O  OH  . TYR A 1 89  ? -7.060  -12.482 -16.329 1.00 134.94 ? 240 TYR A OH  1 
ATOM   625  N  N   . SER A 1 90  ? -3.667  -7.167  -11.299 1.00 106.52 ? 241 SER A N   1 
ATOM   626  C  CA  . SER A 1 90  ? -2.300  -6.872  -11.711 1.00 98.35  ? 241 SER A CA  1 
ATOM   627  C  C   . SER A 1 90  ? -1.501  -6.279  -10.553 1.00 93.88  ? 241 SER A C   1 
ATOM   628  O  O   . SER A 1 90  ? -1.855  -5.218  -10.029 1.00 89.69  ? 241 SER A O   1 
ATOM   629  C  CB  . SER A 1 90  ? -2.332  -5.908  -12.905 1.00 103.44 ? 241 SER A CB  1 
ATOM   630  O  OG  . SER A 1 90  ? -1.038  -5.451  -13.254 1.00 101.57 ? 241 SER A OG  1 
ATOM   631  N  N   . ASN A 1 91  ? -0.413  -6.952  -10.169 1.00 90.68  ? 242 ASN A N   1 
ATOM   632  C  CA  . ASN A 1 91  ? 0.400   -6.571  -9.017  1.00 80.77  ? 242 ASN A CA  1 
ATOM   633  C  C   . ASN A 1 91  ? 1.852   -6.364  -9.422  1.00 76.20  ? 242 ASN A C   1 
ATOM   634  O  O   . ASN A 1 91  ? 2.408   -7.171  -10.175 1.00 78.52  ? 242 ASN A O   1 
ATOM   635  C  CB  . ASN A 1 91  ? 0.335   -7.641  -7.950  1.00 76.08  ? 242 ASN A CB  1 
ATOM   636  C  CG  . ASN A 1 91  ? -1.009  -7.710  -7.300  1.00 75.31  ? 242 ASN A CG  1 
ATOM   637  O  OD1 . ASN A 1 91  ? -1.409  -6.806  -6.579  1.00 72.33  ? 242 ASN A OD1 1 
ATOM   638  N  ND2 . ASN A 1 91  ? -1.732  -8.776  -7.573  1.00 77.34  ? 242 ASN A ND2 1 
ATOM   639  N  N   . SER A 1 92  ? 2.481   -5.310  -8.898  1.00 63.75  ? 243 SER A N   1 
ATOM   640  C  CA  . SER A 1 92  ? 3.825   -4.939  -9.327  1.00 64.30  ? 243 SER A CA  1 
ATOM   641  C  C   . SER A 1 92  ? 4.833   -4.933  -8.176  1.00 59.03  ? 243 SER A C   1 
ATOM   642  O  O   . SER A 1 92  ? 4.517   -4.538  -7.046  1.00 54.55  ? 243 SER A O   1 
ATOM   643  C  CB  . SER A 1 92  ? 3.788   -3.578  -10.007 1.00 63.80  ? 243 SER A CB  1 
ATOM   644  O  OG  . SER A 1 92  ? 2.889   -3.634  -11.107 1.00 67.29  ? 243 SER A OG  1 
ATOM   645  N  N   . ILE A 1 93  ? 6.056   -5.378  -8.481  1.00 60.73  ? 244 ILE A N   1 
ATOM   646  C  CA  . ILE A 1 93  ? 7.173   -5.388  -7.542  1.00 54.21  ? 244 ILE A CA  1 
ATOM   647  C  C   . ILE A 1 93  ? 8.024   -4.149  -7.778  1.00 52.78  ? 244 ILE A C   1 
ATOM   648  O  O   . ILE A 1 93  ? 8.418   -3.864  -8.917  1.00 52.82  ? 244 ILE A O   1 
ATOM   649  C  CB  . ILE A 1 93  ? 8.027   -6.650  -7.709  1.00 55.31  ? 244 ILE A CB  1 
ATOM   650  C  CG1 . ILE A 1 93  ? 7.224   -7.887  -7.358  1.00 61.01  ? 244 ILE A CG1 1 
ATOM   651  C  CG2 . ILE A 1 93  ? 9.227   -6.618  -6.793  1.00 50.99  ? 244 ILE A CG2 1 
ATOM   652  C  CD1 . ILE A 1 93  ? 7.850   -9.141  -7.903  1.00 65.43  ? 244 ILE A CD1 1 
ATOM   653  N  N   . TYR A 1 94  ? 8.345   -3.435  -6.706  1.00 48.79  ? 245 TYR A N   1 
ATOM   654  C  CA  . TYR A 1 94  ? 9.135   -2.221  -6.788  1.00 52.81  ? 245 TYR A CA  1 
ATOM   655  C  C   . TYR A 1 94  ? 10.416  -2.370  -5.980  1.00 51.78  ? 245 TYR A C   1 
ATOM   656  O  O   . TYR A 1 94  ? 10.445  -3.042  -4.950  1.00 51.00  ? 245 TYR A O   1 
ATOM   657  C  CB  . TYR A 1 94  ? 8.336   -1.009  -6.264  1.00 51.67  ? 245 TYR A CB  1 
ATOM   658  C  CG  . TYR A 1 94  ? 7.160   -0.633  -7.143  1.00 57.53  ? 245 TYR A CG  1 
ATOM   659  C  CD1 . TYR A 1 94  ? 5.971   -1.348  -7.076  1.00 53.47  ? 245 TYR A CD1 1 
ATOM   660  C  CD2 . TYR A 1 94  ? 7.223   0.442   -8.025  1.00 57.87  ? 245 TYR A CD2 1 
ATOM   661  C  CE1 . TYR A 1 94  ? 4.893   -1.010  -7.857  1.00 53.71  ? 245 TYR A CE1 1 
ATOM   662  C  CE2 . TYR A 1 94  ? 6.140   0.777   -8.824  1.00 56.61  ? 245 TYR A CE2 1 
ATOM   663  C  CZ  . TYR A 1 94  ? 4.984   0.041   -8.726  1.00 58.36  ? 245 TYR A CZ  1 
ATOM   664  O  OH  . TYR A 1 94  ? 3.886   0.333   -9.489  1.00 62.31  ? 245 TYR A OH  1 
ATOM   665  N  N   . GLU A 1 95  ? 11.475  -1.733  -6.455  1.00 51.01  ? 246 GLU A N   1 
ATOM   666  C  CA  . GLU A 1 95  ? 12.700  -1.624  -5.686  1.00 53.11  ? 246 GLU A CA  1 
ATOM   667  C  C   . GLU A 1 95  ? 12.744  -0.237  -5.053  1.00 50.52  ? 246 GLU A C   1 
ATOM   668  O  O   . GLU A 1 95  ? 12.232  0.733   -5.623  1.00 51.70  ? 246 GLU A O   1 
ATOM   669  C  CB  . GLU A 1 95  ? 13.930  -1.903  -6.569  1.00 59.15  ? 246 GLU A CB  1 
ATOM   670  C  CG  . GLU A 1 95  ? 14.246  -0.850  -7.647  1.00 65.12  ? 246 GLU A CG  1 
ATOM   671  C  CD  . GLU A 1 95  ? 15.538  -1.152  -8.417  1.00 68.54  ? 246 GLU A CD  1 
ATOM   672  O  OE1 . GLU A 1 95  ? 16.450  -1.743  -7.806  1.00 70.48  ? 246 GLU A OE1 1 
ATOM   673  O  OE2 . GLU A 1 95  ? 15.651  -0.770  -9.606  1.00 70.61  ? 246 GLU A OE2 1 
ATOM   674  N  N   . LEU A 1 96  ? 13.278  -0.157  -3.838  1.00 46.31  ? 247 LEU A N   1 
ATOM   675  C  CA  . LEU A 1 96  ? 13.409  1.100   -3.121  1.00 42.81  ? 247 LEU A CA  1 
ATOM   676  C  C   . LEU A 1 96  ? 14.883  1.462   -3.110  1.00 52.19  ? 247 LEU A C   1 
ATOM   677  O  O   . LEU A 1 96  ? 15.724  0.625   -2.760  1.00 53.10  ? 247 LEU A O   1 
ATOM   678  C  CB  . LEU A 1 96  ? 12.877  0.987   -1.700  1.00 42.43  ? 247 LEU A CB  1 
ATOM   679  C  CG  . LEU A 1 96  ? 11.430  0.523   -1.721  1.00 46.24  ? 247 LEU A CG  1 
ATOM   680  C  CD1 . LEU A 1 96  ? 10.915  0.350   -0.353  1.00 45.48  ? 247 LEU A CD1 1 
ATOM   681  C  CD2 . LEU A 1 96  ? 10.623  1.594   -2.452  1.00 51.72  ? 247 LEU A CD2 1 
ATOM   682  N  N   . LEU A 1 97  ? 15.200  2.684   -3.521  1.00 49.22  ? 248 LEU A N   1 
ATOM   683  C  CA  . LEU A 1 97  ? 16.583  3.103   -3.647  1.00 52.59  ? 248 LEU A CA  1 
ATOM   684  C  C   . LEU A 1 97  ? 17.005  4.016   -2.501  1.00 54.75  ? 248 LEU A C   1 
ATOM   685  O  O   . LEU A 1 97  ? 16.215  4.800   -1.957  1.00 51.68  ? 248 LEU A O   1 
ATOM   686  C  CB  . LEU A 1 97  ? 16.830  3.814   -4.980  1.00 54.00  ? 248 LEU A CB  1 
ATOM   687  C  CG  . LEU A 1 97  ? 16.499  3.009   -6.233  1.00 55.47  ? 248 LEU A CG  1 
ATOM   688  C  CD1 . LEU A 1 97  ? 16.988  3.740   -7.474  1.00 58.51  ? 248 LEU A CD1 1 
ATOM   689  C  CD2 . LEU A 1 97  ? 17.095  1.636   -6.133  1.00 53.60  ? 248 LEU A CD2 1 
ATOM   690  N  N   . GLU A 1 98  ? 18.274  3.861   -2.134  1.00 57.72  ? 249 GLU A N   1 
ATOM   691  C  CA  . GLU A 1 98  ? 18.990  4.710   -1.187  1.00 63.05  ? 249 GLU A CA  1 
ATOM   692  C  C   . GLU A 1 98  ? 20.359  4.966   -1.795  1.00 63.49  ? 249 GLU A C   1 
ATOM   693  O  O   . GLU A 1 98  ? 21.141  4.027   -1.955  1.00 59.56  ? 249 GLU A O   1 
ATOM   694  C  CB  . GLU A 1 98  ? 19.133  4.022   0.164   1.00 59.85  ? 249 GLU A CB  1 
ATOM   695  C  CG  . GLU A 1 98  ? 18.077  4.339   1.196   1.00 56.75  ? 249 GLU A CG  1 
ATOM   696  C  CD  . GLU A 1 98  ? 18.356  3.616   2.502   1.00 58.99  ? 249 GLU A CD  1 
ATOM   697  O  OE1 . GLU A 1 98  ? 19.065  2.591   2.466   1.00 62.36  ? 249 GLU A OE1 1 
ATOM   698  O  OE2 . GLU A 1 98  ? 17.873  4.072   3.550   1.00 61.86  ? 249 GLU A OE2 1 
ATOM   699  N  N   . ASN A 1 99  ? 20.634  6.212   -2.183  1.00 67.22  ? 250 ASN A N   1 
ATOM   700  C  CA  . ASN A 1 99  ? 21.942  6.587   -2.713  1.00 68.30  ? 250 ASN A CA  1 
ATOM   701  C  C   . ASN A 1 99  ? 22.231  5.825   -4.002  1.00 64.46  ? 250 ASN A C   1 
ATOM   702  O  O   . ASN A 1 99  ? 23.372  5.474   -4.300  1.00 66.12  ? 250 ASN A O   1 
ATOM   703  C  CB  . ASN A 1 99  ? 23.041  6.315   -1.689  1.00 72.54  ? 250 ASN A CB  1 
ATOM   704  C  CG  . ASN A 1 99  ? 22.776  6.973   -0.349  1.00 83.45  ? 250 ASN A CG  1 
ATOM   705  O  OD1 . ASN A 1 99  ? 22.595  6.270   0.654   1.00 85.11  ? 250 ASN A OD1 1 
ATOM   706  N  ND2 . ASN A 1 99  ? 22.711  8.308   -0.318  1.00 85.60  ? 250 ASN A ND2 1 
ATOM   707  N  N   . GLY A 1 100 ? 21.177  5.520   -4.754  1.00 63.28  ? 251 GLY A N   1 
ATOM   708  C  CA  . GLY A 1 100 ? 21.316  4.697   -5.936  1.00 63.11  ? 251 GLY A CA  1 
ATOM   709  C  C   . GLY A 1 100 ? 21.473  3.208   -5.688  1.00 68.07  ? 251 GLY A C   1 
ATOM   710  O  O   . GLY A 1 100 ? 21.577  2.448   -6.661  1.00 69.76  ? 251 GLY A O   1 
ATOM   711  N  N   . GLN A 1 101 ? 21.496  2.755   -4.430  1.00 69.52  ? 252 GLN A N   1 
ATOM   712  C  CA  . GLN A 1 101 ? 21.604  1.334   -4.114  1.00 64.63  ? 252 GLN A CA  1 
ATOM   713  C  C   . GLN A 1 101 ? 20.230  0.756   -3.809  1.00 58.65  ? 252 GLN A C   1 
ATOM   714  O  O   . GLN A 1 101 ? 19.418  1.381   -3.120  1.00 53.87  ? 252 GLN A O   1 
ATOM   715  C  CB  . GLN A 1 101 ? 22.509  1.081   -2.909  1.00 64.37  ? 252 GLN A CB  1 
ATOM   716  C  CG  . GLN A 1 101 ? 23.762  1.910   -2.847  1.00 67.85  ? 252 GLN A CG  1 
ATOM   717  C  CD  . GLN A 1 101 ? 24.828  1.391   -3.760  1.00 74.09  ? 252 GLN A CD  1 
ATOM   718  O  OE1 . GLN A 1 101 ? 24.891  0.196   -4.041  1.00 81.15  ? 252 GLN A OE1 1 
ATOM   719  N  NE2 . GLN A 1 101 ? 25.671  2.284   -4.242  1.00 83.44  ? 252 GLN A NE2 1 
ATOM   720  N  N   . ARG A 1 102 ? 19.985  -0.454  -4.293  1.00 59.83  ? 253 ARG A N   1 
ATOM   721  C  CA  . ARG A 1 102 ? 18.773  -1.159  -3.910  1.00 59.19  ? 253 ARG A CA  1 
ATOM   722  C  C   . ARG A 1 102 ? 18.800  -1.457  -2.416  1.00 53.23  ? 253 ARG A C   1 
ATOM   723  O  O   . ARG A 1 102 ? 19.668  -2.190  -1.935  1.00 62.93  ? 253 ARG A O   1 
ATOM   724  C  CB  . ARG A 1 102 ? 18.605  -2.451  -4.703  1.00 61.34  ? 253 ARG A CB  1 
ATOM   725  C  CG  . ARG A 1 102 ? 17.361  -3.228  -4.261  1.00 69.02  ? 253 ARG A CG  1 
ATOM   726  C  CD  . ARG A 1 102 ? 17.206  -4.440  -5.104  1.00 70.28  ? 253 ARG A CD  1 
ATOM   727  N  NE  . ARG A 1 102 ? 16.941  -4.016  -6.463  1.00 71.27  ? 253 ARG A NE  1 
ATOM   728  C  CZ  . ARG A 1 102 ? 17.056  -4.796  -7.525  1.00 76.01  ? 253 ARG A CZ  1 
ATOM   729  N  NH1 . ARG A 1 102 ? 17.419  -6.060  -7.387  1.00 78.78  ? 253 ARG A NH1 1 
ATOM   730  N  NH2 . ARG A 1 102 ? 16.800  -4.304  -8.729  1.00 80.79  ? 253 ARG A NH2 1 
ATOM   731  N  N   . ALA A 1 103 ? 17.861  -0.862  -1.682  1.00 50.62  ? 254 ALA A N   1 
ATOM   732  C  CA  . ALA A 1 103 ? 17.710  -1.106  -0.261  1.00 49.59  ? 254 ALA A CA  1 
ATOM   733  C  C   . ALA A 1 103 ? 16.549  -2.014  0.102   1.00 51.74  ? 254 ALA A C   1 
ATOM   734  O  O   . ALA A 1 103 ? 16.525  -2.520  1.225   1.00 59.72  ? 254 ALA A O   1 
ATOM   735  C  CB  . ALA A 1 103 ? 17.534  0.210   0.496   1.00 48.67  ? 254 ALA A CB  1 
ATOM   736  N  N   . GLY A 1 104 ? 15.590  -2.239  -0.795  1.00 53.96  ? 255 GLY A N   1 
ATOM   737  C  CA  . GLY A 1 104 ? 14.447  -3.059  -0.447  1.00 47.52  ? 255 GLY A CA  1 
ATOM   738  C  C   . GLY A 1 104 ? 13.616  -3.376  -1.672  1.00 51.00  ? 255 GLY A C   1 
ATOM   739  O  O   . GLY A 1 104 ? 13.738  -2.732  -2.709  1.00 56.81  ? 255 GLY A O   1 
ATOM   740  N  N   . THR A 1 105 ? 12.748  -4.356  -1.516  1.00 46.48  ? 256 THR A N   1 
ATOM   741  C  CA  . THR A 1 105 ? 11.930  -4.887  -2.595  1.00 54.70  ? 256 THR A CA  1 
ATOM   742  C  C   . THR A 1 105 ? 10.587  -5.339  -2.030  1.00 55.20  ? 256 THR A C   1 
ATOM   743  O  O   . THR A 1 105 ? 10.497  -5.836  -0.903  1.00 57.74  ? 256 THR A O   1 
ATOM   744  C  CB  . THR A 1 105 ? 12.676  -6.013  -3.308  1.00 59.92  ? 256 THR A CB  1 
ATOM   745  O  OG1 . THR A 1 105 ? 13.843  -5.461  -3.927  1.00 62.57  ? 256 THR A OG1 1 
ATOM   746  C  CG2 . THR A 1 105 ? 11.833  -6.686  -4.335  1.00 65.80  ? 256 THR A CG2 1 
ATOM   747  N  N   . CYS A 1 106 ? 9.544   -5.206  -2.839  1.00 54.57  ? 257 CYS A N   1 
ATOM   748  C  CA  . CYS A 1 106 ? 8.286   -4.851  -2.225  1.00 51.74  ? 257 CYS A CA  1 
ATOM   749  C  C   . CYS A 1 106 ? 7.194   -4.953  -3.276  1.00 49.77  ? 257 CYS A C   1 
ATOM   750  O  O   . CYS A 1 106 ? 7.329   -4.416  -4.385  1.00 52.14  ? 257 CYS A O   1 
ATOM   751  C  CB  . CYS A 1 106 ? 8.454   -3.434  -1.691  1.00 55.70  ? 257 CYS A CB  1 
ATOM   752  S  SG  . CYS A 1 106 ? 7.244   -2.650  -0.738  1.00 56.55  ? 257 CYS A SG  1 
ATOM   753  N  N   . VAL A 1 107 ? 6.100   -5.623  -2.933  1.00 51.01  ? 258 VAL A N   1 
ATOM   754  C  CA  . VAL A 1 107 ? 4.894   -5.536  -3.746  1.00 49.42  ? 258 VAL A CA  1 
ATOM   755  C  C   . VAL A 1 107 ? 4.065   -4.401  -3.173  1.00 43.67  ? 258 VAL A C   1 
ATOM   756  O  O   . VAL A 1 107 ? 3.606   -4.481  -2.026  1.00 42.86  ? 258 VAL A O   1 
ATOM   757  C  CB  . VAL A 1 107 ? 4.086   -6.831  -3.743  1.00 53.57  ? 258 VAL A CB  1 
ATOM   758  C  CG1 . VAL A 1 107 ? 2.846   -6.644  -4.641  1.00 56.07  ? 258 VAL A CG1 1 
ATOM   759  C  CG2 . VAL A 1 107 ? 4.929   -7.983  -4.182  1.00 55.90  ? 258 VAL A CG2 1 
ATOM   760  N  N   . LEU A 1 108 ? 3.835   -3.358  -3.967  1.00 41.68  ? 259 LEU A N   1 
ATOM   761  C  CA  . LEU A 1 108 ? 3.448   -2.065  -3.422  1.00 44.49  ? 259 LEU A CA  1 
ATOM   762  C  C   . LEU A 1 108 ? 2.276   -1.531  -4.230  1.00 46.30  ? 259 LEU A C   1 
ATOM   763  O  O   . LEU A 1 108 ? 2.206   -1.754  -5.441  1.00 46.41  ? 259 LEU A O   1 
ATOM   764  C  CB  . LEU A 1 108 ? 4.679   -1.127  -3.451  1.00 40.84  ? 259 LEU A CB  1 
ATOM   765  C  CG  . LEU A 1 108 ? 4.728   0.213   -2.759  1.00 45.74  ? 259 LEU A CG  1 
ATOM   766  C  CD1 . LEU A 1 108 ? 4.516   0.008   -1.268  1.00 44.92  ? 259 LEU A CD1 1 
ATOM   767  C  CD2 . LEU A 1 108 ? 6.105   0.841   -3.016  1.00 42.11  ? 259 LEU A CD2 1 
ATOM   768  N  N   . GLU A 1 109 ? 1.336   -0.863  -3.560  1.00 40.83  ? 260 GLU A N   1 
ATOM   769  C  CA  . GLU A 1 109 ? 0.042   -0.579  -4.163  1.00 44.30  ? 260 GLU A CA  1 
ATOM   770  C  C   . GLU A 1 109 ? -0.637  0.566   -3.420  1.00 44.95  ? 260 GLU A C   1 
ATOM   771  O  O   . GLU A 1 109 ? -0.642  0.580   -2.189  1.00 45.06  ? 260 GLU A O   1 
ATOM   772  C  CB  . GLU A 1 109 ? -0.843  -1.836  -4.113  1.00 48.85  ? 260 GLU A CB  1 
ATOM   773  C  CG  . GLU A 1 109 ? -1.929  -1.906  -5.174  1.00 52.36  ? 260 GLU A CG  1 
ATOM   774  C  CD  . GLU A 1 109 ? -2.426  -3.333  -5.426  1.00 63.24  ? 260 GLU A CD  1 
ATOM   775  O  OE1 . GLU A 1 109 ? -3.587  -3.646  -5.066  1.00 58.19  ? 260 GLU A OE1 1 
ATOM   776  O  OE2 . GLU A 1 109 ? -1.653  -4.131  -5.995  1.00 69.51  ? 260 GLU A OE2 1 
ATOM   777  N  N   . TYR A 1 110 ? -1.201  1.532   -4.164  1.00 42.78  ? 261 TYR A N   1 
ATOM   778  C  CA  . TYR A 1 110 ? -2.077  2.542   -3.581  1.00 43.45  ? 261 TYR A CA  1 
ATOM   779  C  C   . TYR A 1 110 ? -3.453  1.925   -3.355  1.00 41.35  ? 261 TYR A C   1 
ATOM   780  O  O   . TYR A 1 110 ? -3.967  1.211   -4.216  1.00 45.25  ? 261 TYR A O   1 
ATOM   781  C  CB  . TYR A 1 110 ? -2.219  3.760   -4.512  1.00 43.74  ? 261 TYR A CB  1 
ATOM   782  C  CG  . TYR A 1 110 ? -1.113  4.773   -4.367  1.00 42.21  ? 261 TYR A CG  1 
ATOM   783  C  CD1 . TYR A 1 110 ? -1.102  5.689   -3.318  1.00 41.25  ? 261 TYR A CD1 1 
ATOM   784  C  CD2 . TYR A 1 110 ? -0.052  4.790   -5.277  1.00 43.03  ? 261 TYR A CD2 1 
ATOM   785  C  CE1 . TYR A 1 110 ? -0.059  6.597   -3.185  1.00 38.96  ? 261 TYR A CE1 1 
ATOM   786  C  CE2 . TYR A 1 110 ? 0.979   5.677   -5.152  1.00 47.09  ? 261 TYR A CE2 1 
ATOM   787  C  CZ  . TYR A 1 110 ? 0.971   6.578   -4.111  1.00 42.39  ? 261 TYR A CZ  1 
ATOM   788  O  OH  . TYR A 1 110 ? 2.018   7.465   -4.003  1.00 49.75  ? 261 TYR A OH  1 
ATOM   789  N  N   . ALA A 1 111 ? -4.056  2.216   -2.211  1.00 38.51  ? 262 ALA A N   1 
ATOM   790  C  CA  . ALA A 1 111 ? -5.461  1.877   -2.004  1.00 42.83  ? 262 ALA A CA  1 
ATOM   791  C  C   . ALA A 1 111 ? -6.340  2.677   -2.968  1.00 40.58  ? 262 ALA A C   1 
ATOM   792  O  O   . ALA A 1 111 ? -6.460  3.888   -2.832  1.00 40.89  ? 262 ALA A O   1 
ATOM   793  C  CB  . ALA A 1 111 ? -5.866  2.154   -0.553  1.00 36.63  ? 262 ALA A CB  1 
ATOM   794  N  N   . THR A 1 112 ? -6.961  2.007   -3.935  1.00 43.36  ? 263 THR A N   1 
ATOM   795  C  CA  . THR A 1 112 ? -7.815  2.673   -4.924  1.00 45.89  ? 263 THR A CA  1 
ATOM   796  C  C   . THR A 1 112 ? -8.979  3.509   -4.370  1.00 43.77  ? 263 THR A C   1 
ATOM   797  O  O   . THR A 1 112 ? -9.265  4.563   -4.948  1.00 46.00  ? 263 THR A O   1 
ATOM   798  C  CB  . THR A 1 112 ? -8.365  1.615   -5.892  1.00 50.63  ? 263 THR A CB  1 
ATOM   799  O  OG1 . THR A 1 112 ? -7.274  1.019   -6.601  1.00 55.99  ? 263 THR A OG1 1 
ATOM   800  C  CG2 . THR A 1 112 ? -9.343  2.214   -6.885  1.00 51.88  ? 263 THR A CG2 1 
ATOM   801  N  N   . PRO A 1 113 ? -9.694  3.091   -3.322  1.00 39.86  ? 264 PRO A N   1 
ATOM   802  C  CA  . PRO A 1 113 ? -10.816 3.925   -2.852  1.00 37.75  ? 264 PRO A CA  1 
ATOM   803  C  C   . PRO A 1 113 ? -10.454 5.372   -2.547  1.00 39.64  ? 264 PRO A C   1 
ATOM   804  O  O   . PRO A 1 113 ? -11.346 6.226   -2.492  1.00 41.99  ? 264 PRO A O   1 
ATOM   805  C  CB  . PRO A 1 113 ? -11.278 3.195   -1.584  1.00 39.38  ? 264 PRO A CB  1 
ATOM   806  C  CG  . PRO A 1 113 ? -10.870 1.739   -1.849  1.00 38.12  ? 264 PRO A CG  1 
ATOM   807  C  CD  . PRO A 1 113 ? -9.577  1.848   -2.540  1.00 38.78  ? 264 PRO A CD  1 
ATOM   808  N  N   . LEU A 1 114 ? -9.181  5.700   -2.355  1.00 42.23  ? 265 LEU A N   1 
ATOM   809  C  CA  . LEU A 1 114 ? -8.836  7.084   -2.046  1.00 38.57  ? 265 LEU A CA  1 
ATOM   810  C  C   . LEU A 1 114 ? -9.029  7.996   -3.261  1.00 43.23  ? 265 LEU A C   1 
ATOM   811  O  O   . LEU A 1 114 ? -9.304  9.185   -3.095  1.00 40.79  ? 265 LEU A O   1 
ATOM   812  C  CB  . LEU A 1 114 ? -7.407  7.158   -1.518  1.00 40.83  ? 265 LEU A CB  1 
ATOM   813  C  CG  . LEU A 1 114 ? -7.137  6.454   -0.195  1.00 41.82  ? 265 LEU A CG  1 
ATOM   814  C  CD1 . LEU A 1 114 ? -5.740  6.785   0.233   1.00 41.02  ? 265 LEU A CD1 1 
ATOM   815  C  CD2 . LEU A 1 114 ? -8.152  6.816   0.904   1.00 37.51  ? 265 LEU A CD2 1 
ATOM   816  N  N   . GLN A 1 115 ? -8.881  7.463   -4.485  1.00 44.46  ? 266 GLN A N   1 
ATOM   817  C  CA  . GLN A 1 115 ? -9.230  8.202   -5.698  1.00 45.81  ? 266 GLN A CA  1 
ATOM   818  C  C   . GLN A 1 115 ? -10.694 8.611   -5.712  1.00 43.29  ? 266 GLN A C   1 
ATOM   819  O  O   . GLN A 1 115 ? -11.025 9.690   -6.203  1.00 45.87  ? 266 GLN A O   1 
ATOM   820  C  CB  . GLN A 1 115 ? -8.887  7.382   -6.943  1.00 48.70  ? 266 GLN A CB  1 
ATOM   821  C  CG  . GLN A 1 115 ? -7.448  7.419   -7.388  1.00 59.16  ? 266 GLN A CG  1 
ATOM   822  C  CD  . GLN A 1 115 ? -7.134  6.386   -8.462  1.00 68.84  ? 266 GLN A CD  1 
ATOM   823  O  OE1 . GLN A 1 115 ? -7.885  5.429   -8.646  1.00 70.46  ? 266 GLN A OE1 1 
ATOM   824  N  NE2 . GLN A 1 115 ? -6.126  6.669   -9.282  1.00 70.68  ? 266 GLN A NE2 1 
ATOM   825  N  N   . THR A 1 116 ? -11.578 7.762   -5.187  1.00 42.13  ? 267 THR A N   1 
ATOM   826  C  CA  . THR A 1 116 ? -12.995 8.093   -5.087  1.00 42.67  ? 267 THR A CA  1 
ATOM   827  C  C   . THR A 1 116 ? -13.205 9.259   -4.144  1.00 41.44  ? 267 THR A C   1 
ATOM   828  O  O   . THR A 1 116 ? -14.047 10.125  -4.396  1.00 42.42  ? 267 THR A O   1 
ATOM   829  C  CB  . THR A 1 116 ? -13.801 6.885   -4.581  1.00 38.99  ? 267 THR A CB  1 
ATOM   830  O  OG1 . THR A 1 116 ? -13.711 5.810   -5.515  1.00 39.33  ? 267 THR A OG1 1 
ATOM   831  C  CG2 . THR A 1 116 ? -15.250 7.270   -4.363  1.00 41.07  ? 267 THR A CG2 1 
ATOM   832  N  N   . LEU A 1 117 ? -12.455 9.298   -3.042  1.00 38.45  ? 268 LEU A N   1 
ATOM   833  C  CA  . LEU A 1 117 ? -12.571 10.428  -2.125  1.00 41.91  ? 268 LEU A CA  1 
ATOM   834  C  C   . LEU A 1 117 ? -12.063 11.714  -2.771  1.00 43.00  ? 268 LEU A C   1 
ATOM   835  O  O   . LEU A 1 117 ? -12.629 12.788  -2.566  1.00 41.88  ? 268 LEU A O   1 
ATOM   836  C  CB  . LEU A 1 117 ? -11.804 10.145  -0.835  1.00 39.94  ? 268 LEU A CB  1 
ATOM   837  C  CG  . LEU A 1 117 ? -12.394 9.043   0.027   1.00 40.15  ? 268 LEU A CG  1 
ATOM   838  C  CD1 . LEU A 1 117 ? -11.547 8.926   1.231   1.00 36.75  ? 268 LEU A CD1 1 
ATOM   839  C  CD2 . LEU A 1 117 ? -13.860 9.405   0.379   1.00 36.71  ? 268 LEU A CD2 1 
ATOM   840  N  N   . PHE A 1 118 ? -10.980 11.623  -3.537  1.00 39.54  ? 269 PHE A N   1 
ATOM   841  C  CA  . PHE A 1 118 ? -10.476 12.790  -4.239  1.00 42.19  ? 269 PHE A CA  1 
ATOM   842  C  C   . PHE A 1 118 ? -11.479 13.258  -5.284  1.00 41.82  ? 269 PHE A C   1 
ATOM   843  O  O   . PHE A 1 118 ? -11.818 14.440  -5.355  1.00 47.05  ? 269 PHE A O   1 
ATOM   844  C  CB  . PHE A 1 118 ? -9.126  12.461  -4.879  1.00 40.85  ? 269 PHE A CB  1 
ATOM   845  C  CG  . PHE A 1 118 ? -8.492  13.619  -5.558  1.00 41.56  ? 269 PHE A CG  1 
ATOM   846  C  CD1 . PHE A 1 118 ? -7.838  14.598  -4.827  1.00 47.26  ? 269 PHE A CD1 1 
ATOM   847  C  CD2 . PHE A 1 118 ? -8.591  13.763  -6.918  1.00 45.00  ? 269 PHE A CD2 1 
ATOM   848  C  CE1 . PHE A 1 118 ? -7.291  15.700  -5.461  1.00 45.20  ? 269 PHE A CE1 1 
ATOM   849  C  CE2 . PHE A 1 118 ? -8.036  14.858  -7.555  1.00 43.95  ? 269 PHE A CE2 1 
ATOM   850  C  CZ  . PHE A 1 118 ? -7.378  15.811  -6.819  1.00 45.05  ? 269 PHE A CZ  1 
ATOM   851  N  N   . ALA A 1 119 ? -11.988 12.333  -6.092  1.00 40.53  ? 270 ALA A N   1 
ATOM   852  C  CA  . ALA A 1 119 ? -12.941 12.673  -7.139  1.00 42.28  ? 270 ALA A CA  1 
ATOM   853  C  C   . ALA A 1 119 ? -14.196 13.311  -6.560  1.00 43.72  ? 270 ALA A C   1 
ATOM   854  O  O   . ALA A 1 119 ? -14.733 14.268  -7.129  1.00 46.50  ? 270 ALA A O   1 
ATOM   855  C  CB  . ALA A 1 119 ? -13.297 11.429  -7.943  1.00 38.78  ? 270 ALA A CB  1 
ATOM   856  N  N   . MET A 1 120 ? -14.669 12.803  -5.426  1.00 40.59  ? 271 MET A N   1 
ATOM   857  C  CA  . MET A 1 120 ? -15.813 13.387  -4.737  1.00 41.19  ? 271 MET A CA  1 
ATOM   858  C  C   . MET A 1 120 ? -15.527 14.810  -4.300  1.00 46.08  ? 271 MET A C   1 
ATOM   859  O  O   . MET A 1 120 ? -16.439 15.641  -4.226  1.00 43.39  ? 271 MET A O   1 
ATOM   860  C  CB  . MET A 1 120 ? -16.169 12.561  -3.498  1.00 41.62  ? 271 MET A CB  1 
ATOM   861  C  CG  . MET A 1 120 ? -17.276 11.537  -3.664  1.00 50.05  ? 271 MET A CG  1 
ATOM   862  S  SD  . MET A 1 120 ? -17.539 10.672  -2.093  1.00 49.74  ? 271 MET A SD  1 
ATOM   863  C  CE  . MET A 1 120 ? -18.719 11.760  -1.269  1.00 47.08  ? 271 MET A CE  1 
ATOM   864  N  N   . SER A 1 121 ? -14.281 15.094  -3.939  1.00 41.63  ? 272 SER A N   1 
ATOM   865  C  CA  . SER A 1 121 ? -13.973 16.436  -3.471  1.00 45.18  ? 272 SER A CA  1 
ATOM   866  C  C   . SER A 1 121 ? -13.902 17.425  -4.624  1.00 41.82  ? 272 SER A C   1 
ATOM   867  O  O   . SER A 1 121 ? -14.097 18.620  -4.403  1.00 47.33  ? 272 SER A O   1 
ATOM   868  C  CB  . SER A 1 121 ? -12.672 16.437  -2.652  1.00 40.97  ? 272 SER A CB  1 
ATOM   869  O  OG  . SER A 1 121 ? -11.549 16.188  -3.463  1.00 42.26  ? 272 SER A OG  1 
ATOM   870  N  N   . GLN A 1 122 ? -13.647 16.964  -5.844  1.00 42.86  ? 273 GLN A N   1 
ATOM   871  C  CA  . GLN A 1 122 ? -13.682 17.828  -7.024  1.00 44.57  ? 273 GLN A CA  1 
ATOM   872  C  C   . GLN A 1 122 ? -15.049 17.848  -7.705  1.00 47.33  ? 273 GLN A C   1 
ATOM   873  O  O   . GLN A 1 122 ? -15.177 18.431  -8.790  1.00 46.76  ? 273 GLN A O   1 
ATOM   874  C  CB  . GLN A 1 122 ? -12.638 17.373  -8.035  1.00 40.43  ? 273 GLN A CB  1 
ATOM   875  C  CG  . GLN A 1 122 ? -11.243 17.536  -7.572  1.00 42.36  ? 273 GLN A CG  1 
ATOM   876  C  CD  . GLN A 1 122 ? -10.268 17.468  -8.713  1.00 43.40  ? 273 GLN A CD  1 
ATOM   877  O  OE1 . GLN A 1 122 ? -10.575 16.903  -9.756  1.00 44.59  ? 273 GLN A OE1 1 
ATOM   878  N  NE2 . GLN A 1 122 ? -9.076  18.039  -8.528  1.00 48.91  ? 273 GLN A NE2 1 
ATOM   879  N  N   . TYR A 1 123 ? -16.062 17.188  -7.117  1.00 46.62  ? 274 TYR A N   1 
ATOM   880  C  CA  . TYR A 1 123 ? -17.400 17.097  -7.694  1.00 43.24  ? 274 TYR A CA  1 
ATOM   881  C  C   . TYR A 1 123 ? -18.297 18.014  -6.875  1.00 47.99  ? 274 TYR A C   1 
ATOM   882  O  O   . TYR A 1 123 ? -18.514 17.777  -5.682  1.00 49.65  ? 274 TYR A O   1 
ATOM   883  C  CB  . TYR A 1 123 ? -17.908 15.659  -7.669  1.00 45.09  ? 274 TYR A CB  1 
ATOM   884  C  CG  . TYR A 1 123 ? -19.314 15.437  -8.192  1.00 48.69  ? 274 TYR A CG  1 
ATOM   885  C  CD1 . TYR A 1 123 ? -19.608 15.583  -9.544  1.00 52.18  ? 274 TYR A CD1 1 
ATOM   886  C  CD2 . TYR A 1 123 ? -20.346 15.069  -7.338  1.00 49.77  ? 274 TYR A CD2 1 
ATOM   887  C  CE1 . TYR A 1 123 ? -20.892 15.365  -10.024 1.00 52.78  ? 274 TYR A CE1 1 
ATOM   888  C  CE2 . TYR A 1 123 ? -21.642 14.854  -7.817  1.00 48.28  ? 274 TYR A CE2 1 
ATOM   889  C  CZ  . TYR A 1 123 ? -21.898 15.007  -9.152  1.00 53.43  ? 274 TYR A CZ  1 
ATOM   890  O  OH  . TYR A 1 123 ? -23.157 14.814  -9.636  1.00 57.75  ? 274 TYR A OH  1 
ATOM   891  N  N   . SER A 1 124 ? -18.817 19.055  -7.523  1.00 45.96  ? 275 SER A N   1 
ATOM   892  C  CA  . SER A 1 124 ? -19.390 20.183  -6.798  1.00 46.70  ? 275 SER A CA  1 
ATOM   893  C  C   . SER A 1 124 ? -20.696 19.827  -6.100  1.00 51.33  ? 275 SER A C   1 
ATOM   894  O  O   . SER A 1 124 ? -20.985 20.357  -5.025  1.00 53.30  ? 275 SER A O   1 
ATOM   895  C  CB  . SER A 1 124 ? -19.595 21.351  -7.762  1.00 49.09  ? 275 SER A CB  1 
ATOM   896  O  OG  . SER A 1 124 ? -20.548 21.007  -8.741  1.00 60.63  ? 275 SER A OG  1 
ATOM   897  N  N   . GLN A 1 125 ? -21.513 18.953  -6.697  1.00 45.71  ? 276 GLN A N   1 
ATOM   898  C  CA  . GLN A 1 125 ? -22.797 18.625  -6.085  1.00 47.49  ? 276 GLN A CA  1 
ATOM   899  C  C   . GLN A 1 125 ? -22.665 17.766  -4.840  1.00 53.49  ? 276 GLN A C   1 
ATOM   900  O  O   . GLN A 1 125 ? -23.641 17.667  -4.092  1.00 55.54  ? 276 GLN A O   1 
ATOM   901  C  CB  . GLN A 1 125 ? -23.727 17.885  -7.049  1.00 51.79  ? 276 GLN A CB  1 
ATOM   902  C  CG  . GLN A 1 125 ? -23.986 18.560  -8.373  1.00 56.49  ? 276 GLN A CG  1 
ATOM   903  C  CD  . GLN A 1 125 ? -22.825 18.367  -9.318  1.00 63.87  ? 276 GLN A CD  1 
ATOM   904  O  OE1 . GLN A 1 125 ? -21.690 18.134  -8.884  1.00 66.19  ? 276 GLN A OE1 1 
ATOM   905  N  NE2 . GLN A 1 125 ? -23.098 18.435  -10.615 1.00 68.41  ? 276 GLN A NE2 1 
ATOM   906  N  N   . ALA A 1 126 ? -21.509 17.133  -4.605  1.00 49.96  ? 277 ALA A N   1 
ATOM   907  C  CA  . ALA A 1 126 ? -21.347 16.328  -3.400  1.00 50.03  ? 277 ALA A CA  1 
ATOM   908  C  C   . ALA A 1 126 ? -21.279 17.184  -2.147  1.00 54.18  ? 277 ALA A C   1 
ATOM   909  O  O   . ALA A 1 126 ? -21.569 16.696  -1.058  1.00 52.63  ? 277 ALA A O   1 
ATOM   910  C  CB  . ALA A 1 126 ? -20.087 15.463  -3.492  1.00 47.48  ? 277 ALA A CB  1 
ATOM   911  N  N   . GLY A 1 127 ? -20.826 18.407  -2.269  1.00 52.39  ? 278 GLY A N   1 
ATOM   912  C  CA  . GLY A 1 127 ? -20.705 19.265  -1.083  1.00 55.31  ? 278 GLY A CA  1 
ATOM   913  C  C   . GLY A 1 127 ? -19.650 18.726  -0.163  1.00 53.75  ? 278 GLY A C   1 
ATOM   914  O  O   . GLY A 1 127 ? -19.760 18.885  1.009   1.00 60.12  ? 278 GLY A O   1 
ATOM   915  N  N   . PHE A 1 128 ? -18.673 18.069  -0.746  1.00 55.09  ? 279 PHE A N   1 
ATOM   916  C  CA  . PHE A 1 128 ? -17.618 17.376  0.007   1.00 49.91  ? 279 PHE A CA  1 
ATOM   917  C  C   . PHE A 1 128 ? -16.371 18.225  -0.081  1.00 47.24  ? 279 PHE A C   1 
ATOM   918  O  O   . PHE A 1 128 ? -15.837 18.384  -1.113  1.00 49.53  ? 279 PHE A O   1 
ATOM   919  C  CB  . PHE A 1 128 ? -17.478 16.006  -0.638  1.00 47.26  ? 279 PHE A CB  1 
ATOM   920  C  CG  . PHE A 1 128 ? -16.695 14.965  0.096   1.00 49.65  ? 279 PHE A CG  1 
ATOM   921  C  CD1 . PHE A 1 128 ? -17.191 14.359  1.217   1.00 52.58  ? 279 PHE A CD1 1 
ATOM   922  C  CD2 . PHE A 1 128 ? -15.491 14.534  -0.391  1.00 46.72  ? 279 PHE A CD2 1 
ATOM   923  C  CE1 . PHE A 1 128 ? -16.470 13.389  1.871   1.00 51.15  ? 279 PHE A CE1 1 
ATOM   924  C  CE2 . PHE A 1 128 ? -14.780 13.561  0.267   1.00 49.92  ? 279 PHE A CE2 1 
ATOM   925  C  CZ  . PHE A 1 128 ? -15.268 12.995  1.398   1.00 43.26  ? 279 PHE A CZ  1 
ATOM   926  N  N   . SER A 1 129 ? -15.923 18.722  1.042   1.00 51.29  ? 280 SER A N   1 
ATOM   927  C  CA  . SER A 1 129 ? -14.770 19.633  1.016   1.00 53.82  ? 280 SER A CA  1 
ATOM   928  C  C   . SER A 1 129 ? -13.469 18.893  1.209   1.00 54.37  ? 280 SER A C   1 
ATOM   929  O  O   . SER A 1 129 ? -13.492 17.785  1.549   1.00 52.18  ? 280 SER A O   1 
ATOM   930  C  CB  . SER A 1 129 ? -14.897 20.612  2.079   1.00 57.99  ? 280 SER A CB  1 
ATOM   931  O  OG  . SER A 1 129 ? -14.698 19.984  3.306   1.00 59.89  ? 280 SER A OG  1 
ATOM   932  N  N   . ARG A 1 130 ? -12.378 19.617  1.099   1.00 55.21  ? 281 ARG A N   1 
ATOM   933  C  CA  . ARG A 1 130 ? -11.042 19.073  1.365   1.00 52.10  ? 281 ARG A CA  1 
ATOM   934  C  C   . ARG A 1 130 ? -10.959 18.654  2.820   1.00 54.97  ? 281 ARG A C   1 
ATOM   935  O  O   . ARG A 1 130 ? -10.223 17.785  3.073   1.00 54.22  ? 281 ARG A O   1 
ATOM   936  C  CB  . ARG A 1 130 ? -9.934  20.018  0.921   1.00 72.16  ? 281 ARG A CB  1 
ATOM   937  N  N   . GLU A 1 131 ? -11.566 19.384  3.736   1.00 53.94  ? 282 GLU A N   1 
ATOM   938  C  CA  . GLU A 1 131 ? -11.582 18.966  5.138   1.00 55.90  ? 282 GLU A CA  1 
ATOM   939  C  C   . GLU A 1 131 ? -12.398 17.695  5.282   1.00 53.87  ? 282 GLU A C   1 
ATOM   940  O  O   . GLU A 1 131 ? -12.136 16.972  6.161   1.00 56.19  ? 282 GLU A O   1 
ATOM   941  C  CB  . GLU A 1 131 ? -12.078 20.084  6.039   1.00 60.68  ? 282 GLU A CB  1 
ATOM   942  N  N   . ASP A 1 132 ? -13.478 17.572  4.550   1.00 53.62  ? 283 ASP A N   1 
ATOM   943  C  CA  . ASP A 1 132 ? -14.280 16.332  4.585   1.00 55.12  ? 283 ASP A CA  1 
ATOM   944  C  C   . ASP A 1 132 ? -13.446 15.183  4.025   1.00 50.76  ? 283 ASP A C   1 
ATOM   945  O  O   . ASP A 1 132 ? -13.410 14.174  4.598   1.00 49.68  ? 283 ASP A O   1 
ATOM   946  C  CB  . ASP A 1 132 ? -15.538 16.483  3.743   1.00 51.56  ? 283 ASP A CB  1 
ATOM   947  C  CG  . ASP A 1 132 ? -16.570 17.422  4.307   1.00 57.09  ? 283 ASP A CG  1 
ATOM   948  O  OD1 . ASP A 1 132 ? -16.586 17.587  5.476   1.00 60.21  ? 283 ASP A OD1 1 
ATOM   949  O  OD2 . ASP A 1 132 ? -17.348 17.943  3.556   1.00 60.17  ? 283 ASP A OD2 1 
ATOM   950  N  N   . ARG A 1 133 ? -12.714 15.416  2.970   1.00 46.36  ? 284 ARG A N   1 
ATOM   951  C  CA  . ARG A 1 133 ? -11.940 14.345  2.356   1.00 48.67  ? 284 ARG A CA  1 
ATOM   952  C  C   . ARG A 1 133 ? -10.904 13.826  3.325   1.00 47.48  ? 284 ARG A C   1 
ATOM   953  O  O   . ARG A 1 133 ? -10.713 12.681  3.377   1.00 46.97  ? 284 ARG A O   1 
ATOM   954  C  CB  . ARG A 1 133 ? -11.274 14.887  1.099   1.00 46.19  ? 284 ARG A CB  1 
ATOM   955  C  CG  . ARG A 1 133 ? -10.499 13.847  0.320   1.00 40.73  ? 284 ARG A CG  1 
ATOM   956  C  CD  . ARG A 1 133 ? -9.868  14.279  -0.947  1.00 44.68  ? 284 ARG A CD  1 
ATOM   957  N  NE  . ARG A 1 133 ? -8.725  15.030  -0.586  1.00 43.73  ? 284 ARG A NE  1 
ATOM   958  C  CZ  . ARG A 1 133 ? -8.318  16.112  -1.186  1.00 52.88  ? 284 ARG A CZ  1 
ATOM   959  N  NH1 . ARG A 1 133 ? -8.984  16.610  -2.189  1.00 43.85  ? 284 ARG A NH1 1 
ATOM   960  N  NH2 . ARG A 1 133 ? -7.252  16.726  -0.763  1.00 46.32  ? 284 ARG A NH2 1 
ATOM   961  N  N   . LEU A 1 134 ? -10.236 14.697  4.036   1.00 49.69  ? 285 LEU A N   1 
ATOM   962  C  CA  . LEU A 1 134 ? -9.182  14.252  4.957   1.00 51.90  ? 285 LEU A CA  1 
ATOM   963  C  C   . LEU A 1 134 ? -9.774  13.453  6.101   1.00 47.24  ? 285 LEU A C   1 
ATOM   964  O  O   . LEU A 1 134 ? -9.206  12.515  6.440   1.00 50.20  ? 285 LEU A O   1 
ATOM   965  C  CB  . LEU A 1 134 ? -8.408  15.472  5.418   1.00 48.72  ? 285 LEU A CB  1 
ATOM   966  C  CG  . LEU A 1 134 ? -7.430  15.234  6.546   1.00 59.44  ? 285 LEU A CG  1 
ATOM   967  C  CD1 . LEU A 1 134 ? -6.218  14.517  6.034   1.00 56.47  ? 285 LEU A CD1 1 
ATOM   968  C  CD2 . LEU A 1 134 ? -7.029  16.548  7.147   1.00 60.55  ? 285 LEU A CD2 1 
ATOM   969  N  N   . GLU A 1 135 ? -10.901 13.851  6.648   1.00 47.36  ? 286 GLU A N   1 
ATOM   970  C  CA  . GLU A 1 135 ? -11.509 13.066  7.734   1.00 50.43  ? 286 GLU A CA  1 
ATOM   971  C  C   . GLU A 1 135 ? -11.915 11.704  7.193   1.00 49.50  ? 286 GLU A C   1 
ATOM   972  O  O   . GLU A 1 135 ? -11.719 10.760  7.847   1.00 49.97  ? 286 GLU A O   1 
ATOM   973  C  CB  . GLU A 1 135 ? -12.709 13.792  8.316   1.00 55.19  ? 286 GLU A CB  1 
ATOM   974  N  N   . GLN A 1 136 ? -12.474 11.656  6.009   1.00 47.33  ? 287 GLN A N   1 
ATOM   975  C  CA  . GLN A 1 136 ? -12.868 10.372  5.412   1.00 48.39  ? 287 GLN A CA  1 
ATOM   976  C  C   . GLN A 1 136 ? -11.637 9.530   5.119   1.00 46.27  ? 287 GLN A C   1 
ATOM   977  O  O   . GLN A 1 136 ? -11.718 8.388   5.219   1.00 46.25  ? 287 GLN A O   1 
ATOM   978  C  CB  . GLN A 1 136 ? -13.800 10.557  4.226   1.00 42.23  ? 287 GLN A CB  1 
ATOM   979  C  CG  . GLN A 1 136 ? -15.176 11.041  4.609   1.00 44.94  ? 287 GLN A CG  1 
ATOM   980  C  CD  . GLN A 1 136 ? -15.911 10.178  5.588   1.00 50.29  ? 287 GLN A CD  1 
ATOM   981  O  OE1 . GLN A 1 136 ? -16.057 9.001   5.425   1.00 52.19  ? 287 GLN A OE1 1 
ATOM   982  N  NE2 . GLN A 1 136 ? -16.418 10.784  6.617   1.00 51.80  ? 287 GLN A NE2 1 
ATOM   983  N  N   . ALA A 1 137 ? -10.554 10.128  4.709   1.00 43.57  ? 288 ALA A N   1 
ATOM   984  C  CA  . ALA A 1 137 ? -9.338  9.348   4.464   1.00 45.77  ? 288 ALA A CA  1 
ATOM   985  C  C   . ALA A 1 137 ? -8.849  8.713   5.761   1.00 48.63  ? 288 ALA A C   1 
ATOM   986  O  O   . ALA A 1 137 ? -8.418  7.621   5.713   1.00 42.63  ? 288 ALA A O   1 
ATOM   987  C  CB  . ALA A 1 137 ? -8.309  10.216  3.855   1.00 40.83  ? 288 ALA A CB  1 
ATOM   988  N  N   . LYS A 1 138 ? -8.921  9.415   6.868   1.00 45.11  ? 289 LYS A N   1 
ATOM   989  C  CA  . LYS A 1 138 ? -8.486  8.855   8.149   1.00 48.16  ? 289 LYS A CA  1 
ATOM   990  C  C   . LYS A 1 138 ? -9.439  7.752   8.580   1.00 48.60  ? 289 LYS A C   1 
ATOM   991  O  O   . LYS A 1 138 ? -8.991  6.746   8.985   1.00 46.67  ? 289 LYS A O   1 
ATOM   992  C  CB  . LYS A 1 138 ? -8.474  9.962   9.188   1.00 46.24  ? 289 LYS A CB  1 
ATOM   993  C  CG  . LYS A 1 138 ? -7.325  10.928  9.067   1.00 53.77  ? 289 LYS A CG  1 
ATOM   994  C  CD  . LYS A 1 138 ? -7.636  12.247  9.674   1.00 53.59  ? 289 LYS A CD  1 
ATOM   995  C  CE  . LYS A 1 138 ? -6.423  12.990  10.154  1.00 57.22  ? 289 LYS A CE  1 
ATOM   996  N  NZ  . LYS A 1 138 ? -6.795  14.047  11.115  1.00 59.96  ? 289 LYS A NZ  1 
ATOM   997  N  N   . LEU A 1 139 ? -10.722 7.979   8.453   1.00 46.05  ? 290 LEU A N   1 
ATOM   998  C  CA  . LEU A 1 139 ? -11.697 6.981   8.857   1.00 48.83  ? 290 LEU A CA  1 
ATOM   999  C  C   . LEU A 1 139 ? -11.572 5.718   8.011   1.00 48.18  ? 290 LEU A C   1 
ATOM   1000 O  O   . LEU A 1 139 ? -11.742 4.604   8.520   1.00 44.97  ? 290 LEU A O   1 
ATOM   1001 C  CB  . LEU A 1 139 ? -13.092 7.589   8.757   1.00 47.58  ? 290 LEU A CB  1 
ATOM   1002 C  CG  . LEU A 1 139 ? -14.257 6.665   9.067   1.00 52.87  ? 290 LEU A CG  1 
ATOM   1003 C  CD1 . LEU A 1 139 ? -14.172 6.167   10.495  1.00 52.86  ? 290 LEU A CD1 1 
ATOM   1004 C  CD2 . LEU A 1 139 ? -15.552 7.441   8.808   1.00 53.82  ? 290 LEU A CD2 1 
ATOM   1005 N  N   . PHE A 1 140 ? -11.252 5.878   6.723   1.00 46.09  ? 291 PHE A N   1 
ATOM   1006 C  CA  . PHE A 1 140 ? -11.024 4.721   5.860   1.00 44.38  ? 291 PHE A CA  1 
ATOM   1007 C  C   . PHE A 1 140 ? -9.851  3.893   6.369   1.00 43.90  ? 291 PHE A C   1 
ATOM   1008 O  O   . PHE A 1 140 ? -9.915  2.660   6.392   1.00 43.27  ? 291 PHE A O   1 
ATOM   1009 C  CB  . PHE A 1 140 ? -10.809 5.200   4.419   1.00 39.51  ? 291 PHE A CB  1 
ATOM   1010 C  CG  . PHE A 1 140 ? -10.411 4.127   3.450   1.00 38.70  ? 291 PHE A CG  1 
ATOM   1011 C  CD1 . PHE A 1 140 ? -11.380 3.402   2.786   1.00 37.81  ? 291 PHE A CD1 1 
ATOM   1012 C  CD2 . PHE A 1 140 ? -9.073  3.843   3.206   1.00 41.43  ? 291 PHE A CD2 1 
ATOM   1013 C  CE1 . PHE A 1 140 ? -11.045 2.407   1.897   1.00 36.43  ? 291 PHE A CE1 1 
ATOM   1014 C  CE2 . PHE A 1 140 ? -8.712  2.835   2.304   1.00 40.87  ? 291 PHE A CE2 1 
ATOM   1015 C  CZ  . PHE A 1 140 ? -9.713  2.104   1.653   1.00 37.95  ? 291 PHE A CZ  1 
ATOM   1016 N  N   . CYS A 1 141 ? -8.784  4.561   6.811   1.00 42.35  ? 292 CYS A N   1 
ATOM   1017 C  CA  . CYS A 1 141 ? -7.649  3.873   7.421   1.00 46.22  ? 292 CYS A CA  1 
ATOM   1018 C  C   . CYS A 1 141 ? -8.062  3.144   8.689   1.00 43.78  ? 292 CYS A C   1 
ATOM   1019 O  O   . CYS A 1 141 ? -7.822  1.943   8.831   1.00 44.23  ? 292 CYS A O   1 
ATOM   1020 C  CB  . CYS A 1 141 ? -6.541  4.883   7.731   1.00 47.22  ? 292 CYS A CB  1 
ATOM   1021 S  SG  . CYS A 1 141 ? -5.870  5.653   6.228   1.00 61.29  ? 292 CYS A SG  1 
ATOM   1022 N  N   . ARG A 1 142 ? -8.692  3.856   9.619   1.00 45.51  ? 293 ARG A N   1 
ATOM   1023 C  CA  . ARG A 1 142 ? -9.169  3.229   10.844  1.00 49.15  ? 293 ARG A CA  1 
ATOM   1024 C  C   . ARG A 1 142 ? -10.077 2.046   10.546  1.00 45.57  ? 293 ARG A C   1 
ATOM   1025 O  O   . ARG A 1 142 ? -9.983  1.017   11.202  1.00 49.75  ? 293 ARG A O   1 
ATOM   1026 C  CB  . ARG A 1 142 ? -9.912  4.248   11.707  1.00 59.07  ? 293 ARG A CB  1 
ATOM   1027 C  CG  . ARG A 1 142 ? -9.054  5.275   12.446  1.00 65.11  ? 293 ARG A CG  1 
ATOM   1028 C  CD  . ARG A 1 142 ? -9.759  5.649   13.752  1.00 78.11  ? 293 ARG A CD  1 
ATOM   1029 N  NE  . ARG A 1 142 ? -9.542  7.029   14.183  1.00 93.89  ? 293 ARG A NE  1 
ATOM   1030 C  CZ  . ARG A 1 142 ? -10.224 8.076   13.714  1.00 97.70  ? 293 ARG A CZ  1 
ATOM   1031 N  NH1 . ARG A 1 142 ? -11.169 7.900   12.793  1.00 91.51  ? 293 ARG A NH1 1 
ATOM   1032 N  NH2 . ARG A 1 142 ? -9.970  9.304   14.165  1.00 98.55  ? 293 ARG A NH2 1 
ATOM   1033 N  N   . THR A 1 143 ? -10.968 2.169   9.566   1.00 47.22  ? 294 THR A N   1 
ATOM   1034 C  CA  . THR A 1 143 ? -11.928 1.093   9.326   1.00 45.83  ? 294 THR A CA  1 
ATOM   1035 C  C   . THR A 1 143 ? -11.269 -0.099  8.660   1.00 44.62  ? 294 THR A C   1 
ATOM   1036 O  O   . THR A 1 143 ? -11.497 -1.234  9.058   1.00 47.89  ? 294 THR A O   1 
ATOM   1037 C  CB  . THR A 1 143 ? -13.108 1.571   8.485   1.00 45.12  ? 294 THR A CB  1 
ATOM   1038 O  OG1 . THR A 1 143 ? -13.677 2.732   9.089   1.00 47.91  ? 294 THR A OG1 1 
ATOM   1039 C  CG2 . THR A 1 143 ? -14.177 0.479   8.383   1.00 46.00  ? 294 THR A CG2 1 
ATOM   1040 N  N   . LEU A 1 144 ? -10.453 0.130   7.648   1.00 45.33  ? 295 LEU A N   1 
ATOM   1041 C  CA  . LEU A 1 144 ? -9.762  -0.994  7.034   1.00 43.25  ? 295 LEU A CA  1 
ATOM   1042 C  C   . LEU A 1 144 ? -8.879  -1.699  8.052   1.00 48.26  ? 295 LEU A C   1 
ATOM   1043 O  O   . LEU A 1 144 ? -8.779  -2.923  8.041   1.00 49.61  ? 295 LEU A O   1 
ATOM   1044 C  CB  . LEU A 1 144 ? -8.949  -0.508  5.832   1.00 44.67  ? 295 LEU A CB  1 
ATOM   1045 C  CG  . LEU A 1 144 ? -8.312  -1.606  4.991   1.00 42.56  ? 295 LEU A CG  1 
ATOM   1046 C  CD1 . LEU A 1 144 ? -9.371  -2.585  4.528   1.00 45.12  ? 295 LEU A CD1 1 
ATOM   1047 C  CD2 . LEU A 1 144 ? -7.599  -0.958  3.809   1.00 43.83  ? 295 LEU A CD2 1 
ATOM   1048 N  N   . GLU A 1 145 ? -8.252  -0.939  8.952   1.00 48.86  ? 296 GLU A N   1 
ATOM   1049 C  CA  . GLU A 1 145 ? -7.389  -1.514  9.979   1.00 49.53  ? 296 GLU A CA  1 
ATOM   1050 C  C   . GLU A 1 145 ? -8.175  -2.447  10.882  1.00 56.43  ? 296 GLU A C   1 
ATOM   1051 O  O   . GLU A 1 145 ? -7.752  -3.573  11.150  1.00 52.10  ? 296 GLU A O   1 
ATOM   1052 C  CB  . GLU A 1 145 ? -6.759  -0.385  10.791  1.00 55.46  ? 296 GLU A CB  1 
ATOM   1053 C  CG  . GLU A 1 145 ? -5.414  -0.649  11.435  1.00 64.60  ? 296 GLU A CG  1 
ATOM   1054 C  CD  . GLU A 1 145 ? -5.031  0.490   12.390  1.00 78.19  ? 296 GLU A CD  1 
ATOM   1055 O  OE1 . GLU A 1 145 ? -3.958  0.410   13.028  1.00 74.17  ? 296 GLU A OE1 1 
ATOM   1056 O  OE2 . GLU A 1 145 ? -5.812  1.476   12.481  1.00 72.69  ? 296 GLU A OE2 1 
ATOM   1057 N  N   . ASP A 1 146 ? -9.343  -1.998  11.343  1.00 52.99  ? 297 ASP A N   1 
ATOM   1058 C  CA  . ASP A 1 146 ? -10.203 -2.834  12.168  1.00 56.15  ? 297 ASP A CA  1 
ATOM   1059 C  C   . ASP A 1 146 ? -10.652 -4.083  11.424  1.00 55.51  ? 297 ASP A C   1 
ATOM   1060 O  O   . ASP A 1 146 ? -10.723 -5.167  12.007  1.00 58.92  ? 297 ASP A O   1 
ATOM   1061 C  CB  . ASP A 1 146 ? -11.419 -2.028  12.623  1.00 58.61  ? 297 ASP A CB  1 
ATOM   1062 C  CG  . ASP A 1 146 ? -11.051 -0.922  13.590  1.00 66.37  ? 297 ASP A CG  1 
ATOM   1063 O  OD1 . ASP A 1 146 ? -9.902  -0.936  14.093  1.00 68.41  ? 297 ASP A OD1 1 
ATOM   1064 O  OD2 . ASP A 1 146 ? -11.914 -0.057  13.854  1.00 74.12  ? 297 ASP A OD2 1 
ATOM   1065 N  N   . ILE A 1 147 ? -10.958 -3.956  10.135  1.00 52.38  ? 298 ILE A N   1 
ATOM   1066 C  CA  . ILE A 1 147 ? -11.401 -5.118  9.371   1.00 49.91  ? 298 ILE A CA  1 
ATOM   1067 C  C   . ILE A 1 147 ? -10.290 -6.153  9.285   1.00 48.51  ? 298 ILE A C   1 
ATOM   1068 O  O   . ILE A 1 147 ? -10.507 -7.344  9.520   1.00 49.32  ? 298 ILE A O   1 
ATOM   1069 C  CB  . ILE A 1 147 ? -11.882 -4.681  7.973   1.00 47.45  ? 298 ILE A CB  1 
ATOM   1070 C  CG1 . ILE A 1 147 ? -13.166 -3.850  8.090   1.00 50.37  ? 298 ILE A CG1 1 
ATOM   1071 C  CG2 . ILE A 1 147 ? -12.043 -5.886  7.080   1.00 41.58  ? 298 ILE A CG2 1 
ATOM   1072 C  CD1 . ILE A 1 147 ? -13.595 -3.113  6.820   1.00 43.76  ? 298 ILE A CD1 1 
ATOM   1073 N  N   . LEU A 1 148 ? -9.074  -5.718  8.950   1.00 52.00  ? 299 LEU A N   1 
ATOM   1074 C  CA  . LEU A 1 148 ? -7.974  -6.665  8.824   1.00 56.27  ? 299 LEU A CA  1 
ATOM   1075 C  C   . LEU A 1 148 ? -7.667  -7.342  10.148  1.00 59.07  ? 299 LEU A C   1 
ATOM   1076 O  O   . LEU A 1 148 ? -7.282  -8.515  10.166  1.00 58.21  ? 299 LEU A O   1 
ATOM   1077 C  CB  . LEU A 1 148 ? -6.727  -5.971  8.289   1.00 51.79  ? 299 LEU A CB  1 
ATOM   1078 C  CG  . LEU A 1 148 ? -6.920  -5.499  6.860   1.00 52.66  ? 299 LEU A CG  1 
ATOM   1079 C  CD1 . LEU A 1 148 ? -5.738  -4.646  6.380   1.00 45.37  ? 299 LEU A CD1 1 
ATOM   1080 C  CD2 . LEU A 1 148 ? -7.141  -6.698  5.961   1.00 49.31  ? 299 LEU A CD2 1 
ATOM   1081 N  N   . ALA A 1 149 ? -7.836  -6.611  11.226  1.00 56.89  ? 300 ALA A N   1 
ATOM   1082 C  CA  . ALA A 1 149 ? -7.529  -7.163  12.550  1.00 62.31  ? 300 ALA A CA  1 
ATOM   1083 C  C   . ALA A 1 149 ? -8.374  -8.392  12.804  1.00 64.53  ? 300 ALA A C   1 
ATOM   1084 O  O   . ALA A 1 149 ? -7.821  -9.347  13.253  1.00 70.78  ? 300 ALA A O   1 
ATOM   1085 C  CB  . ALA A 1 149 ? -7.761  -6.147  13.617  1.00 52.52  ? 300 ALA A CB  1 
ATOM   1086 N  N   . ASP A 1 150 ? -9.654  -8.362  12.438  1.00 60.04  ? 301 ASP A N   1 
ATOM   1087 C  CA  . ASP A 1 150 ? -10.562 -9.510  12.682  1.00 62.08  ? 301 ASP A CA  1 
ATOM   1088 C  C   . ASP A 1 150 ? -10.471 -10.529 11.547  1.00 61.48  ? 301 ASP A C   1 
ATOM   1089 O  O   . ASP A 1 150 ? -11.251 -11.464 11.584  1.00 62.31  ? 301 ASP A O   1 
ATOM   1090 C  CB  . ASP A 1 150 ? -12.012 -9.053  12.844  1.00 65.37  ? 301 ASP A CB  1 
ATOM   1091 C  CG  . ASP A 1 150 ? -12.265 -8.229  14.090  1.00 74.12  ? 301 ASP A CG  1 
ATOM   1092 O  OD1 . ASP A 1 150 ? -11.564 -8.452  15.081  1.00 75.39  ? 301 ASP A OD1 1 
ATOM   1093 O  OD2 . ASP A 1 150 ? -13.167 -7.382  14.059  1.00 69.16  ? 301 ASP A OD2 1 
ATOM   1094 N  N   . ALA A 1 151 ? -9.548  -10.365 10.602  1.00 60.75  ? 302 ALA A N   1 
ATOM   1095 C  CA  . ALA A 1 151 ? -9.440  -11.309 9.464   1.00 70.64  ? 302 ALA A CA  1 
ATOM   1096 C  C   . ALA A 1 151 ? -8.177  -12.160 9.603   1.00 81.58  ? 302 ALA A C   1 
ATOM   1097 O  O   . ALA A 1 151 ? -7.114  -11.605 9.859   1.00 82.76  ? 302 ALA A O   1 
ATOM   1098 C  CB  . ALA A 1 151 ? -9.484  -10.572 8.157   1.00 65.11  ? 302 ALA A CB  1 
ATOM   1099 N  N   . PRO A 1 152 ? -8.262  -13.494 9.430   1.00 91.55  ? 303 PRO A N   1 
ATOM   1100 C  CA  . PRO A 1 152 ? -7.110  -14.368 9.687   1.00 96.16  ? 303 PRO A CA  1 
ATOM   1101 C  C   . PRO A 1 152 ? -5.885  -14.424 8.757   1.00 96.41  ? 303 PRO A C   1 
ATOM   1102 O  O   . PRO A 1 152 ? -4.800  -14.159 9.205   1.00 92.81  ? 303 PRO A O   1 
ATOM   1103 C  CB  . PRO A 1 152 ? -7.796  -15.746 9.682   1.00 97.72  ? 303 PRO A CB  1 
ATOM   1104 C  CG  . PRO A 1 152 ? -8.946  -15.606 8.701   1.00 88.61  ? 303 PRO A CG  1 
ATOM   1105 C  CD  . PRO A 1 152 ? -9.414  -14.180 8.857   1.00 82.76  ? 303 PRO A CD  1 
ATOM   1106 N  N   . GLU A 1 153 ? -6.112  -14.638 7.469   1.00 101.17 ? 304 GLU A N   1 
ATOM   1107 C  CA  . GLU A 1 153 ? -5.002  -14.759 6.491   1.00 105.72 ? 304 GLU A CA  1 
ATOM   1108 C  C   . GLU A 1 153 ? -5.073  -13.528 5.599   1.00 99.08  ? 304 GLU A C   1 
ATOM   1109 O  O   . GLU A 1 153 ? -5.017  -13.678 4.377   1.00 98.12  ? 304 GLU A O   1 
ATOM   1110 C  CB  . GLU A 1 153 ? -5.061  -16.063 5.696   1.00 107.47 ? 304 GLU A CB  1 
ATOM   1111 C  CG  . GLU A 1 153 ? -4.325  -17.204 6.374   1.00 115.28 ? 304 GLU A CG  1 
ATOM   1112 C  CD  . GLU A 1 153 ? -2.807  -17.116 6.363   1.00 118.21 ? 304 GLU A CD  1 
ATOM   1113 O  OE1 . GLU A 1 153 ? -2.214  -17.072 7.457   1.00 121.76 ? 304 GLU A OE1 1 
ATOM   1114 O  OE2 . GLU A 1 153 ? -2.219  -17.109 5.264   1.00 117.36 ? 304 GLU A OE2 1 
ATOM   1115 N  N   . SER A 1 154 ? -5.472  -12.423 6.210   1.00 91.47  ? 305 SER A N   1 
ATOM   1116 C  CA  . SER A 1 154 ? -5.528  -11.136 5.500   1.00 88.55  ? 305 SER A CA  1 
ATOM   1117 C  C   . SER A 1 154 ? -4.590  -10.199 6.247   1.00 88.16  ? 305 SER A C   1 
ATOM   1118 O  O   . SER A 1 154 ? -3.601  -9.783  5.656   1.00 80.23  ? 305 SER A O   1 
ATOM   1119 C  CB  . SER A 1 154 ? -6.933  -10.644 5.430   1.00 78.67  ? 305 SER A CB  1 
ATOM   1120 O  OG  . SER A 1 154 ? -7.735  -11.599 4.754   1.00 77.80  ? 305 SER A OG  1 
ATOM   1121 N  N   . GLN A 1 155 ? -4.795  -10.057 7.555   1.00 88.86  ? 306 GLN A N   1 
ATOM   1122 C  CA  . GLN A 1 155 ? -3.941  -9.141  8.343   1.00 91.91  ? 306 GLN A CA  1 
ATOM   1123 C  C   . GLN A 1 155 ? -2.501  -9.625  8.253   1.00 96.04  ? 306 GLN A C   1 
ATOM   1124 O  O   . GLN A 1 155 ? -1.626  -8.801  8.011   1.00 92.35  ? 306 GLN A O   1 
ATOM   1125 C  CB  . GLN A 1 155 ? -4.317  -9.199  9.819   1.00 93.78  ? 306 GLN A CB  1 
ATOM   1126 C  CG  . GLN A 1 155 ? -3.677  -8.098  10.652  1.00 100.25 ? 306 GLN A CG  1 
ATOM   1127 C  CD  . GLN A 1 155 ? -2.170  -8.106  10.627  1.00 107.94 ? 306 GLN A CD  1 
ATOM   1128 O  OE1 . GLN A 1 155 ? -1.531  -9.151  10.729  1.00 110.06 ? 306 GLN A OE1 1 
ATOM   1129 N  NE2 . GLN A 1 155 ? -1.586  -6.932  10.472  1.00 107.94 ? 306 GLN A NE2 1 
ATOM   1130 N  N   . ASN A 1 156 ? -2.284  -10.924 8.398   1.00 94.58  ? 307 ASN A N   1 
ATOM   1131 C  CA  . ASN A 1 156 ? -0.896  -11.428 8.358   1.00 93.22  ? 307 ASN A CA  1 
ATOM   1132 C  C   . ASN A 1 156 ? -0.229  -11.124 7.011   1.00 88.06  ? 307 ASN A C   1 
ATOM   1133 O  O   . ASN A 1 156 ? 0.978   -10.886 7.034   1.00 86.39  ? 307 ASN A O   1 
ATOM   1134 C  CB  . ASN A 1 156 ? -0.807  -12.898 8.759   1.00 96.02  ? 307 ASN A CB  1 
ATOM   1135 C  CG  . ASN A 1 156 ? 0.623   -13.347 8.932   1.00 91.88  ? 307 ASN A CG  1 
ATOM   1136 O  OD1 . ASN A 1 156 ? 1.042   -14.323 8.323   1.00 93.97  ? 307 ASN A OD1 1 
ATOM   1137 N  ND2 . ASN A 1 156 ? 1.373   -12.625 9.746   1.00 91.05  ? 307 ASN A ND2 1 
ATOM   1138 N  N   . ASN A 1 157 ? -0.947  -11.123 5.883   1.00 84.19  ? 308 ASN A N   1 
ATOM   1139 C  CA  . ASN A 1 157 ? -0.152  -10.885 4.653   1.00 83.00  ? 308 ASN A CA  1 
ATOM   1140 C  C   . ASN A 1 157 ? -0.310  -9.530  3.972   1.00 72.04  ? 308 ASN A C   1 
ATOM   1141 O  O   . ASN A 1 157 ? -0.138  -9.479  2.812   1.00 66.76  ? 308 ASN A O   1 
ATOM   1142 C  CB  . ASN A 1 157 ? -0.048  -12.083 3.731   1.00 87.27  ? 308 ASN A CB  1 
ATOM   1143 C  CG  . ASN A 1 157 ? -1.276  -12.939 3.793   1.00 91.52  ? 308 ASN A CG  1 
ATOM   1144 O  OD1 . ASN A 1 157 ? -2.367  -12.434 3.652   1.00 84.24  ? 308 ASN A OD1 1 
ATOM   1145 N  ND2 . ASN A 1 157 ? -1.087  -14.228 3.980   1.00 94.54  ? 308 ASN A ND2 1 
ATOM   1146 N  N   . CYS A 1 158 ? -0.604  -8.486  4.700   1.00 67.28  ? 309 CYS A N   1 
ATOM   1147 C  CA  . CYS A 1 158 ? -0.541  -7.159  4.106   1.00 63.60  ? 309 CYS A CA  1 
ATOM   1148 C  C   . CYS A 1 158 ? -0.383  -6.148  5.226   1.00 58.13  ? 309 CYS A C   1 
ATOM   1149 O  O   . CYS A 1 158 ? -0.794  -6.389  6.359   1.00 63.32  ? 309 CYS A O   1 
ATOM   1150 C  CB  . CYS A 1 158 ? -1.788  -6.768  3.304   1.00 63.47  ? 309 CYS A CB  1 
ATOM   1151 S  SG  . CYS A 1 158 ? -3.193  -6.393  4.340   1.00 65.81  ? 309 CYS A SG  1 
ATOM   1152 N  N   . ARG A 1 159 ? 0.167   -5.006  4.901   1.00 56.55  ? 310 ARG A N   1 
ATOM   1153 C  CA  . ARG A 1 159 ? 0.310   -3.983  5.915   1.00 56.87  ? 310 ARG A CA  1 
ATOM   1154 C  C   . ARG A 1 159 ? 0.041   -2.611  5.333   1.00 53.01  ? 310 ARG A C   1 
ATOM   1155 O  O   . ARG A 1 159 ? 0.303   -2.361  4.158   1.00 48.47  ? 310 ARG A O   1 
ATOM   1156 C  CB  . ARG A 1 159 ? 1.668   -4.066  6.504   1.00 66.95  ? 310 ARG A CB  1 
ATOM   1157 C  CG  . ARG A 1 159 ? 1.979   -3.160  7.628   1.00 72.34  ? 310 ARG A CG  1 
ATOM   1158 C  CD  . ARG A 1 159 ? 3.334   -3.647  7.978   1.00 82.90  ? 310 ARG A CD  1 
ATOM   1159 N  NE  . ARG A 1 159 ? 4.040   -2.893  8.988   1.00 92.96  ? 310 ARG A NE  1 
ATOM   1160 C  CZ  . ARG A 1 159 ? 5.211   -3.268  9.479   1.00 86.01  ? 310 ARG A CZ  1 
ATOM   1161 N  NH1 . ARG A 1 159 ? 5.814   -2.492  10.368  1.00 70.75  ? 310 ARG A NH1 1 
ATOM   1162 N  NH2 . ARG A 1 159 ? 5.769   -4.414  9.071   1.00 75.29  ? 310 ARG A NH2 1 
ATOM   1163 N  N   . LEU A 1 160 ? -0.501  -1.742  6.170   1.00 52.50  ? 311 LEU A N   1 
ATOM   1164 C  CA  . LEU A 1 160 ? -1.045  -0.455  5.763   1.00 45.91  ? 311 LEU A CA  1 
ATOM   1165 C  C   . LEU A 1 160 ? -0.092  0.685   6.117   1.00 47.14  ? 311 LEU A C   1 
ATOM   1166 O  O   . LEU A 1 160 ? 0.310   0.823   7.270   1.00 46.82  ? 311 LEU A O   1 
ATOM   1167 C  CB  . LEU A 1 160 ? -2.389  -0.230  6.447   1.00 44.71  ? 311 LEU A CB  1 
ATOM   1168 C  CG  . LEU A 1 160 ? -3.464  -1.325  6.402   1.00 49.74  ? 311 LEU A CG  1 
ATOM   1169 C  CD1 . LEU A 1 160 ? -4.755  -0.842  7.026   1.00 48.80  ? 311 LEU A CD1 1 
ATOM   1170 C  CD2 . LEU A 1 160 ? -3.709  -1.717  4.966   1.00 50.25  ? 311 LEU A CD2 1 
ATOM   1171 N  N   . ILE A 1 161 ? 0.213   1.540   5.141   1.00 44.92  ? 312 ILE A N   1 
ATOM   1172 C  CA  . ILE A 1 161 ? 1.166   2.645   5.317   1.00 42.95  ? 312 ILE A CA  1 
ATOM   1173 C  C   . ILE A 1 161 ? 0.430   3.966   5.097   1.00 46.56  ? 312 ILE A C   1 
ATOM   1174 O  O   . ILE A 1 161 ? 0.240   4.415   3.959   1.00 45.29  ? 312 ILE A O   1 
ATOM   1175 C  CB  . ILE A 1 161 ? 2.382   2.496   4.392   1.00 45.35  ? 312 ILE A CB  1 
ATOM   1176 C  CG1 . ILE A 1 161 ? 3.111   1.189   4.764   1.00 50.91  ? 312 ILE A CG1 1 
ATOM   1177 C  CG2 . ILE A 1 161 ? 3.309   3.704   4.495   1.00 38.87  ? 312 ILE A CG2 1 
ATOM   1178 C  CD1 . ILE A 1 161 ? 3.926   0.568   3.659   1.00 47.52  ? 312 ILE A CD1 1 
ATOM   1179 N  N   . ALA A 1 162 ? 0.029   4.615   6.189   1.00 47.18  ? 313 ALA A N   1 
ATOM   1180 C  CA  . ALA A 1 162 ? -0.708  5.870   6.140   1.00 46.34  ? 313 ALA A CA  1 
ATOM   1181 C  C   . ALA A 1 162 ? 0.221   7.021   6.524   1.00 52.96  ? 313 ALA A C   1 
ATOM   1182 O  O   . ALA A 1 162 ? 1.048   6.878   7.428   1.00 56.29  ? 313 ALA A O   1 
ATOM   1183 C  CB  . ALA A 1 162 ? -1.917  5.828   7.074   1.00 48.80  ? 313 ALA A CB  1 
ATOM   1184 N  N   . TYR A 1 163 ? 0.087   8.156   5.844   1.00 52.62  ? 314 TYR A N   1 
ATOM   1185 C  CA  . TYR A 1 163 ? 1.050   9.233   5.998   1.00 57.35  ? 314 TYR A CA  1 
ATOM   1186 C  C   . TYR A 1 163 ? 0.425   10.498  5.445   1.00 59.07  ? 314 TYR A C   1 
ATOM   1187 O  O   . TYR A 1 163 ? -0.314  10.455  4.456   1.00 56.78  ? 314 TYR A O   1 
ATOM   1188 C  CB  . TYR A 1 163 ? 2.345   8.958   5.226   1.00 57.18  ? 314 TYR A CB  1 
ATOM   1189 C  CG  . TYR A 1 163 ? 2.176   8.613   3.737   1.00 52.02  ? 314 TYR A CG  1 
ATOM   1190 C  CD1 . TYR A 1 163 ? 1.972   7.309   3.315   1.00 52.26  ? 314 TYR A CD1 1 
ATOM   1191 C  CD2 . TYR A 1 163 ? 2.247   9.595   2.768   1.00 50.17  ? 314 TYR A CD2 1 
ATOM   1192 C  CE1 . TYR A 1 163 ? 1.855   6.990   1.972   1.00 47.76  ? 314 TYR A CE1 1 
ATOM   1193 C  CE2 . TYR A 1 163 ? 2.118   9.289   1.419   1.00 49.96  ? 314 TYR A CE2 1 
ATOM   1194 C  CZ  . TYR A 1 163 ? 1.917   7.982   1.026   1.00 49.55  ? 314 TYR A CZ  1 
ATOM   1195 O  OH  . TYR A 1 163 ? 1.789   7.708   -0.329  1.00 48.36  ? 314 TYR A OH  1 
ATOM   1196 N  N   . GLN A 1 164 ? 0.733   11.627  6.053   1.00 60.65  ? 315 GLN A N   1 
ATOM   1197 C  CA  . GLN A 1 164 ? 0.389   12.875  5.404   1.00 70.79  ? 315 GLN A CA  1 
ATOM   1198 C  C   . GLN A 1 164 ? 1.711   13.408  4.866   1.00 66.53  ? 315 GLN A C   1 
ATOM   1199 O  O   . GLN A 1 164 ? 2.679   13.514  5.626   1.00 68.55  ? 315 GLN A O   1 
ATOM   1200 C  CB  . GLN A 1 164 ? -0.213  13.895  6.361   1.00 73.84  ? 315 GLN A CB  1 
ATOM   1201 C  CG  . GLN A 1 164 ? -1.310  13.561  7.262   1.00 76.02  ? 315 GLN A CG  1 
ATOM   1202 C  CD  . GLN A 1 164 ? -1.848  14.791  7.834   1.00 77.89  ? 315 GLN A CD  1 
ATOM   1203 O  OE1 . GLN A 1 164 ? -1.382  15.844  7.475   1.00 78.73  ? 315 GLN A OE1 1 
ATOM   1204 N  NE2 . GLN A 1 164 ? -2.880  14.690  8.679   1.00 78.07  ? 315 GLN A NE2 1 
ATOM   1205 N  N   . GLU A 1 165 ? 1.775   13.688  3.572   1.00 67.91  ? 316 GLU A N   1 
ATOM   1206 C  CA  . GLU A 1 165 ? 2.921   14.400  3.079   1.00 74.14  ? 316 GLU A CA  1 
ATOM   1207 C  C   . GLU A 1 165 ? 2.751   15.790  3.627   1.00 79.88  ? 316 GLU A C   1 
ATOM   1208 O  O   . GLU A 1 165 ? 1.625   16.312  3.665   1.00 82.40  ? 316 GLU A O   1 
ATOM   1209 C  CB  . GLU A 1 165 ? 2.980   14.436  1.571   1.00 73.39  ? 316 GLU A CB  1 
ATOM   1210 C  CG  . GLU A 1 165 ? 2.744   13.088  1.020   1.00 67.20  ? 316 GLU A CG  1 
ATOM   1211 C  CD  . GLU A 1 165 ? 2.181   13.232  -0.370  1.00 76.25  ? 316 GLU A CD  1 
ATOM   1212 O  OE1 . GLU A 1 165 ? 1.135   13.861  -0.385  1.00 82.68  ? 316 GLU A OE1 1 
ATOM   1213 O  OE2 . GLU A 1 165 ? 2.784   12.722  -1.315  1.00 78.65  ? 316 GLU A OE2 1 
ATOM   1214 N  N   . PRO A 1 166 ? 3.818   16.434  4.023   1.00 82.90  ? 317 PRO A N   1 
ATOM   1215 C  CA  . PRO A 1 166 ? 3.722   17.674  4.777   1.00 87.31  ? 317 PRO A CA  1 
ATOM   1216 C  C   . PRO A 1 166 ? 3.753   18.898  3.863   1.00 93.45  ? 317 PRO A C   1 
ATOM   1217 O  O   . PRO A 1 166 ? 4.098   18.823  2.681   1.00 91.69  ? 317 PRO A O   1 
ATOM   1218 C  CB  . PRO A 1 166 ? 4.982   17.624  5.644   1.00 84.43  ? 317 PRO A CB  1 
ATOM   1219 C  CG  . PRO A 1 166 ? 5.963   16.856  4.763   1.00 88.13  ? 317 PRO A CG  1 
ATOM   1220 C  CD  . PRO A 1 166 ? 5.156   15.835  4.051   1.00 82.72  ? 317 PRO A CD  1 
ATOM   1221 N  N   . ALA A 1 167 ? 3.407   20.039  4.448   1.00 94.70  ? 318 ALA A N   1 
ATOM   1222 C  CA  . ALA A 1 167 ? 3.546   21.309  3.748   1.00 101.29 ? 318 ALA A CA  1 
ATOM   1223 C  C   . ALA A 1 167 ? 4.757   22.059  4.292   1.00 98.55  ? 318 ALA A C   1 
ATOM   1224 O  O   . ALA A 1 167 ? 5.806   22.116  3.647   1.00 94.44  ? 318 ALA A O   1 
ATOM   1225 C  CB  . ALA A 1 167 ? 2.289   22.147  3.887   1.00 90.78  ? 318 ALA A CB  1 
ATOM   1226 N  N   . SER A 1 170 ? 8.989   21.201  2.634   1.00 97.94  ? 321 SER A N   1 
ATOM   1227 C  CA  . SER A 1 170 ? 8.146   20.084  2.224   1.00 104.58 ? 321 SER A CA  1 
ATOM   1228 C  C   . SER A 1 170 ? 8.953   18.899  1.691   1.00 106.90 ? 321 SER A C   1 
ATOM   1229 O  O   . SER A 1 170 ? 8.599   18.310  0.667   1.00 106.26 ? 321 SER A O   1 
ATOM   1230 C  CB  . SER A 1 170 ? 7.146   20.532  1.161   1.00 104.10 ? 321 SER A CB  1 
ATOM   1231 O  OG  . SER A 1 170 ? 6.409   19.422  0.679   1.00 107.12 ? 321 SER A OG  1 
ATOM   1232 N  N   . SER A 1 171 ? 10.038  18.555  2.380   1.00 106.72 ? 322 SER A N   1 
ATOM   1233 C  CA  . SER A 1 171 ? 10.791  17.358  2.037   1.00 105.16 ? 322 SER A CA  1 
ATOM   1234 C  C   . SER A 1 171 ? 10.103  16.147  2.648   1.00 110.38 ? 322 SER A C   1 
ATOM   1235 O  O   . SER A 1 171 ? 9.803   16.135  3.846   1.00 116.62 ? 322 SER A O   1 
ATOM   1236 C  CB  . SER A 1 171 ? 12.233  17.450  2.539   1.00 106.64 ? 322 SER A CB  1 
ATOM   1237 O  OG  . SER A 1 171 ? 12.336  17.021  3.889   1.00 106.28 ? 322 SER A OG  1 
ATOM   1238 N  N   . PHE A 1 172 ? 9.842   15.134  1.824   1.00 98.53  ? 323 PHE A N   1 
ATOM   1239 C  CA  . PHE A 1 172 ? 9.239   13.895  2.299   1.00 86.44  ? 323 PHE A CA  1 
ATOM   1240 C  C   . PHE A 1 172 ? 9.682   12.756  1.403   1.00 80.94  ? 323 PHE A C   1 
ATOM   1241 O  O   . PHE A 1 172 ? 9.528   12.843  0.177   1.00 76.19  ? 323 PHE A O   1 
ATOM   1242 C  CB  . PHE A 1 172 ? 7.712   13.975  2.301   1.00 80.26  ? 323 PHE A CB  1 
ATOM   1243 C  CG  . PHE A 1 172 ? 7.042   12.697  2.732   1.00 76.54  ? 323 PHE A CG  1 
ATOM   1244 C  CD1 . PHE A 1 172 ? 6.934   12.373  4.081   1.00 73.03  ? 323 PHE A CD1 1 
ATOM   1245 C  CD2 . PHE A 1 172 ? 6.536   11.806  1.792   1.00 71.99  ? 323 PHE A CD2 1 
ATOM   1246 C  CE1 . PHE A 1 172 ? 6.322   11.192  4.487   1.00 71.20  ? 323 PHE A CE1 1 
ATOM   1247 C  CE2 . PHE A 1 172 ? 5.926   10.618  2.193   1.00 64.06  ? 323 PHE A CE2 1 
ATOM   1248 C  CZ  . PHE A 1 172 ? 5.822   10.314  3.545   1.00 61.29  ? 323 PHE A CZ  1 
ATOM   1249 N  N   . SER A 1 173 ? 10.206  11.682  2.011   1.00 72.46  ? 324 SER A N   1 
ATOM   1250 C  CA  . SER A 1 173 ? 10.645  10.507  1.268   1.00 60.32  ? 324 SER A CA  1 
ATOM   1251 C  C   . SER A 1 173 ? 9.634   9.381   1.460   1.00 58.26  ? 324 SER A C   1 
ATOM   1252 O  O   . SER A 1 173 ? 9.597   8.729   2.508   1.00 56.89  ? 324 SER A O   1 
ATOM   1253 C  CB  . SER A 1 173 ? 12.027  10.071  1.713   1.00 57.63  ? 324 SER A CB  1 
ATOM   1254 O  OG  . SER A 1 173 ? 12.418  8.914   1.005   1.00 58.26  ? 324 SER A OG  1 
ATOM   1255 N  N   . LEU A 1 174 ? 8.822   9.139   0.443   1.00 59.09  ? 325 LEU A N   1 
ATOM   1256 C  CA  . LEU A 1 174 ? 7.952   7.980   0.519   1.00 55.44  ? 325 LEU A CA  1 
ATOM   1257 C  C   . LEU A 1 174 ? 8.781   6.710   0.554   1.00 53.52  ? 325 LEU A C   1 
ATOM   1258 O  O   . LEU A 1 174 ? 8.407   5.749   1.231   1.00 51.12  ? 325 LEU A O   1 
ATOM   1259 C  CB  . LEU A 1 174 ? 6.976   7.971   -0.661  1.00 53.02  ? 325 LEU A CB  1 
ATOM   1260 C  CG  . LEU A 1 174 ? 5.869   6.904   -0.745  1.00 50.30  ? 325 LEU A CG  1 
ATOM   1261 C  CD1 . LEU A 1 174 ? 5.185   6.717   0.588   1.00 44.51  ? 325 LEU A CD1 1 
ATOM   1262 C  CD2 . LEU A 1 174 ? 4.846   7.333   -1.787  1.00 48.04  ? 325 LEU A CD2 1 
ATOM   1263 N  N   . SER A 1 175 ? 9.932   6.711   -0.125  1.00 50.25  ? 326 SER A N   1 
ATOM   1264 C  CA  . SER A 1 175 ? 10.791  5.534   -0.131  1.00 52.75  ? 326 SER A CA  1 
ATOM   1265 C  C   . SER A 1 175 ? 11.309  5.207   1.268   1.00 49.61  ? 326 SER A C   1 
ATOM   1266 O  O   . SER A 1 175 ? 11.286  4.049   1.683   1.00 46.07  ? 326 SER A O   1 
ATOM   1267 C  CB  . SER A 1 175 ? 11.929  5.729   -1.127  1.00 49.66  ? 326 SER A CB  1 
ATOM   1268 O  OG  . SER A 1 175 ? 12.855  6.679   -0.651  1.00 57.70  ? 326 SER A OG  1 
ATOM   1269 N  N   . GLN A 1 176 ? 11.721  6.217   2.028   1.00 51.49  ? 327 GLN A N   1 
ATOM   1270 C  CA  . GLN A 1 176 ? 12.193  5.991   3.394   1.00 49.18  ? 327 GLN A CA  1 
ATOM   1271 C  C   . GLN A 1 176 ? 11.071  5.514   4.295   1.00 49.19  ? 327 GLN A C   1 
ATOM   1272 O  O   . GLN A 1 176 ? 11.304  4.814   5.278   1.00 52.47  ? 327 GLN A O   1 
ATOM   1273 C  CB  . GLN A 1 176 ? 12.806  7.272   3.965   1.00 48.15  ? 327 GLN A CB  1 
ATOM   1274 C  CG  . GLN A 1 176 ? 14.137  7.601   3.356   1.00 46.81  ? 327 GLN A CG  1 
ATOM   1275 C  CD  . GLN A 1 176 ? 15.148  6.518   3.658   1.00 50.43  ? 327 GLN A CD  1 
ATOM   1276 O  OE1 . GLN A 1 176 ? 15.361  6.163   4.810   1.00 53.59  ? 327 GLN A OE1 1 
ATOM   1277 N  NE2 . GLN A 1 176 ? 15.740  5.952   2.618   1.00 53.89  ? 327 GLN A NE2 1 
ATOM   1278 N  N   . GLU A 1 177 ? 9.850   5.900   3.985   1.00 49.15  ? 328 GLU A N   1 
ATOM   1279 C  CA  . GLU A 1 177 ? 8.723   5.555   4.838   1.00 53.78  ? 328 GLU A CA  1 
ATOM   1280 C  C   . GLU A 1 177 ? 8.326   4.113   4.599   1.00 45.84  ? 328 GLU A C   1 
ATOM   1281 O  O   . GLU A 1 177 ? 7.871   3.440   5.512   1.00 47.96  ? 328 GLU A O   1 
ATOM   1282 C  CB  . GLU A 1 177 ? 7.582   6.544   4.538   1.00 58.48  ? 328 GLU A CB  1 
ATOM   1283 C  CG  . GLU A 1 177 ? 6.252   6.544   5.317   1.00 55.24  ? 328 GLU A CG  1 
ATOM   1284 C  CD  . GLU A 1 177 ? 6.406   6.840   6.799   1.00 70.92  ? 328 GLU A CD  1 
ATOM   1285 O  OE1 . GLU A 1 177 ? 7.498   7.251   7.225   1.00 75.85  ? 328 GLU A OE1 1 
ATOM   1286 O  OE2 . GLU A 1 177 ? 5.366   6.818   7.501   1.00 79.27  ? 328 GLU A OE2 1 
ATOM   1287 N  N   . VAL A 1 178 ? 8.495   3.635   3.369   1.00 41.95  ? 329 VAL A N   1 
ATOM   1288 C  CA  . VAL A 1 178 ? 8.286   2.231   3.080   1.00 47.87  ? 329 VAL A CA  1 
ATOM   1289 C  C   . VAL A 1 178 ? 9.434   1.436   3.662   1.00 45.39  ? 329 VAL A C   1 
ATOM   1290 O  O   . VAL A 1 178 ? 9.233   0.393   4.280   1.00 42.52  ? 329 VAL A O   1 
ATOM   1291 C  CB  . VAL A 1 178 ? 8.143   2.014   1.560   1.00 42.75  ? 329 VAL A CB  1 
ATOM   1292 C  CG1 . VAL A 1 178 ? 7.965   0.533   1.242   1.00 39.64  ? 329 VAL A CG1 1 
ATOM   1293 C  CG2 . VAL A 1 178 ? 7.000   2.819   1.018   1.00 44.87  ? 329 VAL A CG2 1 
ATOM   1294 N  N   . LEU A 1 179 ? 10.654  1.962   3.527   1.00 43.82  ? 330 LEU A N   1 
ATOM   1295 C  CA  . LEU A 1 179 ? 11.842  1.237   3.967   1.00 46.80  ? 330 LEU A CA  1 
ATOM   1296 C  C   . LEU A 1 179 ? 11.827  0.953   5.472   1.00 45.11  ? 330 LEU A C   1 
ATOM   1297 O  O   . LEU A 1 179 ? 12.162  -0.158  5.874   1.00 46.55  ? 330 LEU A O   1 
ATOM   1298 C  CB  . LEU A 1 179 ? 13.117  1.970   3.526   1.00 46.09  ? 330 LEU A CB  1 
ATOM   1299 C  CG  . LEU A 1 179 ? 13.574  1.616   2.099   1.00 46.42  ? 330 LEU A CG  1 
ATOM   1300 C  CD1 . LEU A 1 179 ? 14.671  2.574   1.626   1.00 49.56  ? 330 LEU A CD1 1 
ATOM   1301 C  CD2 . LEU A 1 179 ? 14.033  0.166   1.963   1.00 46.41  ? 330 LEU A CD2 1 
ATOM   1302 N  N   . ARG A 1 180 ? 11.384  1.901   6.321   1.00 41.40  ? 331 ARG A N   1 
ATOM   1303 C  CA  . ARG A 1 180 ? 11.377  1.633   7.764   1.00 43.72  ? 331 ARG A CA  1 
ATOM   1304 C  C   . ARG A 1 180 ? 10.394  0.508   8.054   1.00 48.77  ? 331 ARG A C   1 
ATOM   1305 O  O   . ARG A 1 180 ? 10.590  -0.281  8.976   1.00 54.54  ? 331 ARG A O   1 
ATOM   1306 C  CB  . ARG A 1 180 ? 10.933  2.871   8.551   1.00 47.57  ? 331 ARG A CB  1 
ATOM   1307 C  CG  . ARG A 1 180 ? 9.421   2.858   8.699   1.00 61.89  ? 331 ARG A CG  1 
ATOM   1308 C  CD  . ARG A 1 180 ? 8.770   4.208   8.700   1.00 78.01  ? 331 ARG A CD  1 
ATOM   1309 N  NE  . ARG A 1 180 ? 8.830   5.322   9.656   1.00 87.36  ? 331 ARG A NE  1 
ATOM   1310 C  CZ  . ARG A 1 180 ? 7.945   5.564   10.626  1.00 89.16  ? 331 ARG A CZ  1 
ATOM   1311 N  NH1 . ARG A 1 180 ? 6.925   4.733   10.833  1.00 85.49  ? 331 ARG A NH1 1 
ATOM   1312 N  NH2 . ARG A 1 180 ? 8.058   6.670   11.370  1.00 90.86  ? 331 ARG A NH2 1 
ATOM   1313 N  N   . HIS A 1 181 ? 9.353   0.387   7.233   1.00 47.76  ? 332 HIS A N   1 
ATOM   1314 C  CA  . HIS A 1 181 ? 8.361   -0.655  7.431   1.00 47.10  ? 332 HIS A CA  1 
ATOM   1315 C  C   . HIS A 1 181 ? 8.906   -1.991  6.978   1.00 45.77  ? 332 HIS A C   1 
ATOM   1316 O  O   . HIS A 1 181 ? 8.779   -2.990  7.685   1.00 43.86  ? 332 HIS A O   1 
ATOM   1317 C  CB  . HIS A 1 181 ? 7.084   -0.330  6.644   1.00 49.38  ? 332 HIS A CB  1 
ATOM   1318 C  CG  . HIS A 1 181 ? 6.102   0.559   7.350   1.00 55.77  ? 332 HIS A CG  1 
ATOM   1319 N  ND1 . HIS A 1 181 ? 5.029   0.044   8.049   1.00 55.63  ? 332 HIS A ND1 1 
ATOM   1320 C  CD2 . HIS A 1 181 ? 5.984   1.907   7.416   1.00 51.03  ? 332 HIS A CD2 1 
ATOM   1321 C  CE1 . HIS A 1 181 ? 4.307   1.040   8.534   1.00 55.66  ? 332 HIS A CE1 1 
ATOM   1322 N  NE2 . HIS A 1 181 ? 4.869   2.176   8.171   1.00 52.64  ? 332 HIS A NE2 1 
ATOM   1323 N  N   . LEU A 1 182 ? 9.501   -2.026  5.790   1.00 43.16  ? 333 LEU A N   1 
ATOM   1324 C  CA  . LEU A 1 182 ? 10.124  -3.251  5.312   1.00 43.01  ? 333 LEU A CA  1 
ATOM   1325 C  C   . LEU A 1 182 ? 11.139  -3.760  6.315   1.00 45.83  ? 333 LEU A C   1 
ATOM   1326 O  O   . LEU A 1 182 ? 11.198  -4.956  6.603   1.00 44.28  ? 333 LEU A O   1 
ATOM   1327 C  CB  . LEU A 1 182 ? 10.794  -3.005  3.962   1.00 47.01  ? 333 LEU A CB  1 
ATOM   1328 C  CG  . LEU A 1 182 ? 9.896   -2.902  2.723   1.00 52.52  ? 333 LEU A CG  1 
ATOM   1329 C  CD1 . LEU A 1 182 ? 10.712  -2.910  1.449   1.00 46.90  ? 333 LEU A CD1 1 
ATOM   1330 C  CD2 . LEU A 1 182 ? 8.946   -4.073  2.697   1.00 51.11  ? 333 LEU A CD2 1 
ATOM   1331 N  N   . ARG A 1 183 ? 11.924  -2.853  6.882   1.00 44.91  ? 334 ARG A N   1 
ATOM   1332 C  CA  . ARG A 1 183 ? 12.965  -3.231  7.814   1.00 49.29  ? 334 ARG A CA  1 
ATOM   1333 C  C   . ARG A 1 183 ? 12.362  -3.694  9.114   1.00 50.40  ? 334 ARG A C   1 
ATOM   1334 O  O   . ARG A 1 183 ? 12.899  -4.588  9.776   1.00 43.61  ? 334 ARG A O   1 
ATOM   1335 C  CB  . ARG A 1 183 ? 13.889  -2.051  8.058   1.00 46.85  ? 334 ARG A CB  1 
ATOM   1336 C  CG  . ARG A 1 183 ? 14.940  -1.997  7.058   1.00 46.85  ? 334 ARG A CG  1 
ATOM   1337 C  CD  . ARG A 1 183 ? 15.531  -0.643  7.030   1.00 47.19  ? 334 ARG A CD  1 
ATOM   1338 N  NE  . ARG A 1 183 ? 16.398  -0.582  5.871   1.00 49.95  ? 334 ARG A NE  1 
ATOM   1339 C  CZ  . ARG A 1 183 ? 16.748  0.522   5.238   1.00 53.42  ? 334 ARG A CZ  1 
ATOM   1340 N  NH1 . ARG A 1 183 ? 16.277  1.706   5.624   1.00 51.65  ? 334 ARG A NH1 1 
ATOM   1341 N  NH2 . ARG A 1 183 ? 17.549  0.415   4.186   1.00 51.87  ? 334 ARG A NH2 1 
ATOM   1342 N  N   . GLN A 1 184 ? 11.249  -3.075  9.500   1.00 48.40  ? 335 GLN A N   1 
ATOM   1343 C  CA  . GLN A 1 184 ? 10.533  -3.552  10.675  1.00 49.93  ? 335 GLN A CA  1 
ATOM   1344 C  C   . GLN A 1 184 ? 9.973   -4.960  10.454  1.00 53.82  ? 335 GLN A C   1 
ATOM   1345 O  O   . GLN A 1 184 ? 10.142  -5.836  11.316  1.00 53.66  ? 335 GLN A O   1 
ATOM   1346 C  CB  . GLN A 1 184 ? 9.443   -2.549  11.024  1.00 50.55  ? 335 GLN A CB  1 
ATOM   1347 C  CG  . GLN A 1 184 ? 8.744   -2.836  12.312  1.00 60.05  ? 335 GLN A CG  1 
ATOM   1348 C  CD  . GLN A 1 184 ? 9.699   -3.049  13.453  1.00 60.69  ? 335 GLN A CD  1 
ATOM   1349 O  OE1 . GLN A 1 184 ? 10.705  -2.342  13.586  1.00 61.30  ? 335 GLN A OE1 1 
ATOM   1350 N  NE2 . GLN A 1 184 ? 9.395   -4.038  14.294  1.00 58.87  ? 335 GLN A NE2 1 
ATOM   1351 N  N   . GLU A 1 185 ? 9.334   -5.210  9.295   1.00 46.52  ? 336 GLU A N   1 
ATOM   1352 C  CA  . GLU A 1 185 ? 8.772   -6.532  9.004   1.00 53.80  ? 336 GLU A CA  1 
ATOM   1353 C  C   . GLU A 1 185 ? 9.838   -7.621  9.099   1.00 50.01  ? 336 GLU A C   1 
ATOM   1354 O  O   . GLU A 1 185 ? 9.606   -8.692  9.657   1.00 52.70  ? 336 GLU A O   1 
ATOM   1355 C  CB  . GLU A 1 185 ? 8.122   -6.560  7.607   1.00 52.10  ? 336 GLU A CB  1 
ATOM   1356 C  CG  . GLU A 1 185 ? 7.477   -7.933  7.274   1.00 60.60  ? 336 GLU A CG  1 
ATOM   1357 C  CD  . GLU A 1 185 ? 7.399   -8.286  5.776   1.00 68.06  ? 336 GLU A CD  1 
ATOM   1358 O  OE1 . GLU A 1 185 ? 7.388   -9.496  5.428   1.00 71.98  ? 336 GLU A OE1 1 
ATOM   1359 O  OE2 . GLU A 1 185 ? 7.337   -7.349  4.958   1.00 64.23  ? 336 GLU A OE2 1 
ATOM   1360 N  N   . GLU A 1 186 ? 11.003  -7.372  8.536   1.00 46.57  ? 337 GLU A N   1 
ATOM   1361 C  CA  . GLU A 1 186 ? 12.106  -8.315  8.626   1.00 50.19  ? 337 GLU A CA  1 
ATOM   1362 C  C   . GLU A 1 186 ? 12.570  -8.509  10.066  1.00 53.24  ? 337 GLU A C   1 
ATOM   1363 O  O   . GLU A 1 186 ? 12.970  -9.614  10.457  1.00 49.85  ? 337 GLU A O   1 
ATOM   1364 C  CB  . GLU A 1 186 ? 13.288  -7.858  7.781   1.00 52.62  ? 337 GLU A CB  1 
ATOM   1365 C  CG  . GLU A 1 186 ? 14.371  -8.858  7.986   1.00 58.29  ? 337 GLU A CG  1 
ATOM   1366 C  CD  . GLU A 1 186 ? 15.651  -8.367  7.352   1.00 65.74  ? 337 GLU A CD  1 
ATOM   1367 O  OE1 . GLU A 1 186 ? 15.635  -7.215  6.911   1.00 61.52  ? 337 GLU A OE1 1 
ATOM   1368 O  OE2 . GLU A 1 186 ? 16.613  -9.139  7.500   1.00 69.76  ? 337 GLU A OE2 1 
ATOM   1369 N  N   . LYS A 1 187 ? 12.632  -7.436  10.842  1.00 46.52  ? 338 LYS A N   1 
ATOM   1370 C  CA  . LYS A 1 187 ? 13.002  -7.607  12.237  1.00 49.67  ? 338 LYS A CA  1 
ATOM   1371 C  C   . LYS A 1 187 ? 12.034  -8.556  12.929  1.00 51.30  ? 338 LYS A C   1 
ATOM   1372 O  O   . LYS A 1 187 ? 12.442  -9.370  13.754  1.00 53.40  ? 338 LYS A O   1 
ATOM   1373 C  CB  . LYS A 1 187 ? 13.050  -6.258  12.952  1.00 51.50  ? 338 LYS A CB  1 
ATOM   1374 C  CG  . LYS A 1 187 ? 13.648  -6.317  14.354  1.00 56.76  ? 338 LYS A CG  1 
ATOM   1375 C  CD  . LYS A 1 187 ? 13.483  -4.967  15.046  1.00 57.19  ? 338 LYS A CD  1 
ATOM   1376 C  CE  . LYS A 1 187 ? 13.494  -5.141  16.552  1.00 63.74  ? 338 LYS A CE  1 
ATOM   1377 N  NZ  . LYS A 1 187 ? 12.796  -4.026  17.247  1.00 64.60  ? 338 LYS A NZ  1 
ATOM   1378 N  N   . GLU A 1 188 ? 10.751  -8.510  12.560  1.00 52.67  ? 339 GLU A N   1 
ATOM   1379 C  CA  . GLU A 1 188 ? 9.769   -9.392  13.192  1.00 51.71  ? 339 GLU A CA  1 
ATOM   1380 C  C   . GLU A 1 188 ? 9.935   -10.836 12.724  1.00 54.94  ? 339 GLU A C   1 
ATOM   1381 O  O   . GLU A 1 188 ? 9.897   -11.758 13.538  1.00 56.83  ? 339 GLU A O   1 
ATOM   1382 C  CB  . GLU A 1 188 ? 8.349   -8.858  12.945  1.00 52.52  ? 339 GLU A CB  1 
ATOM   1383 C  CG  . GLU A 1 188 ? 8.135   -7.563  13.726  1.00 60.01  ? 339 GLU A CG  1 
ATOM   1384 C  CD  . GLU A 1 188 ? 6.986   -6.681  13.254  1.00 61.96  ? 339 GLU A CD  1 
ATOM   1385 O  OE1 . GLU A 1 188 ? 6.404   -6.937  12.170  1.00 68.38  ? 339 GLU A OE1 1 
ATOM   1386 O  OE2 . GLU A 1 188 ? 6.697   -5.702  13.986  1.00 66.73  ? 339 GLU A OE2 1 
ATOM   1387 N  N   . GLU A 1 189 ? 10.164  -11.055 11.430  1.00 49.75  ? 340 GLU A N   1 
ATOM   1388 C  CA  . GLU A 1 189 ? 10.355  -12.417 10.939  1.00 51.31  ? 340 GLU A CA  1 
ATOM   1389 C  C   . GLU A 1 189 ? 11.464  -13.139 11.695  1.00 54.50  ? 340 GLU A C   1 
ATOM   1390 O  O   . GLU A 1 189 ? 11.327  -14.318 12.020  1.00 56.74  ? 340 GLU A O   1 
ATOM   1391 C  CB  . GLU A 1 189 ? 10.684  -12.414 9.448   1.00 42.97  ? 340 GLU A CB  1 
ATOM   1392 N  N   . VAL A 1 190 ? 12.583  -12.462 11.964  1.00 54.76  ? 341 VAL A N   1 
ATOM   1393 C  CA  . VAL A 1 190 ? 13.732  -13.178 12.496  1.00 55.93  ? 341 VAL A CA  1 
ATOM   1394 C  C   . VAL A 1 190 ? 13.694  -13.233 14.022  1.00 55.43  ? 341 VAL A C   1 
ATOM   1395 O  O   . VAL A 1 190 ? 14.275  -14.143 14.628  1.00 60.04  ? 341 VAL A O   1 
ATOM   1396 C  CB  . VAL A 1 190 ? 15.052  -12.577 11.983  1.00 51.09  ? 341 VAL A CB  1 
ATOM   1397 C  CG1 . VAL A 1 190 ? 15.157  -12.777 10.508  1.00 44.96  ? 341 VAL A CG1 1 
ATOM   1398 C  CG2 . VAL A 1 190 ? 15.180  -11.119 12.381  1.00 44.98  ? 341 VAL A CG2 1 
ATOM   1399 N  N   . THR A 1 191 ? 13.048  -12.263 14.680  1.00 57.13  ? 342 THR A N   1 
ATOM   1400 C  CA  . THR A 1 191 ? 13.003  -12.350 16.134  1.00 57.11  ? 342 THR A CA  1 
ATOM   1401 C  C   . THR A 1 191 ? 11.854  -13.236 16.593  1.00 63.33  ? 342 THR A C   1 
ATOM   1402 O  O   . THR A 1 191 ? 12.058  -14.155 17.395  1.00 68.66  ? 342 THR A O   1 
ATOM   1403 C  CB  . THR A 1 191 ? 12.962  -10.959 16.776  1.00 61.01  ? 342 THR A CB  1 
ATOM   1404 O  OG1 . THR A 1 191 ? 11.724  -10.279 16.492  1.00 56.96  ? 342 THR A OG1 1 
ATOM   1405 C  CG2 . THR A 1 191 ? 14.179  -10.082 16.336  1.00 53.41  ? 342 THR A CG2 1 
ATOM   1406 N  N   . VAL A 1 192 ? 10.656  -13.032 16.054  1.00 62.55  ? 343 VAL A N   1 
ATOM   1407 C  CA  . VAL A 1 192 ? 9.543   -13.881 16.459  1.00 69.59  ? 343 VAL A CA  1 
ATOM   1408 C  C   . VAL A 1 192 ? 9.231   -14.884 15.350  1.00 74.74  ? 343 VAL A C   1 
ATOM   1409 O  O   . VAL A 1 192 ? 8.274   -15.647 15.447  1.00 89.94  ? 343 VAL A O   1 
ATOM   1410 C  CB  . VAL A 1 192 ? 8.309   -13.055 16.796  1.00 71.03  ? 343 VAL A CB  1 
ATOM   1411 C  CG1 . VAL A 1 192 ? 8.655   -11.993 17.840  1.00 73.27  ? 343 VAL A CG1 1 
ATOM   1412 C  CG2 . VAL A 1 192 ? 7.645   -12.487 15.546  1.00 69.55  ? 343 VAL A CG2 1 
HETATM 1413 CL CL  . CL  B 2 .   ? 10.899  -15.981 -12.473 0.50 86.80  ? 401 CL  A CL  1 
HETATM 1414 CA CA  . CA  C 3 .   ? 0.980   13.349  -2.441  1.00 71.95  ? 402 CA  A CA  1 
HETATM 1415 C  C1  . Y4T D 4 .   ? -15.679 0.156   -4.420  0.90 62.31  ? 403 Y4T A C1  1 
HETATM 1416 O  O1  . Y4T D 4 .   ? -11.563 -4.951  -7.621  0.90 72.12  ? 403 Y4T A O1  1 
HETATM 1417 C  C2  . Y4T D 4 .   ? -14.443 -0.034  -4.843  0.90 68.09  ? 403 Y4T A C2  1 
HETATM 1418 C  C7  . Y4T D 4 .   ? -11.982 -3.945  -6.759  0.90 67.41  ? 403 Y4T A C7  1 
HETATM 1419 C  C8  . Y4T D 4 .   ? -11.196 -2.837  -6.498  0.90 66.87  ? 403 Y4T A C8  1 
HETATM 1420 C  C3  . Y4T D 4 .   ? -13.454 -0.946  -4.103  0.90 60.63  ? 403 Y4T A C3  1 
HETATM 1421 C  C4  . Y4T D 4 .   ? -12.902 -2.005  -5.041  0.90 66.85  ? 403 Y4T A C4  1 
HETATM 1422 C  C5  . Y4T D 4 .   ? -13.675 -3.106  -5.314  0.90 62.52  ? 403 Y4T A C5  1 
HETATM 1423 C  C6  . Y4T D 4 .   ? -13.213 -4.072  -6.170  0.90 63.41  ? 403 Y4T A C6  1 
HETATM 1424 C  C9  . Y4T D 4 .   ? -9.820  -2.686  -7.130  0.90 66.08  ? 403 Y4T A C9  1 
HETATM 1425 C  C10 . Y4T D 4 .   ? -8.792  -2.275  -6.335  0.90 66.35  ? 403 Y4T A C10 1 
HETATM 1426 C  C11 . Y4T D 4 .   ? -7.527  -2.147  -6.856  0.90 72.80  ? 403 Y4T A C11 1 
HETATM 1427 C  C12 . Y4T D 4 .   ? -7.282  -2.419  -8.176  0.90 76.23  ? 403 Y4T A C12 1 
HETATM 1428 C  C13 . Y4T D 4 .   ? -8.302  -2.829  -8.981  0.90 79.68  ? 403 Y4T A C13 1 
HETATM 1429 C  C14 . Y4T D 4 .   ? -7.981  -3.127  -10.442 0.90 83.48  ? 403 Y4T A C14 1 
HETATM 1430 C  C15 . Y4T D 4 .   ? -7.195  -1.996  -11.106 0.90 85.28  ? 403 Y4T A C15 1 
HETATM 1431 C  C16 . Y4T D 4 .   ? -6.079  -2.245  -11.764 0.90 83.78  ? 403 Y4T A C16 1 
HETATM 1432 C  C17 . Y4T D 4 .   ? -9.575  -2.969  -8.459  0.90 73.17  ? 403 Y4T A C17 1 
HETATM 1433 C  C18 . Y4T D 4 .   ? -11.661 -1.869  -5.631  0.90 63.70  ? 403 Y4T A C18 1 
HETATM 1434 O  O2  . Y4T D 4 .   ? -6.002  -2.276  -8.701  0.90 80.92  ? 403 Y4T A O2  1 
HETATM 1435 O  O   . HOH E 5 .   ? -16.912 3.907   9.629   1.00 70.93  ? 501 HOH A O   1 
HETATM 1436 O  O   . HOH E 5 .   ? 15.120  2.168   7.571   1.00 61.00  ? 502 HOH A O   1 
HETATM 1437 O  O   . HOH E 5 .   ? 2.127   9.197   -2.331  1.00 47.42  ? 503 HOH A O   1 
HETATM 1438 O  O   . HOH E 5 .   ? -8.517  16.386  -11.006 1.00 48.78  ? 504 HOH A O   1 
HETATM 1439 O  O   . HOH E 5 .   ? -18.535 -13.927 2.077   1.00 49.15  ? 505 HOH A O   1 
HETATM 1440 O  O   . HOH E 5 .   ? 4.237   2.574   -15.258 1.00 87.10  ? 506 HOH A O   1 
HETATM 1441 O  O   . HOH E 5 .   ? -15.336 17.119  -10.927 1.00 50.21  ? 507 HOH A O   1 
HETATM 1442 O  O   . HOH E 5 .   ? -20.604 4.325   4.068   0.50 48.92  ? 508 HOH A O   1 
HETATM 1443 O  O   . HOH E 5 .   ? 0.379   3.115   8.718   1.00 56.54  ? 509 HOH A O   1 
HETATM 1444 O  O   . HOH E 5 .   ? 0.464   -5.685  11.778  1.00 82.34  ? 510 HOH A O   1 
HETATM 1445 O  O   . HOH E 5 .   ? -5.805  10.753  -6.699  1.00 50.34  ? 511 HOH A O   1 
HETATM 1446 O  O   . HOH E 5 .   ? 15.134  -5.520  4.598   1.00 70.55  ? 512 HOH A O   1 
HETATM 1447 O  O   . HOH E 5 .   ? 2.581   11.128  8.283   1.00 69.17  ? 513 HOH A O   1 
HETATM 1448 O  O   . HOH E 5 .   ? -1.025  1.605   -7.181  1.00 43.49  ? 514 HOH A O   1 
HETATM 1449 O  O   . HOH E 5 .   ? -0.568  17.112  0.255   1.00 59.01  ? 515 HOH A O   1 
HETATM 1450 O  O   . HOH E 5 .   ? -15.904 21.127  -5.096  1.00 59.87  ? 516 HOH A O   1 
HETATM 1451 O  O   . HOH E 5 .   ? 16.730  1.973   -11.003 1.00 77.60  ? 517 HOH A O   1 
HETATM 1452 O  O   . HOH E 5 .   ? -4.782  -10.329 -9.247  1.00 92.57  ? 518 HOH A O   1 
HETATM 1453 O  O   . HOH E 5 .   ? 8.282   1.575   11.856  1.00 63.73  ? 519 HOH A O   1 
HETATM 1454 O  O   . HOH E 5 .   ? 2.019   2.275   -15.594 1.00 83.17  ? 520 HOH A O   1 
HETATM 1455 O  O   . HOH E 5 .   ? 9.063   -21.639 -10.278 1.00 80.54  ? 521 HOH A O   1 
HETATM 1456 O  O   . HOH E 5 .   ? 16.396  -6.103  -1.110  1.00 72.69  ? 522 HOH A O   1 
HETATM 1457 O  O   . HOH E 5 .   ? -14.044 3.367   13.516  1.00 77.04  ? 523 HOH A O   1 
HETATM 1458 O  O   . HOH E 5 .   ? -1.168  9.375   10.122  1.00 75.55  ? 524 HOH A O   1 
HETATM 1459 O  O   . HOH E 5 .   ? 4.648   -15.358 10.882  1.00 78.53  ? 525 HOH A O   1 
HETATM 1460 O  O   . HOH E 5 .   ? 21.392  -3.872  -7.830  1.00 71.21  ? 526 HOH A O   1 
HETATM 1461 O  O   . HOH E 5 .   ? -4.275  7.345   10.394  1.00 66.13  ? 527 HOH A O   1 
HETATM 1462 O  O   . HOH E 5 .   ? 4.670   -20.218 -13.593 0.50 66.38  ? 528 HOH A O   1 
HETATM 1463 O  O   . HOH E 5 .   ? -4.039  -21.302 -15.044 1.00 82.78  ? 529 HOH A O   1 
HETATM 1464 O  O   . HOH E 5 .   ? -9.939  -20.489 -13.810 1.00 80.18  ? 530 HOH A O   1 
# 
